data_5LR3
# 
_entry.id   5LR3 
# 
_audit_conform.dict_name       mmcif_pdbx.dic 
_audit_conform.dict_version    5.391 
_audit_conform.dict_location   http://mmcif.pdb.org/dictionaries/ascii/mmcif_pdbx.dic 
# 
loop_
_database_2.database_id 
_database_2.database_code 
_database_2.pdbx_database_accession 
_database_2.pdbx_DOI 
PDB   5LR3         pdb_00005lr3 10.2210/pdb5lr3/pdb 
WWPDB D_1200001229 ?            ?                   
# 
loop_
_pdbx_audit_revision_history.ordinal 
_pdbx_audit_revision_history.data_content_type 
_pdbx_audit_revision_history.major_revision 
_pdbx_audit_revision_history.minor_revision 
_pdbx_audit_revision_history.revision_date 
1 'Structure model' 1 0 2017-06-21 
2 'Structure model' 1 1 2017-06-28 
3 'Structure model' 1 2 2017-09-13 
4 'Structure model' 1 3 2024-05-08 
# 
_pdbx_audit_revision_details.ordinal             1 
_pdbx_audit_revision_details.revision_ordinal    1 
_pdbx_audit_revision_details.data_content_type   'Structure model' 
_pdbx_audit_revision_details.provider            repository 
_pdbx_audit_revision_details.type                'Initial release' 
_pdbx_audit_revision_details.description         ? 
_pdbx_audit_revision_details.details             ? 
# 
loop_
_pdbx_audit_revision_group.ordinal 
_pdbx_audit_revision_group.revision_ordinal 
_pdbx_audit_revision_group.data_content_type 
_pdbx_audit_revision_group.group 
1 2 'Structure model' 'Database references' 
2 3 'Structure model' 'Database references' 
3 4 'Structure model' 'Data collection'     
4 4 'Structure model' 'Database references' 
# 
loop_
_pdbx_audit_revision_category.ordinal 
_pdbx_audit_revision_category.revision_ordinal 
_pdbx_audit_revision_category.data_content_type 
_pdbx_audit_revision_category.category 
1 2 'Structure model' citation        
2 2 'Structure model' citation_author 
3 3 'Structure model' citation        
4 4 'Structure model' chem_comp_atom  
5 4 'Structure model' chem_comp_bond  
6 4 'Structure model' database_2      
# 
loop_
_pdbx_audit_revision_item.ordinal 
_pdbx_audit_revision_item.revision_ordinal 
_pdbx_audit_revision_item.data_content_type 
_pdbx_audit_revision_item.item 
1  2 'Structure model' '_citation.country'                   
2  2 'Structure model' '_citation.journal_abbrev'            
3  2 'Structure model' '_citation.pdbx_database_id_DOI'      
4  2 'Structure model' '_citation.pdbx_database_id_PubMed'   
5  2 'Structure model' '_citation.title'                     
6  3 'Structure model' '_citation.journal_volume'            
7  3 'Structure model' '_citation.page_first'                
8  3 'Structure model' '_citation.page_last'                 
9  4 'Structure model' '_database_2.pdbx_DOI'                
10 4 'Structure model' '_database_2.pdbx_database_accession' 
# 
_pdbx_database_status.status_code                     REL 
_pdbx_database_status.status_code_sf                  REL 
_pdbx_database_status.status_code_mr                  ? 
_pdbx_database_status.entry_id                        5LR3 
_pdbx_database_status.recvd_initial_deposition_date   2016-08-18 
_pdbx_database_status.SG_entry                        N 
_pdbx_database_status.deposit_site                    PDBE 
_pdbx_database_status.process_site                    PDBE 
_pdbx_database_status.status_code_cs                  ? 
_pdbx_database_status.methods_development_category    ? 
_pdbx_database_status.pdb_format_compatible           Y 
_pdbx_database_status.status_code_nmr_data            ? 
# 
loop_
_audit_author.name 
_audit_author.pdbx_ordinal 
'Huang, L.'      1 
'Lilley, D.M.J.' 2 
# 
_citation.abstract                  ? 
_citation.abstract_id_CAS           ? 
_citation.book_id_ISBN              ? 
_citation.book_publisher            ? 
_citation.book_publisher_city       ? 
_citation.book_title                ? 
_citation.coordinate_linkage        ? 
_citation.country                   UK 
_citation.database_id_Medline       ? 
_citation.details                   ? 
_citation.id                        primary 
_citation.journal_abbrev            'EMBO Rep.' 
_citation.journal_id_ASTM           ? 
_citation.journal_id_CSD            ? 
_citation.journal_id_ISSN           1469-3178 
_citation.journal_full              ? 
_citation.journal_issue             ? 
_citation.journal_volume            18 
_citation.language                  ? 
_citation.page_first                1631 
_citation.page_last                 1645 
_citation.title                     'Control of box C/D snoRNP assembly by N(6)-methylation of adenine.' 
_citation.year                      2017 
_citation.database_id_CSD           ? 
_citation.pdbx_database_id_DOI      10.15252/embr.201743967 
_citation.pdbx_database_id_PubMed   28623187 
_citation.unpublished_flag          ? 
# 
loop_
_citation_author.citation_id 
_citation_author.name 
_citation_author.ordinal 
_citation_author.identifier_ORCID 
primary 'Huang, L.'    1 ? 
primary 'Ashraf, S.'   2 ? 
primary 'Wang, J.'     3 ? 
primary 'Lilley, D.M.' 4 ? 
# 
loop_
_entity.id 
_entity.type 
_entity.src_method 
_entity.pdbx_description 
_entity.formula_weight 
_entity.pdbx_number_of_molecules 
_entity.pdbx_ec 
_entity.pdbx_mutation 
_entity.pdbx_fragment 
_entity.details 
1 polymer     syn 
;RNA (5'-R(*GP*(CBV)P*CP*GP*GP*AP*UP*GP*GP*C)-3')
;
3310.884 2  ? ? ? ? 
2 non-polymer syn 'SULFATE ION'                                      96.063   1  ? ? ? ? 
3 water       nat water                                              18.015   33 ? ? ? ? 
# 
_entity_poly.entity_id                      1 
_entity_poly.type                           polyribonucleotide 
_entity_poly.nstd_linkage                   no 
_entity_poly.nstd_monomer                   yes 
_entity_poly.pdbx_seq_one_letter_code       'G(CBV)CGGAUGGC' 
_entity_poly.pdbx_seq_one_letter_code_can   GCCGGAUGGC 
_entity_poly.pdbx_strand_id                 A,B 
_entity_poly.pdbx_target_identifier         ? 
# 
loop_
_pdbx_entity_nonpoly.entity_id 
_pdbx_entity_nonpoly.name 
_pdbx_entity_nonpoly.comp_id 
2 'SULFATE ION' SO4 
3 water         HOH 
# 
loop_
_entity_poly_seq.entity_id 
_entity_poly_seq.num 
_entity_poly_seq.mon_id 
_entity_poly_seq.hetero 
1 1  G   n 
1 2  CBV n 
1 3  C   n 
1 4  G   n 
1 5  G   n 
1 6  A   n 
1 7  U   n 
1 8  G   n 
1 9  G   n 
1 10 C   n 
# 
_pdbx_entity_src_syn.entity_id              1 
_pdbx_entity_src_syn.pdbx_src_id            1 
_pdbx_entity_src_syn.pdbx_alt_source_flag   sample 
_pdbx_entity_src_syn.pdbx_beg_seq_num       1 
_pdbx_entity_src_syn.pdbx_end_seq_num       10 
_pdbx_entity_src_syn.organism_scientific    'Homo sapiens' 
_pdbx_entity_src_syn.organism_common_name   HUMAN 
_pdbx_entity_src_syn.ncbi_taxonomy_id       9606 
_pdbx_entity_src_syn.details                ? 
# 
loop_
_chem_comp.id 
_chem_comp.type 
_chem_comp.mon_nstd_flag 
_chem_comp.name 
_chem_comp.pdbx_synonyms 
_chem_comp.formula 
_chem_comp.formula_weight 
A   'RNA linking' y "ADENOSINE-5'-MONOPHOSPHATE"                ? 'C10 H14 N5 O7 P'   347.221 
C   'RNA linking' y "CYTIDINE-5'-MONOPHOSPHATE"                 ? 'C9 H14 N3 O8 P'    323.197 
CBV 'RNA linking' n 
;5-BROMOCYTIDINE 5'-(DIHYDROGEN PHOSPHATE)
;
? 'C9 H13 Br N3 O8 P' 402.093 
G   'RNA linking' y "GUANOSINE-5'-MONOPHOSPHATE"                ? 'C10 H14 N5 O8 P'   363.221 
HOH non-polymer   . WATER                                       ? 'H2 O'              18.015  
SO4 non-polymer   . 'SULFATE ION'                               ? 'O4 S -2'           96.063  
U   'RNA linking' y "URIDINE-5'-MONOPHOSPHATE"                  ? 'C9 H13 N2 O9 P'    324.181 
# 
loop_
_pdbx_poly_seq_scheme.asym_id 
_pdbx_poly_seq_scheme.entity_id 
_pdbx_poly_seq_scheme.seq_id 
_pdbx_poly_seq_scheme.mon_id 
_pdbx_poly_seq_scheme.ndb_seq_num 
_pdbx_poly_seq_scheme.pdb_seq_num 
_pdbx_poly_seq_scheme.auth_seq_num 
_pdbx_poly_seq_scheme.pdb_mon_id 
_pdbx_poly_seq_scheme.auth_mon_id 
_pdbx_poly_seq_scheme.pdb_strand_id 
_pdbx_poly_seq_scheme.pdb_ins_code 
_pdbx_poly_seq_scheme.hetero 
A 1 1  G   1  1  1  G   G   A . n 
A 1 2  CBV 2  2  2  CBV CBV A . n 
A 1 3  C   3  3  3  C   C   A . n 
A 1 4  G   4  4  4  G   G   A . n 
A 1 5  G   5  5  5  G   G   A . n 
A 1 6  A   6  6  6  A   A   A . n 
A 1 7  U   7  7  7  U   U   A . n 
A 1 8  G   8  8  8  G   G   A . n 
A 1 9  G   9  9  9  G   G   A . n 
A 1 10 C   10 10 10 C   C   A . n 
B 1 1  G   1  1  1  G   G   B . n 
B 1 2  CBV 2  2  2  CBV CBV B . n 
B 1 3  C   3  3  3  C   C   B . n 
B 1 4  G   4  4  4  G   G   B . n 
B 1 5  G   5  5  5  G   G   B . n 
B 1 6  A   6  6  6  A   A   B . n 
B 1 7  U   7  7  7  U   U   B . n 
B 1 8  G   8  8  8  G   G   B . n 
B 1 9  G   9  9  9  G   G   B . n 
B 1 10 C   10 10 10 C   C   B . n 
# 
loop_
_pdbx_nonpoly_scheme.asym_id 
_pdbx_nonpoly_scheme.entity_id 
_pdbx_nonpoly_scheme.mon_id 
_pdbx_nonpoly_scheme.ndb_seq_num 
_pdbx_nonpoly_scheme.pdb_seq_num 
_pdbx_nonpoly_scheme.auth_seq_num 
_pdbx_nonpoly_scheme.pdb_mon_id 
_pdbx_nonpoly_scheme.auth_mon_id 
_pdbx_nonpoly_scheme.pdb_strand_id 
_pdbx_nonpoly_scheme.pdb_ins_code 
C 2 SO4 1  101 1  SO4 SO4 B . 
D 3 HOH 1  101 8  HOH HOH A . 
D 3 HOH 2  102 33 HOH HOH A . 
D 3 HOH 3  103 10 HOH HOH A . 
D 3 HOH 4  104 25 HOH HOH A . 
D 3 HOH 5  105 28 HOH HOH A . 
D 3 HOH 6  106 27 HOH HOH A . 
D 3 HOH 7  107 17 HOH HOH A . 
D 3 HOH 8  108 13 HOH HOH A . 
D 3 HOH 9  109 30 HOH HOH A . 
D 3 HOH 10 110 4  HOH HOH A . 
D 3 HOH 11 111 20 HOH HOH A . 
D 3 HOH 12 112 24 HOH HOH A . 
D 3 HOH 13 113 2  HOH HOH A . 
D 3 HOH 14 114 1  HOH HOH A . 
D 3 HOH 15 115 18 HOH HOH A . 
D 3 HOH 16 116 9  HOH HOH A . 
D 3 HOH 17 117 21 HOH HOH A . 
D 3 HOH 18 118 22 HOH HOH A . 
D 3 HOH 19 119 26 HOH HOH A . 
E 3 HOH 1  201 11 HOH HOH B . 
E 3 HOH 2  202 32 HOH HOH B . 
E 3 HOH 3  203 14 HOH HOH B . 
E 3 HOH 4  204 15 HOH HOH B . 
E 3 HOH 5  205 23 HOH HOH B . 
E 3 HOH 6  206 16 HOH HOH B . 
E 3 HOH 7  207 12 HOH HOH B . 
E 3 HOH 8  208 31 HOH HOH B . 
E 3 HOH 9  209 5  HOH HOH B . 
E 3 HOH 10 210 6  HOH HOH B . 
E 3 HOH 11 211 19 HOH HOH B . 
E 3 HOH 12 212 7  HOH HOH B . 
E 3 HOH 13 213 3  HOH HOH B . 
E 3 HOH 14 214 29 HOH HOH B . 
# 
loop_
_software.citation_id 
_software.classification 
_software.compiler_name 
_software.compiler_version 
_software.contact_author 
_software.contact_author_email 
_software.date 
_software.description 
_software.dependencies 
_software.hardware 
_software.language 
_software.location 
_software.mods 
_software.name 
_software.os 
_software.os_version 
_software.type 
_software.version 
_software.pdbx_ordinal 
? refinement       ? ? ? ? ? ? ? ? ? ? ? PHENIX  ? ? ? '(dev_2481: ???)' 1 
? 'data reduction' ? ? ? ? ? ? ? ? ? ? ? xia2    ? ? ? .                 2 
? 'data scaling'   ? ? ? ? ? ? ? ? ? ? ? Aimless ? ? ? .                 3 
? phasing          ? ? ? ? ? ? ? ? ? ? ? PHENIX  ? ? ? .                 4 
# 
_cell.angle_alpha                  90.00 
_cell.angle_alpha_esd              ? 
_cell.angle_beta                   90.00 
_cell.angle_beta_esd               ? 
_cell.angle_gamma                  90.00 
_cell.angle_gamma_esd              ? 
_cell.entry_id                     5LR3 
_cell.details                      ? 
_cell.formula_units_Z              ? 
_cell.length_a                     33.300 
_cell.length_a_esd                 ? 
_cell.length_b                     33.300 
_cell.length_b_esd                 ? 
_cell.length_c                     120.910 
_cell.length_c_esd                 ? 
_cell.volume                       ? 
_cell.volume_esd                   ? 
_cell.Z_PDB                        16 
_cell.reciprocal_angle_alpha       ? 
_cell.reciprocal_angle_beta        ? 
_cell.reciprocal_angle_gamma       ? 
_cell.reciprocal_angle_alpha_esd   ? 
_cell.reciprocal_angle_beta_esd    ? 
_cell.reciprocal_angle_gamma_esd   ? 
_cell.reciprocal_length_a          ? 
_cell.reciprocal_length_b          ? 
_cell.reciprocal_length_c          ? 
_cell.reciprocal_length_a_esd      ? 
_cell.reciprocal_length_b_esd      ? 
_cell.reciprocal_length_c_esd      ? 
_cell.pdbx_unique_axis             ? 
# 
_symmetry.entry_id                         5LR3 
_symmetry.cell_setting                     ? 
_symmetry.Int_Tables_number                96 
_symmetry.space_group_name_Hall            ? 
_symmetry.space_group_name_H-M             'P 43 21 2' 
_symmetry.pdbx_full_space_group_name_H-M   ? 
# 
_exptl.absorpt_coefficient_mu     ? 
_exptl.absorpt_correction_T_max   ? 
_exptl.absorpt_correction_T_min   ? 
_exptl.absorpt_correction_type    ? 
_exptl.absorpt_process_details    ? 
_exptl.entry_id                   5LR3 
_exptl.crystals_number            1 
_exptl.details                    ? 
_exptl.method                     'X-RAY DIFFRACTION' 
_exptl.method_details             ? 
# 
_exptl_crystal.colour                      ? 
_exptl_crystal.density_diffrn              ? 
_exptl_crystal.density_Matthews            2.53 
_exptl_crystal.density_method              ? 
_exptl_crystal.density_percent_sol         51.40 
_exptl_crystal.description                 ? 
_exptl_crystal.F_000                       ? 
_exptl_crystal.id                          1 
_exptl_crystal.preparation                 ? 
_exptl_crystal.size_max                    ? 
_exptl_crystal.size_mid                    ? 
_exptl_crystal.size_min                    ? 
_exptl_crystal.size_rad                    ? 
_exptl_crystal.colour_lustre               ? 
_exptl_crystal.colour_modifier             ? 
_exptl_crystal.colour_primary              ? 
_exptl_crystal.density_meas                ? 
_exptl_crystal.density_meas_esd            ? 
_exptl_crystal.density_meas_gt             ? 
_exptl_crystal.density_meas_lt             ? 
_exptl_crystal.density_meas_temp           ? 
_exptl_crystal.density_meas_temp_esd       ? 
_exptl_crystal.density_meas_temp_gt        ? 
_exptl_crystal.density_meas_temp_lt        ? 
_exptl_crystal.pdbx_crystal_image_url      ? 
_exptl_crystal.pdbx_crystal_image_format   ? 
_exptl_crystal.pdbx_mosaicity              ? 
_exptl_crystal.pdbx_mosaicity_esd          ? 
# 
_exptl_crystal_grow.apparatus       ? 
_exptl_crystal_grow.atmosphere      ? 
_exptl_crystal_grow.crystal_id      1 
_exptl_crystal_grow.details         ? 
_exptl_crystal_grow.method          'VAPOR DIFFUSION, HANGING DROP' 
_exptl_crystal_grow.method_ref      ? 
_exptl_crystal_grow.pH              6.0 
_exptl_crystal_grow.pressure        ? 
_exptl_crystal_grow.pressure_esd    ? 
_exptl_crystal_grow.seeding         ? 
_exptl_crystal_grow.seeding_ref     ? 
_exptl_crystal_grow.temp            293 
_exptl_crystal_grow.temp_details    ? 
_exptl_crystal_grow.temp_esd        ? 
_exptl_crystal_grow.time            ? 
_exptl_crystal_grow.pdbx_details    
;0.015 M Magnesium Acetate,
0.05 M Sodium Cacodylate pH 6.0,
1.7 M Ammonium Sulfate
;
_exptl_crystal_grow.pdbx_pH_range   ? 
# 
_diffrn.ambient_environment    ? 
_diffrn.ambient_temp           100 
_diffrn.ambient_temp_details   ? 
_diffrn.ambient_temp_esd       ? 
_diffrn.crystal_id             1 
_diffrn.crystal_support        ? 
_diffrn.crystal_treatment      ? 
_diffrn.details                ? 
_diffrn.id                     1 
_diffrn.ambient_pressure       ? 
_diffrn.ambient_pressure_esd   ? 
_diffrn.ambient_pressure_gt    ? 
_diffrn.ambient_pressure_lt    ? 
_diffrn.ambient_temp_gt        ? 
_diffrn.ambient_temp_lt        ? 
# 
_diffrn_detector.details                      ? 
_diffrn_detector.detector                     PIXEL 
_diffrn_detector.diffrn_id                    1 
_diffrn_detector.type                         'DECTRIS PILATUS 6M' 
_diffrn_detector.area_resol_mean              ? 
_diffrn_detector.dtime                        ? 
_diffrn_detector.pdbx_frames_total            ? 
_diffrn_detector.pdbx_collection_time_total   ? 
_diffrn_detector.pdbx_collection_date         2016-02-05 
# 
_diffrn_radiation.collimation                      ? 
_diffrn_radiation.diffrn_id                        1 
_diffrn_radiation.filter_edge                      ? 
_diffrn_radiation.inhomogeneity                    ? 
_diffrn_radiation.monochromator                    ? 
_diffrn_radiation.polarisn_norm                    ? 
_diffrn_radiation.polarisn_ratio                   ? 
_diffrn_radiation.probe                            ? 
_diffrn_radiation.type                             ? 
_diffrn_radiation.xray_symbol                      ? 
_diffrn_radiation.wavelength_id                    1 
_diffrn_radiation.pdbx_monochromatic_or_laue_m_l   M 
_diffrn_radiation.pdbx_wavelength_list             ? 
_diffrn_radiation.pdbx_wavelength                  ? 
_diffrn_radiation.pdbx_diffrn_protocol             'SINGLE WAVELENGTH' 
_diffrn_radiation.pdbx_analyzer                    ? 
_diffrn_radiation.pdbx_scattering_type             x-ray 
# 
_diffrn_radiation_wavelength.id           1 
_diffrn_radiation_wavelength.wavelength   0.9796 
_diffrn_radiation_wavelength.wt           1.0 
# 
_diffrn_source.current                     ? 
_diffrn_source.details                     ? 
_diffrn_source.diffrn_id                   1 
_diffrn_source.power                       ? 
_diffrn_source.size                        ? 
_diffrn_source.source                      SYNCHROTRON 
_diffrn_source.target                      ? 
_diffrn_source.type                        'DIAMOND BEAMLINE I02' 
_diffrn_source.voltage                     ? 
_diffrn_source.take-off_angle              ? 
_diffrn_source.pdbx_wavelength_list        0.9796 
_diffrn_source.pdbx_wavelength             ? 
_diffrn_source.pdbx_synchrotron_beamline   I02 
_diffrn_source.pdbx_synchrotron_site       Diamond 
# 
_reflns.B_iso_Wilson_estimate            ? 
_reflns.entry_id                         5LR3 
_reflns.data_reduction_details           ? 
_reflns.data_reduction_method            ? 
_reflns.d_resolution_high                1.65 
_reflns.d_resolution_low                 29.17 
_reflns.details                          ? 
_reflns.limit_h_max                      ? 
_reflns.limit_h_min                      ? 
_reflns.limit_k_max                      ? 
_reflns.limit_k_min                      ? 
_reflns.limit_l_max                      ? 
_reflns.limit_l_min                      ? 
_reflns.number_all                       ? 
_reflns.number_obs                       8761 
_reflns.observed_criterion               ? 
_reflns.observed_criterion_F_max         ? 
_reflns.observed_criterion_F_min         ? 
_reflns.observed_criterion_I_max         ? 
_reflns.observed_criterion_I_min         ? 
_reflns.observed_criterion_sigma_F       ? 
_reflns.observed_criterion_sigma_I       1.0 
_reflns.percent_possible_obs             98.5 
_reflns.R_free_details                   ? 
_reflns.Rmerge_F_all                     ? 
_reflns.Rmerge_F_obs                     ? 
_reflns.Friedel_coverage                 ? 
_reflns.number_gt                        ? 
_reflns.threshold_expression             ? 
_reflns.pdbx_redundancy                  9.9 
_reflns.pdbx_Rmerge_I_obs                0.063 
_reflns.pdbx_Rmerge_I_all                ? 
_reflns.pdbx_Rsym_value                  ? 
_reflns.pdbx_netI_over_av_sigmaI         ? 
_reflns.pdbx_netI_over_sigmaI            16.8 
_reflns.pdbx_res_netI_over_av_sigmaI_2   ? 
_reflns.pdbx_res_netI_over_sigmaI_2      ? 
_reflns.pdbx_chi_squared                 ? 
_reflns.pdbx_scaling_rejects             ? 
_reflns.pdbx_d_res_high_opt              ? 
_reflns.pdbx_d_res_low_opt               ? 
_reflns.pdbx_d_res_opt_method            ? 
_reflns.phase_calculation_details        ? 
_reflns.pdbx_Rrim_I_all                  ? 
_reflns.pdbx_Rpim_I_all                  ? 
_reflns.pdbx_d_opt                       ? 
_reflns.pdbx_number_measured_all         ? 
_reflns.pdbx_diffrn_id                   1 
_reflns.pdbx_ordinal                     1 
_reflns.pdbx_CC_half                     1.0 
_reflns.pdbx_R_split                     ? 
# 
_reflns_shell.d_res_high                  1.65 
_reflns_shell.d_res_low                   1.69 
_reflns_shell.meanI_over_sigI_all         ? 
_reflns_shell.meanI_over_sigI_obs         1.0 
_reflns_shell.number_measured_all         ? 
_reflns_shell.number_measured_obs         ? 
_reflns_shell.number_possible             ? 
_reflns_shell.number_unique_all           ? 
_reflns_shell.number_unique_obs           ? 
_reflns_shell.percent_possible_all        95.2 
_reflns_shell.percent_possible_obs        ? 
_reflns_shell.Rmerge_F_all                ? 
_reflns_shell.Rmerge_F_obs                ? 
_reflns_shell.Rmerge_I_all                ? 
_reflns_shell.Rmerge_I_obs                1.9 
_reflns_shell.meanI_over_sigI_gt          ? 
_reflns_shell.meanI_over_uI_all           ? 
_reflns_shell.meanI_over_uI_gt            ? 
_reflns_shell.number_measured_gt          ? 
_reflns_shell.number_unique_gt            ? 
_reflns_shell.percent_possible_gt         ? 
_reflns_shell.Rmerge_F_gt                 ? 
_reflns_shell.Rmerge_I_gt                 ? 
_reflns_shell.pdbx_redundancy             10.2 
_reflns_shell.pdbx_Rsym_value             ? 
_reflns_shell.pdbx_chi_squared            ? 
_reflns_shell.pdbx_netI_over_sigmaI_all   ? 
_reflns_shell.pdbx_netI_over_sigmaI_obs   ? 
_reflns_shell.pdbx_Rrim_I_all             ? 
_reflns_shell.pdbx_Rpim_I_all             ? 
_reflns_shell.pdbx_rejects                ? 
_reflns_shell.pdbx_ordinal                1 
_reflns_shell.pdbx_diffrn_id              1 
_reflns_shell.pdbx_CC_half                0.6 
_reflns_shell.pdbx_R_split                ? 
# 
_refine.aniso_B[1][1]                            ? 
_refine.aniso_B[1][2]                            ? 
_refine.aniso_B[1][3]                            ? 
_refine.aniso_B[2][2]                            ? 
_refine.aniso_B[2][3]                            ? 
_refine.aniso_B[3][3]                            ? 
_refine.B_iso_max                                ? 
_refine.B_iso_mean                               ? 
_refine.B_iso_min                                ? 
_refine.correlation_coeff_Fo_to_Fc               ? 
_refine.correlation_coeff_Fo_to_Fc_free          ? 
_refine.details                                  ? 
_refine.diff_density_max                         ? 
_refine.diff_density_max_esd                     ? 
_refine.diff_density_min                         ? 
_refine.diff_density_min_esd                     ? 
_refine.diff_density_rms                         ? 
_refine.diff_density_rms_esd                     ? 
_refine.entry_id                                 5LR3 
_refine.pdbx_refine_id                           'X-RAY DIFFRACTION' 
_refine.ls_abs_structure_details                 ? 
_refine.ls_abs_structure_Flack                   ? 
_refine.ls_abs_structure_Flack_esd               ? 
_refine.ls_abs_structure_Rogers                  ? 
_refine.ls_abs_structure_Rogers_esd              ? 
_refine.ls_d_res_high                            1.650 
_refine.ls_d_res_low                             29.168 
_refine.ls_extinction_coef                       ? 
_refine.ls_extinction_coef_esd                   ? 
_refine.ls_extinction_expression                 ? 
_refine.ls_extinction_method                     ? 
_refine.ls_goodness_of_fit_all                   ? 
_refine.ls_goodness_of_fit_all_esd               ? 
_refine.ls_goodness_of_fit_obs                   ? 
_refine.ls_goodness_of_fit_obs_esd               ? 
_refine.ls_hydrogen_treatment                    ? 
_refine.ls_matrix_type                           ? 
_refine.ls_number_constraints                    ? 
_refine.ls_number_parameters                     ? 
_refine.ls_number_reflns_all                     ? 
_refine.ls_number_reflns_obs                     8701 
_refine.ls_number_reflns_R_free                  739 
_refine.ls_number_reflns_R_work                  ? 
_refine.ls_number_restraints                     ? 
_refine.ls_percent_reflns_obs                    98.39 
_refine.ls_percent_reflns_R_free                 4.81 
_refine.ls_R_factor_all                          ? 
_refine.ls_R_factor_obs                          0.2484 
_refine.ls_R_factor_R_free                       0.2656 
_refine.ls_R_factor_R_free_error                 ? 
_refine.ls_R_factor_R_free_error_details         ? 
_refine.ls_R_factor_R_work                       0.2474 
_refine.ls_R_Fsqd_factor_obs                     ? 
_refine.ls_R_I_factor_obs                        ? 
_refine.ls_redundancy_reflns_all                 ? 
_refine.ls_redundancy_reflns_obs                 ? 
_refine.ls_restrained_S_all                      ? 
_refine.ls_restrained_S_obs                      ? 
_refine.ls_shift_over_esd_max                    ? 
_refine.ls_shift_over_esd_mean                   ? 
_refine.ls_structure_factor_coef                 ? 
_refine.ls_weighting_details                     ? 
_refine.ls_weighting_scheme                      ? 
_refine.ls_wR_factor_all                         ? 
_refine.ls_wR_factor_obs                         ? 
_refine.ls_wR_factor_R_free                      ? 
_refine.ls_wR_factor_R_work                      ? 
_refine.occupancy_max                            ? 
_refine.occupancy_min                            ? 
_refine.solvent_model_details                    ? 
_refine.solvent_model_param_bsol                 ? 
_refine.solvent_model_param_ksol                 ? 
_refine.ls_R_factor_gt                           ? 
_refine.ls_goodness_of_fit_gt                    ? 
_refine.ls_goodness_of_fit_ref                   ? 
_refine.ls_shift_over_su_max                     ? 
_refine.ls_shift_over_su_max_lt                  ? 
_refine.ls_shift_over_su_mean                    ? 
_refine.ls_shift_over_su_mean_lt                 ? 
_refine.pdbx_ls_sigma_I                          ? 
_refine.pdbx_ls_sigma_F                          1.34 
_refine.pdbx_ls_sigma_Fsqd                       ? 
_refine.pdbx_data_cutoff_high_absF               ? 
_refine.pdbx_data_cutoff_high_rms_absF           ? 
_refine.pdbx_data_cutoff_low_absF                ? 
_refine.pdbx_isotropic_thermal_model             ? 
_refine.pdbx_ls_cross_valid_method               'FREE R-VALUE' 
_refine.pdbx_method_to_determine_struct          SAD 
_refine.pdbx_starting_model                      ? 
_refine.pdbx_stereochemistry_target_values       ? 
_refine.pdbx_R_Free_selection_details            ? 
_refine.pdbx_stereochem_target_val_spec_case     ? 
_refine.pdbx_overall_ESU_R                       ? 
_refine.pdbx_overall_ESU_R_Free                  ? 
_refine.pdbx_solvent_vdw_probe_radii             1.11 
_refine.pdbx_solvent_ion_probe_radii             ? 
_refine.pdbx_solvent_shrinkage_radii             0.90 
_refine.pdbx_real_space_R                        ? 
_refine.pdbx_density_correlation                 ? 
_refine.pdbx_pd_number_of_powder_patterns        ? 
_refine.pdbx_pd_number_of_points                 ? 
_refine.pdbx_pd_meas_number_of_points            ? 
_refine.pdbx_pd_proc_ls_prof_R_factor            ? 
_refine.pdbx_pd_proc_ls_prof_wR_factor           ? 
_refine.pdbx_pd_Marquardt_correlation_coeff      ? 
_refine.pdbx_pd_Fsqrd_R_factor                   ? 
_refine.pdbx_pd_ls_matrix_band_width             ? 
_refine.pdbx_overall_phase_error                 37.01 
_refine.pdbx_overall_SU_R_free_Cruickshank_DPI   ? 
_refine.pdbx_overall_SU_R_free_Blow_DPI          ? 
_refine.pdbx_overall_SU_R_Blow_DPI               ? 
_refine.pdbx_TLS_residual_ADP_flag               ? 
_refine.pdbx_diffrn_id                           1 
_refine.overall_SU_B                             ? 
_refine.overall_SU_ML                            0.28 
_refine.overall_SU_R_Cruickshank_DPI             ? 
_refine.overall_SU_R_free                        ? 
_refine.overall_FOM_free_R_set                   ? 
_refine.overall_FOM_work_R_set                   ? 
_refine.pdbx_average_fsc_overall                 ? 
_refine.pdbx_average_fsc_work                    ? 
_refine.pdbx_average_fsc_free                    ? 
# 
_refine_hist.pdbx_refine_id                   'X-RAY DIFFRACTION' 
_refine_hist.cycle_id                         LAST 
_refine_hist.pdbx_number_atoms_protein        0 
_refine_hist.pdbx_number_atoms_nucleic_acid   432 
_refine_hist.pdbx_number_atoms_ligand         5 
_refine_hist.number_atoms_solvent             33 
_refine_hist.number_atoms_total               470 
_refine_hist.d_res_high                       1.650 
_refine_hist.d_res_low                        29.168 
# 
loop_
_refine_ls_restr.pdbx_refine_id 
_refine_ls_restr.criterion 
_refine_ls_restr.dev_ideal 
_refine_ls_restr.dev_ideal_target 
_refine_ls_restr.number 
_refine_ls_restr.rejects 
_refine_ls_restr.type 
_refine_ls_restr.weight 
_refine_ls_restr.pdbx_restraint_function 
'X-RAY DIFFRACTION' ? 0.001 ? 486 ? f_bond_d           ? ? 
'X-RAY DIFFRACTION' ? 2.499 ? 760 ? f_angle_d          ? ? 
'X-RAY DIFFRACTION' ? 9.510 ? 216 ? f_dihedral_angle_d ? ? 
'X-RAY DIFFRACTION' ? 0.018 ? 96  ? f_chiral_restr     ? ? 
'X-RAY DIFFRACTION' ? 0.003 ? 20  ? f_plane_restr      ? ? 
# 
loop_
_refine_ls_shell.pdbx_refine_id 
_refine_ls_shell.d_res_high 
_refine_ls_shell.d_res_low 
_refine_ls_shell.number_reflns_all 
_refine_ls_shell.number_reflns_obs 
_refine_ls_shell.number_reflns_R_free 
_refine_ls_shell.number_reflns_R_work 
_refine_ls_shell.percent_reflns_obs 
_refine_ls_shell.percent_reflns_R_free 
_refine_ls_shell.R_factor_all 
_refine_ls_shell.R_factor_obs 
_refine_ls_shell.R_factor_R_free 
_refine_ls_shell.R_factor_R_free_error 
_refine_ls_shell.R_factor_R_work 
_refine_ls_shell.redundancy_reflns_all 
_refine_ls_shell.redundancy_reflns_obs 
_refine_ls_shell.wR_factor_all 
_refine_ls_shell.wR_factor_obs 
_refine_ls_shell.wR_factor_R_free 
_refine_ls_shell.wR_factor_R_work 
_refine_ls_shell.pdbx_total_number_of_bins_used 
_refine_ls_shell.pdbx_phase_error 
_refine_ls_shell.pdbx_fsc_work 
_refine_ls_shell.pdbx_fsc_free 
'X-RAY DIFFRACTION' 1.6501 1.7774  . . 129 2858 96.00 . . . 0.3714 . 0.4054 . . . . . . . . . . 
'X-RAY DIFFRACTION' 1.7774 1.9563  . . 153 2963 99.00 . . . 0.3675 . 0.3560 . . . . . . . . . . 
'X-RAY DIFFRACTION' 1.9563 2.2393  . . 171 2930 99.00 . . . 0.3008 . 0.3055 . . . . . . . . . . 
'X-RAY DIFFRACTION' 2.2393 2.8209  . . 154 2928 99.00 . . . 0.3394 . 0.2976 . . . . . . . . . . 
'X-RAY DIFFRACTION' 2.8209 29.1724 . . 132 2951 98.00 . . . 0.2043 . 0.1919 . . . . . . . . . . 
# 
_struct.entry_id                     5LR3 
_struct.title                        'RNA duplex has central consecutive GA pairs flanked by G-U basepairs' 
_struct.pdbx_model_details           ? 
_struct.pdbx_formula_weight          ? 
_struct.pdbx_formula_weight_method   ? 
_struct.pdbx_model_type_details      ? 
_struct.pdbx_CASP_flag               N 
# 
_struct_keywords.entry_id        5LR3 
_struct_keywords.text            'N6-methyladenine, RNA folding, Watson-Crick basepairs, RNA' 
_struct_keywords.pdbx_keywords   RNA 
# 
loop_
_struct_asym.id 
_struct_asym.pdbx_blank_PDB_chainid_flag 
_struct_asym.pdbx_modified 
_struct_asym.entity_id 
_struct_asym.details 
A N N 1 ? 
B N N 1 ? 
C N N 2 ? 
D N N 3 ? 
E N N 3 ? 
# 
_struct_ref.id                         1 
_struct_ref.db_name                    PDB 
_struct_ref.db_code                    5LR3 
_struct_ref.pdbx_db_accession          5LR3 
_struct_ref.pdbx_db_isoform            ? 
_struct_ref.entity_id                  1 
_struct_ref.pdbx_seq_one_letter_code   ? 
_struct_ref.pdbx_align_begin           1 
# 
loop_
_struct_ref_seq.align_id 
_struct_ref_seq.ref_id 
_struct_ref_seq.pdbx_PDB_id_code 
_struct_ref_seq.pdbx_strand_id 
_struct_ref_seq.seq_align_beg 
_struct_ref_seq.pdbx_seq_align_beg_ins_code 
_struct_ref_seq.seq_align_end 
_struct_ref_seq.pdbx_seq_align_end_ins_code 
_struct_ref_seq.pdbx_db_accession 
_struct_ref_seq.db_align_beg 
_struct_ref_seq.pdbx_db_align_beg_ins_code 
_struct_ref_seq.db_align_end 
_struct_ref_seq.pdbx_db_align_end_ins_code 
_struct_ref_seq.pdbx_auth_seq_align_beg 
_struct_ref_seq.pdbx_auth_seq_align_end 
1 1 5LR3 A 1 ? 10 ? 5LR3 1 ? 10 ? 1 10 
2 1 5LR3 B 1 ? 10 ? 5LR3 1 ? 10 ? 1 10 
# 
_pdbx_struct_assembly.id                   1 
_pdbx_struct_assembly.details              software_defined_assembly 
_pdbx_struct_assembly.method_details       PISA 
_pdbx_struct_assembly.oligomeric_details   dimeric 
_pdbx_struct_assembly.oligomeric_count     2 
# 
loop_
_pdbx_struct_assembly_prop.biol_id 
_pdbx_struct_assembly_prop.type 
_pdbx_struct_assembly_prop.value 
_pdbx_struct_assembly_prop.details 
1 'ABSA (A^2)' 2570 ? 
1 MORE         -7   ? 
1 'SSA (A^2)'  3430 ? 
# 
_pdbx_struct_assembly_gen.assembly_id       1 
_pdbx_struct_assembly_gen.oper_expression   1 
_pdbx_struct_assembly_gen.asym_id_list      A,B,C,D,E 
# 
_pdbx_struct_oper_list.id                   1 
_pdbx_struct_oper_list.type                 'identity operation' 
_pdbx_struct_oper_list.name                 1_555 
_pdbx_struct_oper_list.symmetry_operation   x,y,z 
_pdbx_struct_oper_list.matrix[1][1]         1.0000000000 
_pdbx_struct_oper_list.matrix[1][2]         0.0000000000 
_pdbx_struct_oper_list.matrix[1][3]         0.0000000000 
_pdbx_struct_oper_list.vector[1]            0.0000000000 
_pdbx_struct_oper_list.matrix[2][1]         0.0000000000 
_pdbx_struct_oper_list.matrix[2][2]         1.0000000000 
_pdbx_struct_oper_list.matrix[2][3]         0.0000000000 
_pdbx_struct_oper_list.vector[2]            0.0000000000 
_pdbx_struct_oper_list.matrix[3][1]         0.0000000000 
_pdbx_struct_oper_list.matrix[3][2]         0.0000000000 
_pdbx_struct_oper_list.matrix[3][3]         1.0000000000 
_pdbx_struct_oper_list.vector[3]            0.0000000000 
# 
loop_
_struct_conn.id 
_struct_conn.conn_type_id 
_struct_conn.pdbx_leaving_atom_flag 
_struct_conn.pdbx_PDB_id 
_struct_conn.ptnr1_label_asym_id 
_struct_conn.ptnr1_label_comp_id 
_struct_conn.ptnr1_label_seq_id 
_struct_conn.ptnr1_label_atom_id 
_struct_conn.pdbx_ptnr1_label_alt_id 
_struct_conn.pdbx_ptnr1_PDB_ins_code 
_struct_conn.pdbx_ptnr1_standard_comp_id 
_struct_conn.ptnr1_symmetry 
_struct_conn.ptnr2_label_asym_id 
_struct_conn.ptnr2_label_comp_id 
_struct_conn.ptnr2_label_seq_id 
_struct_conn.ptnr2_label_atom_id 
_struct_conn.pdbx_ptnr2_label_alt_id 
_struct_conn.pdbx_ptnr2_PDB_ins_code 
_struct_conn.ptnr1_auth_asym_id 
_struct_conn.ptnr1_auth_comp_id 
_struct_conn.ptnr1_auth_seq_id 
_struct_conn.ptnr2_auth_asym_id 
_struct_conn.ptnr2_auth_comp_id 
_struct_conn.ptnr2_auth_seq_id 
_struct_conn.ptnr2_symmetry 
_struct_conn.pdbx_ptnr3_label_atom_id 
_struct_conn.pdbx_ptnr3_label_seq_id 
_struct_conn.pdbx_ptnr3_label_comp_id 
_struct_conn.pdbx_ptnr3_label_asym_id 
_struct_conn.pdbx_ptnr3_label_alt_id 
_struct_conn.pdbx_ptnr3_PDB_ins_code 
_struct_conn.details 
_struct_conn.pdbx_dist_value 
_struct_conn.pdbx_value_order 
_struct_conn.pdbx_role 
covale1  covale both ? A G   1  "O3'" ? ? ? 1_555 A CBV 2  P  ? ? A G   1  A CBV 2  1_555 ? ? ? ? ? ? ?             1.610 ? ? 
covale2  covale one  ? A CBV 2  "O3'" ? ? ? 1_555 A C   3  P  ? ? A CBV 2  A C   3  1_555 ? ? ? ? ? ? ?             1.605 ? ? 
covale3  covale both ? B G   1  "O3'" ? ? ? 1_555 B CBV 2  P  ? ? B G   1  B CBV 2  1_555 ? ? ? ? ? ? ?             1.609 ? ? 
covale4  covale one  ? B CBV 2  "O3'" ? ? ? 1_555 B C   3  P  ? ? B CBV 2  B C   3  1_555 ? ? ? ? ? ? ?             1.607 ? ? 
hydrog1  hydrog ?    ? A G   1  N1    ? ? ? 1_555 B C   10 N3 ? ? A G   1  B C   10 1_555 ? ? ? ? ? ? WATSON-CRICK  ?     ? ? 
hydrog2  hydrog ?    ? A G   1  N2    ? ? ? 1_555 B C   10 O2 ? ? A G   1  B C   10 1_555 ? ? ? ? ? ? WATSON-CRICK  ?     ? ? 
hydrog3  hydrog ?    ? A G   1  O6    ? ? ? 1_555 B C   10 N4 ? ? A G   1  B C   10 1_555 ? ? ? ? ? ? WATSON-CRICK  ?     ? ? 
hydrog4  hydrog ?    ? A CBV 2  N3    ? ? ? 1_555 B G   9  N1 ? ? A CBV 2  B G   9  1_555 ? ? ? ? ? ? WATSON-CRICK  ?     ? ? 
hydrog5  hydrog ?    ? A CBV 2  N4    ? ? ? 1_555 B G   9  O6 ? ? A CBV 2  B G   9  1_555 ? ? ? ? ? ? WATSON-CRICK  ?     ? ? 
hydrog6  hydrog ?    ? A CBV 2  O2    ? ? ? 1_555 B G   9  N2 ? ? A CBV 2  B G   9  1_555 ? ? ? ? ? ? WATSON-CRICK  ?     ? ? 
hydrog7  hydrog ?    ? A C   3  N3    ? ? ? 1_555 B G   8  N1 ? ? A C   3  B G   8  1_555 ? ? ? ? ? ? WATSON-CRICK  ?     ? ? 
hydrog8  hydrog ?    ? A C   3  N4    ? ? ? 1_555 B G   8  O6 ? ? A C   3  B G   8  1_555 ? ? ? ? ? ? WATSON-CRICK  ?     ? ? 
hydrog9  hydrog ?    ? A C   3  O2    ? ? ? 1_555 B G   8  N2 ? ? A C   3  B G   8  1_555 ? ? ? ? ? ? WATSON-CRICK  ?     ? ? 
hydrog10 hydrog ?    ? A G   4  N2    ? ? ? 1_555 B U   7  O4 ? ? A G   4  B U   7  1_555 ? ? ? ? ? ? 'G-U MISPAIR' ?     ? ? 
hydrog11 hydrog ?    ? A G   5  N2    ? ? ? 1_555 B A   6  N7 ? ? A G   5  B A   6  1_555 ? ? ? ? ? ? TYPE_11_PAIR  ?     ? ? 
hydrog12 hydrog ?    ? A G   5  N3    ? ? ? 1_555 B A   6  N6 ? ? A G   5  B A   6  1_555 ? ? ? ? ? ? TYPE_11_PAIR  ?     ? ? 
hydrog13 hydrog ?    ? A A   6  N6    ? ? ? 1_555 B G   5  N3 ? ? A A   6  B G   5  1_555 ? ? ? ? ? ? TYPE_11_PAIR  ?     ? ? 
hydrog14 hydrog ?    ? A A   6  N7    ? ? ? 1_555 B G   5  N2 ? ? A A   6  B G   5  1_555 ? ? ? ? ? ? TYPE_11_PAIR  ?     ? ? 
hydrog15 hydrog ?    ? A U   7  O4    ? ? ? 1_555 B G   4  N2 ? ? A U   7  B G   4  1_555 ? ? ? ? ? ? 'U-G MISPAIR' ?     ? ? 
hydrog16 hydrog ?    ? A G   8  N1    ? ? ? 1_555 B C   3  N3 ? ? A G   8  B C   3  1_555 ? ? ? ? ? ? WATSON-CRICK  ?     ? ? 
hydrog17 hydrog ?    ? A G   8  N2    ? ? ? 1_555 B C   3  O2 ? ? A G   8  B C   3  1_555 ? ? ? ? ? ? WATSON-CRICK  ?     ? ? 
hydrog18 hydrog ?    ? A G   8  O6    ? ? ? 1_555 B C   3  N4 ? ? A G   8  B C   3  1_555 ? ? ? ? ? ? WATSON-CRICK  ?     ? ? 
hydrog19 hydrog ?    ? A G   9  N1    ? ? ? 1_555 B CBV 2  N3 ? ? A G   9  B CBV 2  1_555 ? ? ? ? ? ? WATSON-CRICK  ?     ? ? 
hydrog20 hydrog ?    ? A G   9  N2    ? ? ? 1_555 B CBV 2  O2 ? ? A G   9  B CBV 2  1_555 ? ? ? ? ? ? WATSON-CRICK  ?     ? ? 
hydrog21 hydrog ?    ? A G   9  O6    ? ? ? 1_555 B CBV 2  N4 ? ? A G   9  B CBV 2  1_555 ? ? ? ? ? ? WATSON-CRICK  ?     ? ? 
hydrog22 hydrog ?    ? A C   10 N3    ? ? ? 1_555 B G   1  N1 ? ? A C   10 B G   1  1_555 ? ? ? ? ? ? WATSON-CRICK  ?     ? ? 
hydrog23 hydrog ?    ? A C   10 N4    ? ? ? 1_555 B G   1  O6 ? ? A C   10 B G   1  1_555 ? ? ? ? ? ? WATSON-CRICK  ?     ? ? 
hydrog24 hydrog ?    ? A C   10 O2    ? ? ? 1_555 B G   1  N2 ? ? A C   10 B G   1  1_555 ? ? ? ? ? ? WATSON-CRICK  ?     ? ? 
# 
loop_
_struct_conn_type.id 
_struct_conn_type.criteria 
_struct_conn_type.reference 
covale ? ? 
hydrog ? ? 
# 
loop_
_struct_site.id 
_struct_site.pdbx_evidence_code 
_struct_site.pdbx_auth_asym_id 
_struct_site.pdbx_auth_comp_id 
_struct_site.pdbx_auth_seq_id 
_struct_site.pdbx_auth_ins_code 
_struct_site.pdbx_num_residues 
_struct_site.details 
AC1 Software B SO4 101 ? 4  'binding site for residue SO4 B 101'               
AC2 Software B G   1   ? 10 'binding site for Di-nucleotide G B 1 and CBV B 2' 
AC3 Software B CBV 2   ? 11 'binding site for Di-nucleotide CBV B 2 and C B 3' 
# 
loop_
_struct_site_gen.id 
_struct_site_gen.site_id 
_struct_site_gen.pdbx_num_res 
_struct_site_gen.label_comp_id 
_struct_site_gen.label_asym_id 
_struct_site_gen.label_seq_id 
_struct_site_gen.pdbx_auth_ins_code 
_struct_site_gen.auth_comp_id 
_struct_site_gen.auth_asym_id 
_struct_site_gen.auth_seq_id 
_struct_site_gen.label_atom_id 
_struct_site_gen.label_alt_id 
_struct_site_gen.symmetry 
_struct_site_gen.details 
1  AC1 4  G   B 1  ? G   B 1   . ? 1_555 ? 
2  AC1 4  CBV B 2  ? CBV B 2   . ? 1_555 ? 
3  AC1 4  HOH E .  ? HOH B 201 . ? 1_555 ? 
4  AC1 4  HOH E .  ? HOH B 207 . ? 1_555 ? 
5  AC2 10 G   A 1  ? G   A 1   . ? 3_444 ? 
6  AC2 10 G   A 9  ? G   A 9   . ? 1_555 ? 
7  AC2 10 C   A 10 ? C   A 10  . ? 1_555 ? 
8  AC2 10 C   B 3  ? C   B 3   . ? 1_555 ? 
9  AC2 10 C   B 10 ? C   B 10  . ? 3_444 ? 
10 AC2 10 SO4 C .  ? SO4 B 101 . ? 1_555 ? 
11 AC2 10 HOH E .  ? HOH B 201 . ? 1_555 ? 
12 AC2 10 HOH E .  ? HOH B 207 . ? 1_555 ? 
13 AC2 10 HOH E .  ? HOH B 212 . ? 1_555 ? 
14 AC2 10 HOH E .  ? HOH B 214 . ? 1_555 ? 
15 AC3 11 G   A 8  ? G   A 8   . ? 1_555 ? 
16 AC3 11 G   A 9  ? G   A 9   . ? 1_555 ? 
17 AC3 11 C   A 10 ? C   A 10  . ? 1_555 ? 
18 AC3 11 C   A 10 ? C   A 10  . ? 7_555 ? 
19 AC3 11 G   B 1  ? G   B 1   . ? 1_555 ? 
20 AC3 11 G   B 4  ? G   B 4   . ? 1_555 ? 
21 AC3 11 SO4 C .  ? SO4 B 101 . ? 1_555 ? 
22 AC3 11 HOH E .  ? HOH B 207 . ? 1_555 ? 
23 AC3 11 HOH E .  ? HOH B 209 . ? 1_555 ? 
24 AC3 11 HOH E .  ? HOH B 212 . ? 1_555 ? 
25 AC3 11 HOH E .  ? HOH B 214 . ? 1_555 ? 
# 
loop_
_pdbx_refine_tls.pdbx_refine_id 
_pdbx_refine_tls.id 
_pdbx_refine_tls.details 
_pdbx_refine_tls.method 
_pdbx_refine_tls.origin_x 
_pdbx_refine_tls.origin_y 
_pdbx_refine_tls.origin_z 
_pdbx_refine_tls.T[1][1] 
_pdbx_refine_tls.T[2][2] 
_pdbx_refine_tls.T[3][3] 
_pdbx_refine_tls.T[1][2] 
_pdbx_refine_tls.T[1][3] 
_pdbx_refine_tls.T[2][3] 
_pdbx_refine_tls.L[1][1] 
_pdbx_refine_tls.L[2][2] 
_pdbx_refine_tls.L[3][3] 
_pdbx_refine_tls.L[1][2] 
_pdbx_refine_tls.L[1][3] 
_pdbx_refine_tls.L[2][3] 
_pdbx_refine_tls.S[1][1] 
_pdbx_refine_tls.S[1][2] 
_pdbx_refine_tls.S[1][3] 
_pdbx_refine_tls.S[2][1] 
_pdbx_refine_tls.S[2][2] 
_pdbx_refine_tls.S[2][3] 
_pdbx_refine_tls.S[3][1] 
_pdbx_refine_tls.S[3][2] 
_pdbx_refine_tls.S[3][3] 
'X-RAY DIFFRACTION' 1 ? refined 8.1058  4.8212  6.0789  0.3225 0.9368 0.4149 0.1655  0.0717 0.0969  0.1097 1.9685 2.0113 0.2909  0.3730 0.0341  0.0443  1.1324 0.1451  0.0924  0.5715  0.1901  -0.1594 -0.1941 -0.5715 
'X-RAY DIFFRACTION' 2 ? refined -5.9790 -2.8164 -5.0488 0.3335 0.5220 0.3006 0.0759  0.0047 0.0223  3.2147 2.6152 2.4180 0.0865  0.2616 0.0814  -0.2841 0.9583 -0.2152 -0.3175 -0.0708 -0.2653 0.2713  1.1440  0.2808  
'X-RAY DIFFRACTION' 3 ? refined -8.2299 2.7522  0.0538  0.2966 0.5038 0.3577 -0.0262 0.0077 0.0417  3.3602 0.2568 2.8017 -0.0545 0.6299 0.7890  -0.4966 0.1789 0.4284  0.2593  -0.2493 -0.2526 -0.2705 1.2662  0.7264  
'X-RAY DIFFRACTION' 4 ? refined 10.1891 -3.3403 1.4043  0.3494 1.1977 0.4662 0.2026  0.0192 -0.0022 0.1208 0.6355 0.3410 -0.2149 0.1415 -0.4627 -0.2020 0.2448 0.0501  0.1301  0.2929  0.2916  -0.0140 -0.2511 -0.2487 
# 
loop_
_pdbx_refine_tls_group.pdbx_refine_id 
_pdbx_refine_tls_group.id 
_pdbx_refine_tls_group.refine_tls_id 
_pdbx_refine_tls_group.beg_auth_asym_id 
_pdbx_refine_tls_group.beg_auth_seq_id 
_pdbx_refine_tls_group.beg_label_asym_id 
_pdbx_refine_tls_group.beg_label_seq_id 
_pdbx_refine_tls_group.end_auth_asym_id 
_pdbx_refine_tls_group.end_auth_seq_id 
_pdbx_refine_tls_group.end_label_asym_id 
_pdbx_refine_tls_group.end_label_seq_id 
_pdbx_refine_tls_group.selection 
_pdbx_refine_tls_group.selection_details 
'X-RAY DIFFRACTION' 1 1 ? ? ? ? ? ? ? ? ? '(chain A and resid 1:4)'  
'X-RAY DIFFRACTION' 2 2 ? ? ? ? ? ? ? ? ? '(chain A and resid 5:10)' 
'X-RAY DIFFRACTION' 3 3 ? ? ? ? ? ? ? ? ? '(chain B and resid 1:5)'  
'X-RAY DIFFRACTION' 4 4 ? ? ? ? ? ? ? ? ? '(chain B and resid 6:10)' 
# 
loop_
_chem_comp_atom.comp_id 
_chem_comp_atom.atom_id 
_chem_comp_atom.type_symbol 
_chem_comp_atom.pdbx_aromatic_flag 
_chem_comp_atom.pdbx_stereo_config 
_chem_comp_atom.pdbx_ordinal 
A   OP3    O  N N 1   
A   P      P  N N 2   
A   OP1    O  N N 3   
A   OP2    O  N N 4   
A   "O5'"  O  N N 5   
A   "C5'"  C  N N 6   
A   "C4'"  C  N R 7   
A   "O4'"  O  N N 8   
A   "C3'"  C  N S 9   
A   "O3'"  O  N N 10  
A   "C2'"  C  N R 11  
A   "O2'"  O  N N 12  
A   "C1'"  C  N R 13  
A   N9     N  Y N 14  
A   C8     C  Y N 15  
A   N7     N  Y N 16  
A   C5     C  Y N 17  
A   C6     C  Y N 18  
A   N6     N  N N 19  
A   N1     N  Y N 20  
A   C2     C  Y N 21  
A   N3     N  Y N 22  
A   C4     C  Y N 23  
A   HOP3   H  N N 24  
A   HOP2   H  N N 25  
A   "H5'"  H  N N 26  
A   "H5''" H  N N 27  
A   "H4'"  H  N N 28  
A   "H3'"  H  N N 29  
A   "HO3'" H  N N 30  
A   "H2'"  H  N N 31  
A   "HO2'" H  N N 32  
A   "H1'"  H  N N 33  
A   H8     H  N N 34  
A   H61    H  N N 35  
A   H62    H  N N 36  
A   H2     H  N N 37  
C   OP3    O  N N 38  
C   P      P  N N 39  
C   OP1    O  N N 40  
C   OP2    O  N N 41  
C   "O5'"  O  N N 42  
C   "C5'"  C  N N 43  
C   "C4'"  C  N R 44  
C   "O4'"  O  N N 45  
C   "C3'"  C  N S 46  
C   "O3'"  O  N N 47  
C   "C2'"  C  N R 48  
C   "O2'"  O  N N 49  
C   "C1'"  C  N R 50  
C   N1     N  N N 51  
C   C2     C  N N 52  
C   O2     O  N N 53  
C   N3     N  N N 54  
C   C4     C  N N 55  
C   N4     N  N N 56  
C   C5     C  N N 57  
C   C6     C  N N 58  
C   HOP3   H  N N 59  
C   HOP2   H  N N 60  
C   "H5'"  H  N N 61  
C   "H5''" H  N N 62  
C   "H4'"  H  N N 63  
C   "H3'"  H  N N 64  
C   "HO3'" H  N N 65  
C   "H2'"  H  N N 66  
C   "HO2'" H  N N 67  
C   "H1'"  H  N N 68  
C   H41    H  N N 69  
C   H42    H  N N 70  
C   H5     H  N N 71  
C   H6     H  N N 72  
CBV O3P    O  N N 73  
CBV P      P  N N 74  
CBV O1P    O  N N 75  
CBV O2P    O  N N 76  
CBV "O5'"  O  N N 77  
CBV "C5'"  C  N N 78  
CBV "C4'"  C  N R 79  
CBV "O4'"  O  N N 80  
CBV "C3'"  C  N S 81  
CBV "O3'"  O  N N 82  
CBV "C2'"  C  N R 83  
CBV "O2'"  O  N N 84  
CBV "C1'"  C  N R 85  
CBV N1     N  N N 86  
CBV C2     C  N N 87  
CBV O2     O  N N 88  
CBV N3     N  N N 89  
CBV C4     C  N N 90  
CBV N4     N  N N 91  
CBV C5     C  N N 92  
CBV C6     C  N N 93  
CBV BR     BR N N 94  
CBV HO3P   H  N N 95  
CBV HO1P   H  N N 96  
CBV "H5'1" H  N N 97  
CBV "H5'2" H  N N 98  
CBV "H4'"  H  N N 99  
CBV "H3'"  H  N N 100 
CBV "HO3'" H  N N 101 
CBV "H2'"  H  N N 102 
CBV "HO2'" H  N N 103 
CBV "H1'"  H  N N 104 
CBV HN41   H  N N 105 
CBV HN42   H  N N 106 
CBV H6     H  N N 107 
G   OP3    O  N N 108 
G   P      P  N N 109 
G   OP1    O  N N 110 
G   OP2    O  N N 111 
G   "O5'"  O  N N 112 
G   "C5'"  C  N N 113 
G   "C4'"  C  N R 114 
G   "O4'"  O  N N 115 
G   "C3'"  C  N S 116 
G   "O3'"  O  N N 117 
G   "C2'"  C  N R 118 
G   "O2'"  O  N N 119 
G   "C1'"  C  N R 120 
G   N9     N  Y N 121 
G   C8     C  Y N 122 
G   N7     N  Y N 123 
G   C5     C  Y N 124 
G   C6     C  N N 125 
G   O6     O  N N 126 
G   N1     N  N N 127 
G   C2     C  N N 128 
G   N2     N  N N 129 
G   N3     N  N N 130 
G   C4     C  Y N 131 
G   HOP3   H  N N 132 
G   HOP2   H  N N 133 
G   "H5'"  H  N N 134 
G   "H5''" H  N N 135 
G   "H4'"  H  N N 136 
G   "H3'"  H  N N 137 
G   "HO3'" H  N N 138 
G   "H2'"  H  N N 139 
G   "HO2'" H  N N 140 
G   "H1'"  H  N N 141 
G   H8     H  N N 142 
G   H1     H  N N 143 
G   H21    H  N N 144 
G   H22    H  N N 145 
HOH O      O  N N 146 
HOH H1     H  N N 147 
HOH H2     H  N N 148 
SO4 S      S  N N 149 
SO4 O1     O  N N 150 
SO4 O2     O  N N 151 
SO4 O3     O  N N 152 
SO4 O4     O  N N 153 
U   OP3    O  N N 154 
U   P      P  N N 155 
U   OP1    O  N N 156 
U   OP2    O  N N 157 
U   "O5'"  O  N N 158 
U   "C5'"  C  N N 159 
U   "C4'"  C  N R 160 
U   "O4'"  O  N N 161 
U   "C3'"  C  N S 162 
U   "O3'"  O  N N 163 
U   "C2'"  C  N R 164 
U   "O2'"  O  N N 165 
U   "C1'"  C  N R 166 
U   N1     N  N N 167 
U   C2     C  N N 168 
U   O2     O  N N 169 
U   N3     N  N N 170 
U   C4     C  N N 171 
U   O4     O  N N 172 
U   C5     C  N N 173 
U   C6     C  N N 174 
U   HOP3   H  N N 175 
U   HOP2   H  N N 176 
U   "H5'"  H  N N 177 
U   "H5''" H  N N 178 
U   "H4'"  H  N N 179 
U   "H3'"  H  N N 180 
U   "HO3'" H  N N 181 
U   "H2'"  H  N N 182 
U   "HO2'" H  N N 183 
U   "H1'"  H  N N 184 
U   H3     H  N N 185 
U   H5     H  N N 186 
U   H6     H  N N 187 
# 
loop_
_chem_comp_bond.comp_id 
_chem_comp_bond.atom_id_1 
_chem_comp_bond.atom_id_2 
_chem_comp_bond.value_order 
_chem_comp_bond.pdbx_aromatic_flag 
_chem_comp_bond.pdbx_stereo_config 
_chem_comp_bond.pdbx_ordinal 
A   OP3   P      sing N N 1   
A   OP3   HOP3   sing N N 2   
A   P     OP1    doub N N 3   
A   P     OP2    sing N N 4   
A   P     "O5'"  sing N N 5   
A   OP2   HOP2   sing N N 6   
A   "O5'" "C5'"  sing N N 7   
A   "C5'" "C4'"  sing N N 8   
A   "C5'" "H5'"  sing N N 9   
A   "C5'" "H5''" sing N N 10  
A   "C4'" "O4'"  sing N N 11  
A   "C4'" "C3'"  sing N N 12  
A   "C4'" "H4'"  sing N N 13  
A   "O4'" "C1'"  sing N N 14  
A   "C3'" "O3'"  sing N N 15  
A   "C3'" "C2'"  sing N N 16  
A   "C3'" "H3'"  sing N N 17  
A   "O3'" "HO3'" sing N N 18  
A   "C2'" "O2'"  sing N N 19  
A   "C2'" "C1'"  sing N N 20  
A   "C2'" "H2'"  sing N N 21  
A   "O2'" "HO2'" sing N N 22  
A   "C1'" N9     sing N N 23  
A   "C1'" "H1'"  sing N N 24  
A   N9    C8     sing Y N 25  
A   N9    C4     sing Y N 26  
A   C8    N7     doub Y N 27  
A   C8    H8     sing N N 28  
A   N7    C5     sing Y N 29  
A   C5    C6     sing Y N 30  
A   C5    C4     doub Y N 31  
A   C6    N6     sing N N 32  
A   C6    N1     doub Y N 33  
A   N6    H61    sing N N 34  
A   N6    H62    sing N N 35  
A   N1    C2     sing Y N 36  
A   C2    N3     doub Y N 37  
A   C2    H2     sing N N 38  
A   N3    C4     sing Y N 39  
C   OP3   P      sing N N 40  
C   OP3   HOP3   sing N N 41  
C   P     OP1    doub N N 42  
C   P     OP2    sing N N 43  
C   P     "O5'"  sing N N 44  
C   OP2   HOP2   sing N N 45  
C   "O5'" "C5'"  sing N N 46  
C   "C5'" "C4'"  sing N N 47  
C   "C5'" "H5'"  sing N N 48  
C   "C5'" "H5''" sing N N 49  
C   "C4'" "O4'"  sing N N 50  
C   "C4'" "C3'"  sing N N 51  
C   "C4'" "H4'"  sing N N 52  
C   "O4'" "C1'"  sing N N 53  
C   "C3'" "O3'"  sing N N 54  
C   "C3'" "C2'"  sing N N 55  
C   "C3'" "H3'"  sing N N 56  
C   "O3'" "HO3'" sing N N 57  
C   "C2'" "O2'"  sing N N 58  
C   "C2'" "C1'"  sing N N 59  
C   "C2'" "H2'"  sing N N 60  
C   "O2'" "HO2'" sing N N 61  
C   "C1'" N1     sing N N 62  
C   "C1'" "H1'"  sing N N 63  
C   N1    C2     sing N N 64  
C   N1    C6     sing N N 65  
C   C2    O2     doub N N 66  
C   C2    N3     sing N N 67  
C   N3    C4     doub N N 68  
C   C4    N4     sing N N 69  
C   C4    C5     sing N N 70  
C   N4    H41    sing N N 71  
C   N4    H42    sing N N 72  
C   C5    C6     doub N N 73  
C   C5    H5     sing N N 74  
C   C6    H6     sing N N 75  
CBV O3P   P      sing N N 76  
CBV O3P   HO3P   sing N N 77  
CBV P     O1P    sing N N 78  
CBV P     O2P    doub N N 79  
CBV P     "O5'"  sing N N 80  
CBV O1P   HO1P   sing N N 81  
CBV "O5'" "C5'"  sing N N 82  
CBV "C5'" "C4'"  sing N N 83  
CBV "C5'" "H5'1" sing N N 84  
CBV "C5'" "H5'2" sing N N 85  
CBV "C4'" "O4'"  sing N N 86  
CBV "C4'" "C3'"  sing N N 87  
CBV "C4'" "H4'"  sing N N 88  
CBV "O4'" "C1'"  sing N N 89  
CBV "C3'" "O3'"  sing N N 90  
CBV "C3'" "C2'"  sing N N 91  
CBV "C3'" "H3'"  sing N N 92  
CBV "O3'" "HO3'" sing N N 93  
CBV "C2'" "O2'"  sing N N 94  
CBV "C2'" "C1'"  sing N N 95  
CBV "C2'" "H2'"  sing N N 96  
CBV "O2'" "HO2'" sing N N 97  
CBV "C1'" N1     sing N N 98  
CBV "C1'" "H1'"  sing N N 99  
CBV N1    C2     sing N N 100 
CBV N1    C6     sing N N 101 
CBV C2    O2     doub N N 102 
CBV C2    N3     sing N N 103 
CBV N3    C4     doub N N 104 
CBV C4    N4     sing N N 105 
CBV C4    C5     sing N N 106 
CBV N4    HN41   sing N N 107 
CBV N4    HN42   sing N N 108 
CBV C5    C6     doub N N 109 
CBV C5    BR     sing N N 110 
CBV C6    H6     sing N N 111 
G   OP3   P      sing N N 112 
G   OP3   HOP3   sing N N 113 
G   P     OP1    doub N N 114 
G   P     OP2    sing N N 115 
G   P     "O5'"  sing N N 116 
G   OP2   HOP2   sing N N 117 
G   "O5'" "C5'"  sing N N 118 
G   "C5'" "C4'"  sing N N 119 
G   "C5'" "H5'"  sing N N 120 
G   "C5'" "H5''" sing N N 121 
G   "C4'" "O4'"  sing N N 122 
G   "C4'" "C3'"  sing N N 123 
G   "C4'" "H4'"  sing N N 124 
G   "O4'" "C1'"  sing N N 125 
G   "C3'" "O3'"  sing N N 126 
G   "C3'" "C2'"  sing N N 127 
G   "C3'" "H3'"  sing N N 128 
G   "O3'" "HO3'" sing N N 129 
G   "C2'" "O2'"  sing N N 130 
G   "C2'" "C1'"  sing N N 131 
G   "C2'" "H2'"  sing N N 132 
G   "O2'" "HO2'" sing N N 133 
G   "C1'" N9     sing N N 134 
G   "C1'" "H1'"  sing N N 135 
G   N9    C8     sing Y N 136 
G   N9    C4     sing Y N 137 
G   C8    N7     doub Y N 138 
G   C8    H8     sing N N 139 
G   N7    C5     sing Y N 140 
G   C5    C6     sing N N 141 
G   C5    C4     doub Y N 142 
G   C6    O6     doub N N 143 
G   C6    N1     sing N N 144 
G   N1    C2     sing N N 145 
G   N1    H1     sing N N 146 
G   C2    N2     sing N N 147 
G   C2    N3     doub N N 148 
G   N2    H21    sing N N 149 
G   N2    H22    sing N N 150 
G   N3    C4     sing N N 151 
HOH O     H1     sing N N 152 
HOH O     H2     sing N N 153 
SO4 S     O1     doub N N 154 
SO4 S     O2     doub N N 155 
SO4 S     O3     sing N N 156 
SO4 S     O4     sing N N 157 
U   OP3   P      sing N N 158 
U   OP3   HOP3   sing N N 159 
U   P     OP1    doub N N 160 
U   P     OP2    sing N N 161 
U   P     "O5'"  sing N N 162 
U   OP2   HOP2   sing N N 163 
U   "O5'" "C5'"  sing N N 164 
U   "C5'" "C4'"  sing N N 165 
U   "C5'" "H5'"  sing N N 166 
U   "C5'" "H5''" sing N N 167 
U   "C4'" "O4'"  sing N N 168 
U   "C4'" "C3'"  sing N N 169 
U   "C4'" "H4'"  sing N N 170 
U   "O4'" "C1'"  sing N N 171 
U   "C3'" "O3'"  sing N N 172 
U   "C3'" "C2'"  sing N N 173 
U   "C3'" "H3'"  sing N N 174 
U   "O3'" "HO3'" sing N N 175 
U   "C2'" "O2'"  sing N N 176 
U   "C2'" "C1'"  sing N N 177 
U   "C2'" "H2'"  sing N N 178 
U   "O2'" "HO2'" sing N N 179 
U   "C1'" N1     sing N N 180 
U   "C1'" "H1'"  sing N N 181 
U   N1    C2     sing N N 182 
U   N1    C6     sing N N 183 
U   C2    O2     doub N N 184 
U   C2    N3     sing N N 185 
U   N3    C4     sing N N 186 
U   N3    H3     sing N N 187 
U   C4    O4     doub N N 188 
U   C4    C5     sing N N 189 
U   C5    C6     doub N N 190 
U   C5    H5     sing N N 191 
U   C6    H6     sing N N 192 
# 
loop_
_ndb_struct_conf_na.entry_id 
_ndb_struct_conf_na.feature 
5LR3 'double helix'        
5LR3 'a-form double helix' 
# 
loop_
_ndb_struct_na_base_pair.model_number 
_ndb_struct_na_base_pair.i_label_asym_id 
_ndb_struct_na_base_pair.i_label_comp_id 
_ndb_struct_na_base_pair.i_label_seq_id 
_ndb_struct_na_base_pair.i_symmetry 
_ndb_struct_na_base_pair.j_label_asym_id 
_ndb_struct_na_base_pair.j_label_comp_id 
_ndb_struct_na_base_pair.j_label_seq_id 
_ndb_struct_na_base_pair.j_symmetry 
_ndb_struct_na_base_pair.shear 
_ndb_struct_na_base_pair.stretch 
_ndb_struct_na_base_pair.stagger 
_ndb_struct_na_base_pair.buckle 
_ndb_struct_na_base_pair.propeller 
_ndb_struct_na_base_pair.opening 
_ndb_struct_na_base_pair.pair_number 
_ndb_struct_na_base_pair.pair_name 
_ndb_struct_na_base_pair.i_auth_asym_id 
_ndb_struct_na_base_pair.i_auth_seq_id 
_ndb_struct_na_base_pair.i_PDB_ins_code 
_ndb_struct_na_base_pair.j_auth_asym_id 
_ndb_struct_na_base_pair.j_auth_seq_id 
_ndb_struct_na_base_pair.j_PDB_ins_code 
_ndb_struct_na_base_pair.hbond_type_28 
_ndb_struct_na_base_pair.hbond_type_12 
1 A G   1  1_555 B C   10 1_555 -0.653 -0.096 -0.205 -3.583  -0.402  3.020  1  A_G1:C10_B  A 1  ? B 10 ? 19 1  
1 A CBV 2  1_555 B G   9  1_555 0.016  -0.079 -0.277 1.644   -9.172  -0.189 2  A_CBV2:G9_B A 2  ? B 9  ? 19 1  
1 A C   3  1_555 B G   8  1_555 0.314  0.219  0.147  -6.670  -6.173  -0.283 3  A_C3:G8_B   A 3  ? B 8  ? 19 1  
1 A G   4  1_555 B U   7  1_555 7.685  -2.938 -0.118 -6.675  -3.105  -7.324 4  A_G4:U7_B   A 4  ? B 7  ? ?  ?  
1 A G   5  1_555 B A   6  1_555 6.645  -4.536 0.756  27.560  9.408   2.197  5  A_G5:A6_B   A 5  ? B 6  ? 11 9  
1 A A   6  1_555 B G   5  1_555 -6.601 -4.731 0.724  -29.101 13.757  -4.463 6  A_A6:G5_B   A 6  ? B 5  ? 11 10 
1 A U   7  1_555 B G   4  1_555 -7.467 -2.906 0.429  2.106   -3.680  2.758  7  A_U7:G4_B   A 7  ? B 4  ? ?  ?  
1 A G   8  1_555 B C   3  1_555 -0.209 -0.038 0.087  7.985   -13.792 -1.799 8  A_G8:C3_B   A 8  ? B 3  ? 19 1  
1 A G   9  1_555 B CBV 2  1_555 -0.081 -0.121 0.054  0.807   -14.076 -0.061 9  A_G9:CBV2_B A 9  ? B 2  ? 19 1  
1 A C   10 1_555 B G   1  1_555 0.458  -0.051 -0.009 5.453   -9.447  3.659  10 A_C10:G1_B  A 10 ? B 1  ? 19 1  
# 
loop_
_ndb_struct_na_base_pair_step.model_number 
_ndb_struct_na_base_pair_step.i_label_asym_id_1 
_ndb_struct_na_base_pair_step.i_label_comp_id_1 
_ndb_struct_na_base_pair_step.i_label_seq_id_1 
_ndb_struct_na_base_pair_step.i_symmetry_1 
_ndb_struct_na_base_pair_step.j_label_asym_id_1 
_ndb_struct_na_base_pair_step.j_label_comp_id_1 
_ndb_struct_na_base_pair_step.j_label_seq_id_1 
_ndb_struct_na_base_pair_step.j_symmetry_1 
_ndb_struct_na_base_pair_step.i_label_asym_id_2 
_ndb_struct_na_base_pair_step.i_label_comp_id_2 
_ndb_struct_na_base_pair_step.i_label_seq_id_2 
_ndb_struct_na_base_pair_step.i_symmetry_2 
_ndb_struct_na_base_pair_step.j_label_asym_id_2 
_ndb_struct_na_base_pair_step.j_label_comp_id_2 
_ndb_struct_na_base_pair_step.j_label_seq_id_2 
_ndb_struct_na_base_pair_step.j_symmetry_2 
_ndb_struct_na_base_pair_step.shift 
_ndb_struct_na_base_pair_step.slide 
_ndb_struct_na_base_pair_step.rise 
_ndb_struct_na_base_pair_step.tilt 
_ndb_struct_na_base_pair_step.roll 
_ndb_struct_na_base_pair_step.twist 
_ndb_struct_na_base_pair_step.x_displacement 
_ndb_struct_na_base_pair_step.y_displacement 
_ndb_struct_na_base_pair_step.helical_rise 
_ndb_struct_na_base_pair_step.inclination 
_ndb_struct_na_base_pair_step.tip 
_ndb_struct_na_base_pair_step.helical_twist 
_ndb_struct_na_base_pair_step.step_number 
_ndb_struct_na_base_pair_step.step_name 
_ndb_struct_na_base_pair_step.i_auth_asym_id_1 
_ndb_struct_na_base_pair_step.i_auth_seq_id_1 
_ndb_struct_na_base_pair_step.i_PDB_ins_code_1 
_ndb_struct_na_base_pair_step.j_auth_asym_id_1 
_ndb_struct_na_base_pair_step.j_auth_seq_id_1 
_ndb_struct_na_base_pair_step.j_PDB_ins_code_1 
_ndb_struct_na_base_pair_step.i_auth_asym_id_2 
_ndb_struct_na_base_pair_step.i_auth_seq_id_2 
_ndb_struct_na_base_pair_step.i_PDB_ins_code_2 
_ndb_struct_na_base_pair_step.j_auth_asym_id_2 
_ndb_struct_na_base_pair_step.j_auth_seq_id_2 
_ndb_struct_na_base_pair_step.j_PDB_ins_code_2 
1 A G   1 1_555 B C   10 1_555 A CBV 2  1_555 B G   9 1_555 -0.406 -1.833 3.182 -0.979 4.557   35.189 -3.634 0.531  2.939 7.497  
1.611   35.487  1 AA_G1CBV2:G9C10_BB A 1 ? B 10 ? A 2  ? B 9 ? 
1 A CBV 2 1_555 B G   9  1_555 A C   3  1_555 B G   8 1_555 0.501  -1.776 3.419 1.410  8.834   34.619 -4.151 -0.617 2.910 14.547 
-2.322  35.722  2 AA_CBV2C3:G8G9_BB  A 2 ? B 9  ? A 3  ? B 8 ? 
1 A C   3 1_555 B G   8  1_555 A G   4  1_555 B U   7 1_555 -0.629 -1.009 3.516 7.168  7.739   57.042 -1.474 1.050  3.271 8.028  
-7.436  57.928  3 AA_C3G4:U7G8_BB    A 3 ? B 8  ? A 4  ? B 7 ? 
1 A G   4 1_555 B U   7  1_555 A G   5  1_555 B A   6 1_555 1.296  -0.888 2.803 7.231  7.596   27.114 -3.229 -1.197 2.710 15.486 
-14.742 29.036  4 AA_G4G5:A6U7_BB    A 4 ? B 7  ? A 5  ? B 6 ? 
1 A G   5 1_555 B A   6  1_555 A A   6  1_555 B G   5 1_555 -0.758 -1.424 4.815 -0.260 -12.051 -8.652 18.334 -3.212 1.646 54.442 
-1.175  -14.828 5 AA_G5A6:G5A6_BB    A 5 ? B 6  ? A 6  ? B 5 ? 
1 A A   6 1_555 B G   5  1_555 A U   7  1_555 B G   4 1_555 -0.628 -1.275 2.977 -9.495 4.404   21.209 -4.457 -1.362 2.691 11.134 
24.004  23.625  6 AA_A6U7:G4G5_BB    A 6 ? B 5  ? A 7  ? B 4 ? 
1 A U   7 1_555 B G   4  1_555 A G   8  1_555 B C   3 1_555 -0.252 -0.655 3.279 -2.888 7.183   56.785 -1.073 0.106  3.190 7.514  
3.021   57.266  7 AA_U7G8:C3G4_BB    A 7 ? B 4  ? A 8  ? B 3 ? 
1 A G   8 1_555 B C   3  1_555 A G   9  1_555 B CBV 2 1_555 -0.171 -1.621 3.443 -2.218 5.885   33.611 -3.700 -0.063 3.128 10.067 
3.794   34.178  8 AA_G8G9:CBV2C3_BB  A 8 ? B 3  ? A 9  ? B 2 ? 
1 A G   9 1_555 B CBV 2  1_555 A C   10 1_555 B G   1 1_555 0.629  -1.524 3.143 1.241  2.533   34.661 -2.917 -0.874 3.047 4.243  
-2.078  34.772  9 AA_G9C10:G1CBV2_BB A 9 ? B 2  ? A 10 ? B 1 ? 
# 
_atom_sites.entry_id                    5LR3 
_atom_sites.fract_transf_matrix[1][1]   0.00711995 
_atom_sites.fract_transf_matrix[1][2]   0.02872781 
_atom_sites.fract_transf_matrix[1][3]   0.00508133 
_atom_sites.fract_transf_matrix[2][1]   -0.02367699 
_atom_sites.fract_transf_matrix[2][2]   0.00263431 
_atom_sites.fract_transf_matrix[2][3]   0.01828282 
_atom_sites.fract_transf_matrix[3][1]   0.00469441 
_atom_sites.fract_transf_matrix[3][2]   -0.00229734 
_atom_sites.fract_transf_matrix[3][3]   0.00641047 
_atom_sites.fract_transf_vector[1]      0.055736 
_atom_sites.fract_transf_vector[2]      -0.479663 
_atom_sites.fract_transf_vector[3]      0.058290 
# 
loop_
_atom_type.symbol 
BR 
C  
N  
O  
P  
S  
# 
loop_
_atom_site.group_PDB 
_atom_site.id 
_atom_site.type_symbol 
_atom_site.label_atom_id 
_atom_site.label_alt_id 
_atom_site.label_comp_id 
_atom_site.label_asym_id 
_atom_site.label_entity_id 
_atom_site.label_seq_id 
_atom_site.pdbx_PDB_ins_code 
_atom_site.Cartn_x 
_atom_site.Cartn_y 
_atom_site.Cartn_z 
_atom_site.occupancy 
_atom_site.B_iso_or_equiv 
_atom_site.pdbx_formal_charge 
_atom_site.auth_seq_id 
_atom_site.auth_comp_id 
_atom_site.auth_asym_id 
_atom_site.auth_atom_id 
_atom_site.pdbx_PDB_model_num 
ATOM   1   O  "O5'" . G   A 1 1  ? 5.888   2.051  13.521  1.00 38.25  ? 1   G   A "O5'" 1 
ATOM   2   C  "C5'" . G   A 1 1  ? 5.957   3.238  14.298  1.00 37.94  ? 1   G   A "C5'" 1 
ATOM   3   C  "C4'" . G   A 1 1  ? 7.197   4.033  13.979  1.00 37.73  ? 1   G   A "C4'" 1 
ATOM   4   O  "O4'" . G   A 1 1  ? 8.370   3.192  14.143  1.00 37.80  ? 1   G   A "O4'" 1 
ATOM   5   C  "C3'" . G   A 1 1  ? 7.310   4.553  12.553  1.00 38.83  ? 1   G   A "C3'" 1 
ATOM   6   O  "O3'" . G   A 1 1  ? 6.580   5.752  12.343  1.00 39.68  ? 1   G   A "O3'" 1 
ATOM   7   C  "C2'" . G   A 1 1  ? 8.815   4.713  12.377  1.00 38.70  ? 1   G   A "C2'" 1 
ATOM   8   O  "O2'" . G   A 1 1  ? 9.268   5.900  13.010  1.00 38.14  ? 1   G   A "O2'" 1 
ATOM   9   C  "C1'" . G   A 1 1  ? 9.339   3.517  13.169  1.00 37.36  ? 1   G   A "C1'" 1 
ATOM   10  N  N9    . G   A 1 1  ? 9.554   2.335  12.313  1.00 37.69  ? 1   G   A N9    1 
ATOM   11  C  C8    . G   A 1 1  ? 8.860   1.150  12.361  1.00 37.77  ? 1   G   A C8    1 
ATOM   12  N  N7    . G   A 1 1  ? 9.271   0.277  11.481  1.00 38.86  ? 1   G   A N7    1 
ATOM   13  C  C5    . G   A 1 1  ? 10.301  0.924  10.813  1.00 39.01  ? 1   G   A C5    1 
ATOM   14  C  C6    . G   A 1 1  ? 11.128  0.476  9.751   1.00 39.18  ? 1   G   A C6    1 
ATOM   15  O  O6    . G   A 1 1  ? 11.115  -0.617 9.171   1.00 39.51  ? 1   G   A O6    1 
ATOM   16  N  N1    . G   A 1 1  ? 12.045  1.450  9.372   1.00 39.44  ? 1   G   A N1    1 
ATOM   17  C  C2    . G   A 1 1  ? 12.154  2.696  9.939   1.00 39.15  ? 1   G   A C2    1 
ATOM   18  N  N2    . G   A 1 1  ? 13.104  3.495  9.433   1.00 39.67  ? 1   G   A N2    1 
ATOM   19  N  N3    . G   A 1 1  ? 11.390  3.125  10.929  1.00 38.51  ? 1   G   A N3    1 
ATOM   20  C  C4    . G   A 1 1  ? 10.491  2.194  11.315  1.00 38.20  ? 1   G   A C4    1 
HETATM 21  O  O3P   . CBV A 1 2  ? 5.486   4.649  10.816  1.00 45.93  ? 2   CBV A O3P   1 
HETATM 22  P  P     . CBV A 1 2  ? 5.945   6.084  10.902  1.00 41.21  ? 2   CBV A P     1 
HETATM 23  O  O1P   . CBV A 1 2  ? 5.283   7.274  11.556  1.00 42.05  ? 2   CBV A O1P   1 
HETATM 24  O  O2P   . CBV A 1 2  ? 5.100   6.360  9.681   1.00 52.13  ? 2   CBV A O2P   1 
HETATM 25  O  "O5'" . CBV A 1 2  ? 7.273   6.421  10.090  1.00 41.33  ? 2   CBV A "O5'" 1 
HETATM 26  C  "C5'" . CBV A 1 2  ? 7.984   7.629  10.321  1.00 41.27  ? 2   CBV A "C5'" 1 
HETATM 27  C  "C4'" . CBV A 1 2  ? 9.145   7.778  9.370   1.00 41.70  ? 2   CBV A "C4'" 1 
HETATM 28  O  "O4'" . CBV A 1 2  ? 10.084  6.687  9.564   1.00 40.96  ? 2   CBV A "O4'" 1 
HETATM 29  C  "C3'" . CBV A 1 2  ? 8.810   7.709  7.889   1.00 43.08  ? 2   CBV A "C3'" 1 
HETATM 30  O  "O3'" . CBV A 1 2  ? 8.284   8.917  7.373   1.00 44.22  ? 2   CBV A "O3'" 1 
HETATM 31  C  "C2'" . CBV A 1 2  ? 10.141  7.303  7.273   1.00 43.12  ? 2   CBV A "C2'" 1 
HETATM 32  O  "O2'" . CBV A 1 2  ? 11.029  8.409  7.214   1.00 43.67  ? 2   CBV A "O2'" 1 
HETATM 33  C  "C1'" . CBV A 1 2  ? 10.660  6.324  8.324   1.00 41.71  ? 2   CBV A "C1'" 1 
HETATM 34  N  N1    . CBV A 1 2  ? 10.267  4.933  8.011   1.00 41.67  ? 2   CBV A N1    1 
HETATM 35  C  C2    . CBV A 1 2  ? 11.016  4.183  6.973   1.00 42.29  ? 2   CBV A C2    1 
HETATM 36  O  O2    . CBV A 1 2  ? 11.921  4.695  6.411   1.00 44.35  ? 2   CBV A O2    1 
HETATM 37  N  N3    . CBV A 1 2  ? 10.629  2.789  6.643   1.00 42.36  ? 2   CBV A N3    1 
HETATM 38  C  C4    . CBV A 1 2  ? 9.522   2.152  7.325   1.00 41.85  ? 2   CBV A C4    1 
HETATM 39  N  N4    . CBV A 1 2  ? 9.152   0.789  6.998   1.00 42.03  ? 2   CBV A N4    1 
HETATM 40  C  C5    . CBV A 1 2  ? 8.765   2.902  8.365   1.00 41.27  ? 2   CBV A C5    1 
HETATM 41  C  C6    . CBV A 1 2  ? 9.150   4.305  8.698   1.00 41.19  ? 2   CBV A C6    1 
HETATM 42  BR BR    . CBV A 1 2  ? 7.286   2.045  9.275   1.00 40.86  ? 2   CBV A BR    1 
ATOM   43  P  P     . C   A 1 3  ? 7.155   8.869  6.233   1.00 45.71  ? 3   C   A P     1 
ATOM   44  O  OP1   . C   A 1 3  ? 6.699   10.259 5.973   1.00 46.78  ? 3   C   A OP1   1 
ATOM   45  O  OP2   . C   A 1 3  ? 6.164   7.831  6.614   1.00 45.39  ? 3   C   A OP2   1 
ATOM   46  O  "O5'" . C   A 1 3  ? 7.931   8.350  4.941   1.00 46.44  ? 3   C   A "O5'" 1 
ATOM   47  C  "C5'" . C   A 1 3  ? 8.982   9.113  4.369   1.00 46.97  ? 3   C   A "C5'" 1 
ATOM   48  C  "C4'" . C   A 1 3  ? 9.694   8.363  3.271   1.00 47.61  ? 3   C   A "C4'" 1 
ATOM   49  O  "O4'" . C   A 1 3  ? 10.259  7.131  3.791   1.00 46.47  ? 3   C   A "O4'" 1 
ATOM   50  C  "C3'" . C   A 1 3  ? 8.843   7.904  2.098   1.00 48.93  ? 3   C   A "C3'" 1 
ATOM   51  O  "O3'" . C   A 1 3  ? 8.577   8.939  1.167   1.00 50.46  ? 3   C   A "O3'" 1 
ATOM   52  C  "C2'" . C   A 1 3  ? 9.671   6.767  1.518   1.00 48.94  ? 3   C   A "C2'" 1 
ATOM   53  O  "O2'" . C   A 1 3  ? 10.740  7.276  0.735   1.00 49.79  ? 3   C   A "O2'" 1 
ATOM   54  C  "C1'" . C   A 1 3  ? 10.257  6.140  2.784   1.00 47.21  ? 3   C   A "C1'" 1 
ATOM   55  N  N1    . C   A 1 3  ? 9.466   4.977  3.251   1.00 46.54  ? 3   C   A N1    1 
ATOM   56  C  C2    . C   A 1 3  ? 9.603   3.756  2.582   1.00 46.91  ? 3   C   A C2    1 
ATOM   57  O  O2    . C   A 1 3  ? 10.379  3.676  1.617   1.00 47.79  ? 3   C   A O2    1 
ATOM   58  N  N3    . C   A 1 3  ? 8.887   2.687  2.999   1.00 46.41  ? 3   C   A N3    1 
ATOM   59  C  C4    . C   A 1 3  ? 8.062   2.801  4.040   1.00 45.60  ? 3   C   A C4    1 
ATOM   60  N  N4    . C   A 1 3  ? 7.377   1.719  4.416   1.00 45.25  ? 3   C   A N4    1 
ATOM   61  C  C5    . C   A 1 3  ? 7.901   4.033  4.739   1.00 45.23  ? 3   C   A C5    1 
ATOM   62  C  C6    . C   A 1 3  ? 8.616   5.084  4.317   1.00 45.71  ? 3   C   A C6    1 
ATOM   63  P  P     . G   A 1 4  ? 7.134   9.051  0.467   1.00 51.81  ? 4   G   A P     1 
ATOM   64  O  OP1   . G   A 1 4  ? 7.176   10.188 -0.487  1.00 53.41  ? 4   G   A OP1   1 
ATOM   65  O  OP2   . G   A 1 4  ? 6.100   9.028  1.531   1.00 51.06  ? 4   G   A OP2   1 
ATOM   66  O  "O5'" . G   A 1 4  ? 6.995   7.701  -0.370  1.00 52.28  ? 4   G   A "O5'" 1 
ATOM   67  C  "C5'" . G   A 1 4  ? 7.846   7.427  -1.476  1.00 53.17  ? 4   G   A "C5'" 1 
ATOM   68  C  "C4'" . G   A 1 4  ? 7.778   5.971  -1.867  1.00 53.16  ? 4   G   A "C4'" 1 
ATOM   69  O  "O4'" . G   A 1 4  ? 8.078   5.146  -0.712  1.00 51.42  ? 4   G   A "O4'" 1 
ATOM   70  C  "C3'" . G   A 1 4  ? 6.419   5.479  -2.340  1.00 54.09  ? 4   G   A "C3'" 1 
ATOM   71  O  "O3'" . G   A 1 4  ? 6.207   5.741  -3.717  1.00 55.98  ? 4   G   A "O3'" 1 
ATOM   72  C  "C2'" . G   A 1 4  ? 6.453   3.991  -2.008  1.00 53.24  ? 4   G   A "C2'" 1 
ATOM   73  O  "O2'" . G   A 1 4  ? 7.147   3.269  -3.015  1.00 54.04  ? 4   G   A "O2'" 1 
ATOM   74  C  "C1'" . G   A 1 4  ? 7.297   3.972  -0.734  1.00 51.39  ? 4   G   A "C1'" 1 
ATOM   75  N  N9    . G   A 1 4  ? 6.487   3.926  0.501   1.00 50.27  ? 4   G   A N9    1 
ATOM   76  C  C8    . G   A 1 4  ? 6.141   4.992  1.297   1.00 49.82  ? 4   G   A C8    1 
ATOM   77  N  N7    . G   A 1 4  ? 5.435   4.650  2.339   1.00 48.93  ? 4   G   A N7    1 
ATOM   78  C  C5    . G   A 1 4  ? 5.313   3.272  2.233   1.00 48.74  ? 4   G   A C5    1 
ATOM   79  C  C6    . G   A 1 4  ? 4.653   2.342  3.079   1.00 47.98  ? 4   G   A C6    1 
ATOM   80  O  O6    . G   A 1 4  ? 4.023   2.559  4.122   1.00 47.33  ? 4   G   A O6    1 
ATOM   81  N  N1    . G   A 1 4  ? 4.772   1.042  2.605   1.00 48.16  ? 4   G   A N1    1 
ATOM   82  C  C2    . G   A 1 4  ? 5.443   0.678  1.465   1.00 48.99  ? 4   G   A C2    1 
ATOM   83  N  N2    . G   A 1 4  ? 5.445   -0.632 1.179   1.00 49.13  ? 4   G   A N2    1 
ATOM   84  N  N3    . G   A 1 4  ? 6.064   1.534  0.667   1.00 49.73  ? 4   G   A N3    1 
ATOM   85  C  C4    . G   A 1 4  ? 5.961   2.807  1.107   1.00 49.54  ? 4   G   A C4    1 
ATOM   86  P  P     . G   A 1 5  ? 4.809   6.343  -4.230  1.00 50.19  ? 5   G   A P     1 
ATOM   87  O  OP1   . G   A 1 5  ? 5.001   6.801  -5.630  1.00 51.55  ? 5   G   A OP1   1 
ATOM   88  O  OP2   . G   A 1 5  ? 4.312   7.297  -3.207  1.00 48.42  ? 5   G   A OP2   1 
ATOM   89  O  "O5'" . G   A 1 5  ? 3.835   5.083  -4.249  1.00 47.34  ? 5   G   A "O5'" 1 
ATOM   90  C  "C5'" . G   A 1 5  ? 4.232   3.867  -4.874  1.00 51.13  ? 5   G   A "C5'" 1 
ATOM   91  C  "C4'" . G   A 1 5  ? 3.368   2.706  -4.447  1.00 49.02  ? 5   G   A "C4'" 1 
ATOM   92  O  "O4'" . G   A 1 5  ? 3.380   2.607  -2.994  1.00 52.79  ? 5   G   A "O4'" 1 
ATOM   93  C  "C3'" . G   A 1 5  ? 1.897   2.801  -4.854  1.00 49.00  ? 5   G   A "C3'" 1 
ATOM   94  O  "O3'" . G   A 1 5  ? 1.403   1.496  -5.145  1.00 46.63  ? 5   G   A "O3'" 1 
ATOM   95  C  "C2'" . G   A 1 5  ? 1.230   3.324  -3.587  1.00 46.02  ? 5   G   A "C2'" 1 
ATOM   96  O  "O2'" . G   A 1 5  ? -0.144  3.019  -3.471  1.00 43.60  ? 5   G   A "O2'" 1 
ATOM   97  C  "C1'" . G   A 1 5  ? 2.053   2.633  -2.506  1.00 46.83  ? 5   G   A "C1'" 1 
ATOM   98  N  N9    . G   A 1 5  ? 2.030   3.323  -1.215  1.00 45.90  ? 5   G   A N9    1 
ATOM   99  C  C8    . G   A 1 5  ? 2.107   4.678  -0.995  1.00 44.43  ? 5   G   A C8    1 
ATOM   100 N  N7    . G   A 1 5  ? 2.045   4.993  0.270   1.00 45.86  ? 5   G   A N7    1 
ATOM   101 C  C5    . G   A 1 5  ? 1.912   3.775  0.924   1.00 42.46  ? 5   G   A C5    1 
ATOM   102 C  C6    . G   A 1 5  ? 1.793   3.480  2.305   1.00 42.85  ? 5   G   A C6    1 
ATOM   103 O  O6    . G   A 1 5  ? 1.790   4.260  3.264   1.00 51.31  ? 5   G   A O6    1 
ATOM   104 N  N1    . G   A 1 5  ? 1.678   2.110  2.526   1.00 41.38  ? 5   G   A N1    1 
ATOM   105 C  C2    . G   A 1 5  ? 1.677   1.149  1.547   1.00 40.59  ? 5   G   A C2    1 
ATOM   106 N  N2    . G   A 1 5  ? 1.558   -0.118 1.962   1.00 40.74  ? 5   G   A N2    1 
ATOM   107 N  N3    . G   A 1 5  ? 1.784   1.412  0.257   1.00 41.67  ? 5   G   A N3    1 
ATOM   108 C  C4    . G   A 1 5  ? 1.897   2.735  0.020   1.00 45.12  ? 5   G   A C4    1 
ATOM   109 P  P     . A   A 1 6  ? 0.090   1.318  -6.052  1.00 48.01  ? 6   A   A P     1 
ATOM   110 O  OP1   . A   A 1 6  ? 0.176   2.253  -7.203  1.00 53.66  ? 6   A   A OP1   1 
ATOM   111 O  OP2   . A   A 1 6  ? -1.082  1.365  -5.142  1.00 44.14  ? 6   A   A OP2   1 
ATOM   112 O  "O5'" . A   A 1 6  ? 0.206   -0.166 -6.613  1.00 48.31  ? 6   A   A "O5'" 1 
ATOM   113 C  "C5'" . A   A 1 6  ? 1.348   -0.592 -7.339  1.00 52.75  ? 6   A   A "C5'" 1 
ATOM   114 C  "C4'" . A   A 1 6  ? 1.440   -2.093 -7.326  1.00 50.52  ? 6   A   A "C4'" 1 
ATOM   115 O  "O4'" . A   A 1 6  ? 2.016   -2.531 -6.067  1.00 53.75  ? 6   A   A "O4'" 1 
ATOM   116 C  "C3'" . A   A 1 6  ? 0.100   -2.806 -7.394  1.00 52.78  ? 6   A   A "C3'" 1 
ATOM   117 O  "O3'" . A   A 1 6  ? -0.390  -2.937 -8.717  1.00 47.96  ? 6   A   A "O3'" 1 
ATOM   118 C  "C2'" . A   A 1 6  ? 0.385   -4.128 -6.698  1.00 49.60  ? 6   A   A "C2'" 1 
ATOM   119 O  "O2'" . A   A 1 6  ? 1.090   -5.005 -7.564  1.00 51.40  ? 6   A   A "O2'" 1 
ATOM   120 C  "C1'" . A   A 1 6  ? 1.337   -3.675 -5.594  1.00 48.03  ? 6   A   A "C1'" 1 
ATOM   121 N  N9    . A   A 1 6  ? 0.619   -3.286 -4.366  1.00 48.01  ? 6   A   A N9    1 
ATOM   122 C  C8    . A   A 1 6  ? 0.549   -2.017 -3.844  1.00 49.52  ? 6   A   A C8    1 
ATOM   123 N  N7    . A   A 1 6  ? -0.147  -1.929 -2.740  1.00 50.13  ? 6   A   A N7    1 
ATOM   124 C  C5    . A   A 1 6  ? -0.565  -3.230 -2.511  1.00 45.26  ? 6   A   A C5    1 
ATOM   125 C  C6    . A   A 1 6  ? -1.344  -3.797 -1.487  1.00 43.83  ? 6   A   A C6    1 
ATOM   126 N  N6    . A   A 1 6  ? -1.856  -3.096 -0.470  1.00 38.05  ? 6   A   A N6    1 
ATOM   127 N  N1    . A   A 1 6  ? -1.584  -5.127 -1.544  1.00 41.91  ? 6   A   A N1    1 
ATOM   128 C  C2    . A   A 1 6  ? -1.069  -5.824 -2.566  1.00 39.85  ? 6   A   A C2    1 
ATOM   129 N  N3    . A   A 1 6  ? -0.321  -5.404 -3.586  1.00 42.33  ? 6   A   A N3    1 
ATOM   130 C  C4    . A   A 1 6  ? -0.100  -4.081 -3.502  1.00 45.00  ? 6   A   A C4    1 
ATOM   131 P  P     . U   A 1 7  ? -1.962  -2.792 -9.011  1.00 50.73  ? 7   U   A P     1 
ATOM   132 O  OP1   . U   A 1 7  ? -2.140  -2.543 -10.465 1.00 53.58  ? 7   U   A OP1   1 
ATOM   133 O  OP2   . U   A 1 7  ? -2.536  -1.843 -8.025  1.00 47.68  ? 7   U   A OP2   1 
ATOM   134 O  "O5'" . U   A 1 7  ? -2.534  -4.243 -8.695  1.00 45.60  ? 7   U   A "O5'" 1 
ATOM   135 C  "C5'" . U   A 1 7  ? -1.896  -5.395 -9.223  1.00 50.36  ? 7   U   A "C5'" 1 
ATOM   136 C  "C4'" . U   A 1 7  ? -2.282  -6.636 -8.465  1.00 46.95  ? 7   U   A "C4'" 1 
ATOM   137 O  "O4'" . U   A 1 7  ? -1.794  -6.558 -7.097  1.00 46.21  ? 7   U   A "O4'" 1 
ATOM   138 C  "C3'" . U   A 1 7  ? -3.771  -6.874 -8.301  1.00 43.06  ? 7   U   A "C3'" 1 
ATOM   139 O  "O3'" . U   A 1 7  ? -4.387  -7.409 -9.459  1.00 45.58  ? 7   U   A "O3'" 1 
ATOM   140 C  "C2'" . U   A 1 7  ? -3.819  -7.794 -7.090  1.00 41.24  ? 7   U   A "C2'" 1 
ATOM   141 O  "O2'" . U   A 1 7  ? -3.438  -9.113 -7.451  1.00 44.21  ? 7   U   A "O2'" 1 
ATOM   142 C  "C1'" . U   A 1 7  ? -2.711  -7.194 -6.226  1.00 42.49  ? 7   U   A "C1'" 1 
ATOM   143 N  N1    . U   A 1 7  ? -3.241  -6.189 -5.275  1.00 43.01  ? 7   U   A N1    1 
ATOM   144 C  C2    . U   A 1 7  ? -3.927  -6.649 -4.166  1.00 38.78  ? 7   U   A C2    1 
ATOM   145 O  O2    . U   A 1 7  ? -4.108  -7.834 -3.936  1.00 40.39  ? 7   U   A O2    1 
ATOM   146 N  N3    . U   A 1 7  ? -4.396  -5.672 -3.324  1.00 37.95  ? 7   U   A N3    1 
ATOM   147 C  C4    . U   A 1 7  ? -4.256  -4.308 -3.472  1.00 38.22  ? 7   U   A C4    1 
ATOM   148 O  O4    . U   A 1 7  ? -4.738  -3.555 -2.624  1.00 37.37  ? 7   U   A O4    1 
ATOM   149 C  C5    . U   A 1 7  ? -3.537  -3.909 -4.643  1.00 40.24  ? 7   U   A C5    1 
ATOM   150 C  C6    . U   A 1 7  ? -3.067  -4.840 -5.481  1.00 45.83  ? 7   U   A C6    1 
ATOM   151 P  P     . G   A 1 8  ? -5.744  -6.753 -10.015 1.00 45.84  ? 8   G   A P     1 
ATOM   152 O  OP1   . G   A 1 8  ? -6.160  -7.508 -11.224 1.00 47.13  ? 8   G   A OP1   1 
ATOM   153 O  OP2   . G   A 1 8  ? -5.543  -5.283 -10.097 1.00 44.70  ? 8   G   A OP2   1 
ATOM   154 O  "O5'" . G   A 1 8  ? -6.805  -7.040 -8.863  1.00 39.70  ? 8   G   A "O5'" 1 
ATOM   155 C  "C5'" . G   A 1 8  ? -7.052  -8.367 -8.421  1.00 39.55  ? 8   G   A "C5'" 1 
ATOM   156 C  "C4'" . G   A 1 8  ? -7.694  -8.392 -7.058  1.00 35.57  ? 8   G   A "C4'" 1 
ATOM   157 O  "O4'" . G   A 1 8  ? -6.850  -7.714 -6.090  1.00 35.72  ? 8   G   A "O4'" 1 
ATOM   158 C  "C3'" . G   A 1 8  ? -9.028  -7.679 -6.938  1.00 36.71  ? 8   G   A "C3'" 1 
ATOM   159 O  "O3'" . G   A 1 8  ? -10.109 -8.443 -7.441  1.00 35.85  ? 8   G   A "O3'" 1 
ATOM   160 C  "C2'" . G   A 1 8  ? -9.113  -7.401 -5.443  1.00 35.98  ? 8   G   A "C2'" 1 
ATOM   161 O  "O2'" . G   A 1 8  ? -9.470  -8.579 -4.737  1.00 30.10  ? 8   G   A "O2'" 1 
ATOM   162 C  "C1'" . G   A 1 8  ? -7.654  -7.074 -5.119  1.00 33.51  ? 8   G   A "C1'" 1 
ATOM   163 N  N9    . G   A 1 8  ? -7.397  -5.621 -5.168  1.00 35.06  ? 8   G   A N9    1 
ATOM   164 C  C8    . G   A 1 8  ? -6.751  -4.920 -6.156  1.00 37.42  ? 8   G   A C8    1 
ATOM   165 N  N7    . G   A 1 8  ? -6.683  -3.640 -5.913  1.00 39.57  ? 8   G   A N7    1 
ATOM   166 C  C5    . G   A 1 8  ? -7.325  -3.483 -4.693  1.00 36.30  ? 8   G   A C5    1 
ATOM   167 C  C6    . G   A 1 8  ? -7.565  -2.316 -3.921  1.00 36.20  ? 8   G   A C6    1 
ATOM   168 O  O6    . G   A 1 8  ? -7.247  -1.148 -4.173  1.00 36.99  ? 8   G   A O6    1 
ATOM   169 N  N1    . G   A 1 8  ? -8.252  -2.610 -2.748  1.00 34.27  ? 8   G   A N1    1 
ATOM   170 C  C2    . G   A 1 8  ? -8.656  -3.863 -2.363  1.00 31.94  ? 8   G   A C2    1 
ATOM   171 N  N2    . G   A 1 8  ? -9.306  -3.942 -1.192  1.00 29.27  ? 8   G   A N2    1 
ATOM   172 N  N3    . G   A 1 8  ? -8.438  -4.959 -3.073  1.00 31.97  ? 8   G   A N3    1 
ATOM   173 C  C4    . G   A 1 8  ? -7.773  -4.698 -4.219  1.00 35.16  ? 8   G   A C4    1 
ATOM   174 P  P     . G   A 1 9  ? -11.369 -7.709 -8.114  1.00 36.71  ? 9   G   A P     1 
ATOM   175 O  OP1   . G   A 1 9  ? -12.184 -8.736 -8.812  1.00 37.03  ? 9   G   A OP1   1 
ATOM   176 O  OP2   . G   A 1 9  ? -10.870 -6.526 -8.860  1.00 37.22  ? 9   G   A OP2   1 
ATOM   177 O  "O5'" . G   A 1 9  ? -12.206 -7.180 -6.869  1.00 34.77  ? 9   G   A "O5'" 1 
ATOM   178 C  "C5'" . G   A 1 9  ? -12.624 -8.068 -5.844  1.00 28.45  ? 9   G   A "C5'" 1 
ATOM   179 C  "C4'" . G   A 1 9  ? -13.202 -7.315 -4.676  1.00 29.54  ? 9   G   A "C4'" 1 
ATOM   180 O  "O4'" . G   A 1 9  ? -12.151 -6.579 -4.000  1.00 27.42  ? 9   G   A "O4'" 1 
ATOM   181 C  "C3'" . G   A 1 9  ? -14.230 -6.252 -5.029  1.00 25.95  ? 9   G   A "C3'" 1 
ATOM   182 O  "O3'" . G   A 1 9  ? -15.522 -6.787 -5.241  1.00 24.77  ? 9   G   A "O3'" 1 
ATOM   183 C  "C2'" . G   A 1 9  ? -14.145 -5.298 -3.846  1.00 27.60  ? 9   G   A "C2'" 1 
ATOM   184 O  "O2'" . G   A 1 9  ? -14.851 -5.817 -2.729  1.00 24.21  ? 9   G   A "O2'" 1 
ATOM   185 C  "C1'" . G   A 1 9  ? -12.647 -5.341 -3.538  1.00 27.43  ? 9   G   A "C1'" 1 
ATOM   186 N  N9    . G   A 1 9  ? -11.917 -4.264 -4.230  1.00 30.88  ? 9   G   A N9    1 
ATOM   187 C  C8    . G   A 1 9  ? -11.139 -4.378 -5.356  1.00 34.67  ? 9   G   A C8    1 
ATOM   188 N  N7    . G   A 1 9  ? -10.623 -3.240 -5.737  1.00 39.92  ? 9   G   A N7    1 
ATOM   189 C  C5    . G   A 1 9  ? -11.093 -2.325 -4.806  1.00 35.90  ? 9   G   A C5    1 
ATOM   190 C  C6    . G   A 1 9  ? -10.871 -0.929 -4.699  1.00 37.96  ? 9   G   A C6    1 
ATOM   191 O  O6    . G   A 1 9  ? -10.194 -0.192 -5.426  1.00 38.54  ? 9   G   A O6    1 
ATOM   192 N  N1    . G   A 1 9  ? -11.540 -0.396 -3.604  1.00 33.82  ? 9   G   A N1    1 
ATOM   193 C  C2    . G   A 1 9  ? -12.322 -1.101 -2.723  1.00 32.60  ? 9   G   A C2    1 
ATOM   194 N  N2    . G   A 1 9  ? -12.881 -0.395 -1.729  1.00 29.90  ? 9   G   A N2    1 
ATOM   195 N  N3    . G   A 1 9  ? -12.536 -2.401 -2.813  1.00 30.79  ? 9   G   A N3    1 
ATOM   196 C  C4    . G   A 1 9  ? -11.895 -2.940 -3.871  1.00 31.99  ? 9   G   A C4    1 
ATOM   197 P  P     . C   A 1 10 ? -16.449 -6.197 -6.412  1.00 30.93  ? 10  C   A P     1 
ATOM   198 O  OP1   . C   A 1 10 ? -17.664 -7.045 -6.510  1.00 34.38  ? 10  C   A OP1   1 
ATOM   199 O  OP2   . C   A 1 10 ? -15.595 -5.995 -7.610  1.00 34.75  ? 10  C   A OP2   1 
ATOM   200 O  "O5'" . C   A 1 10 ? -16.886 -4.768 -5.861  1.00 27.44  ? 10  C   A "O5'" 1 
ATOM   201 C  "C5'" . C   A 1 10 ? -17.641 -4.661 -4.664  1.00 26.00  ? 10  C   A "C5'" 1 
ATOM   202 C  "C4'" . C   A 1 10 ? -17.666 -3.250 -4.136  1.00 24.41  ? 10  C   A "C4'" 1 
ATOM   203 O  "O4'" . C   A 1 10 ? -16.320 -2.806 -3.821  1.00 27.04  ? 10  C   A "O4'" 1 
ATOM   204 C  "C3'" . C   A 1 10 ? -18.184 -2.179 -5.081  1.00 27.71  ? 10  C   A "C3'" 1 
ATOM   205 O  "O3'" . C   A 1 10 ? -19.597 -2.157 -5.190  1.00 28.74  ? 10  C   A "O3'" 1 
ATOM   206 C  "C2'" . C   A 1 10 ? -17.594 -0.911 -4.480  1.00 27.13  ? 10  C   A "C2'" 1 
ATOM   207 O  "O2'" . C   A 1 10 ? -18.321 -0.520 -3.324  1.00 23.17  ? 10  C   A "O2'" 1 
ATOM   208 C  "C1'" . C   A 1 10 ? -16.219 -1.410 -4.030  1.00 30.00  ? 10  C   A "C1'" 1 
ATOM   209 N  N1    . C   A 1 10 ? -15.180 -1.144 -5.052  1.00 33.83  ? 10  C   A N1    1 
ATOM   210 C  C2    . C   A 1 10 ? -14.629 0.139  -5.109  1.00 36.06  ? 10  C   A C2    1 
ATOM   211 O  O2    . C   A 1 10 ? -15.018 0.998  -4.302  1.00 32.69  ? 10  C   A O2    1 
ATOM   212 N  N3    . C   A 1 10 ? -13.682 0.414  -6.037  1.00 39.70  ? 10  C   A N3    1 
ATOM   213 C  C4    . C   A 1 10 ? -13.288 -0.533 -6.888  1.00 39.99  ? 10  C   A C4    1 
ATOM   214 N  N4    . C   A 1 10 ? -12.352 -0.215 -7.785  1.00 41.83  ? 10  C   A N4    1 
ATOM   215 C  C5    . C   A 1 10 ? -13.836 -1.849 -6.855  1.00 40.32  ? 10  C   A C5    1 
ATOM   216 C  C6    . C   A 1 10 ? -14.771 -2.108 -5.932  1.00 36.75  ? 10  C   A C6    1 
ATOM   217 O  "O5'" . G   B 1 1  ? -8.855  9.614  -6.421  1.00 41.87  ? 1   G   B "O5'" 1 
ATOM   218 C  "C5'" . G   B 1 1  ? -9.630  10.671 -5.877  1.00 37.84  ? 1   G   B "C5'" 1 
ATOM   219 C  "C4'" . G   B 1 1  ? -10.894 10.156 -5.236  1.00 35.16  ? 1   G   B "C4'" 1 
ATOM   220 O  "O4'" . G   B 1 1  ? -11.681 9.434  -6.219  1.00 37.60  ? 1   G   B "O4'" 1 
ATOM   221 C  "C3'" . G   B 1 1  ? -10.709 9.160  -4.102  1.00 39.26  ? 1   G   B "C3'" 1 
ATOM   222 O  "O3'" . G   B 1 1  ? -10.419 9.785  -2.860  1.00 47.94  ? 1   G   B "O3'" 1 
ATOM   223 C  "C2'" . G   B 1 1  ? -12.028 8.397  -4.110  1.00 32.19  ? 1   G   B "C2'" 1 
ATOM   224 O  "O2'" . G   B 1 1  ? -13.047 9.152  -3.471  1.00 37.41  ? 1   G   B "O2'" 1 
ATOM   225 C  "C1'" . G   B 1 1  ? -12.338 8.345  -5.606  1.00 34.46  ? 1   G   B "C1'" 1 
ATOM   226 N  N9    . G   B 1 1  ? -11.862 7.098  -6.235  1.00 32.83  ? 1   G   B N9    1 
ATOM   227 C  C8    . G   B 1 1  ? -10.848 6.976  -7.154  1.00 32.34  ? 1   G   B C8    1 
ATOM   228 N  N7    . G   B 1 1  ? -10.652 5.746  -7.542  1.00 34.67  ? 1   G   B N7    1 
ATOM   229 C  C5    . G   B 1 1  ? -11.595 5.009  -6.841  1.00 36.17  ? 1   G   B C5    1 
ATOM   230 C  C6    . G   B 1 1  ? -11.864 3.614  -6.848  1.00 33.70  ? 1   G   B C6    1 
ATOM   231 O  O6    . G   B 1 1  ? -11.304 2.723  -7.498  1.00 32.57  ? 1   G   B O6    1 
ATOM   232 N  N1    . G   B 1 1  ? -12.906 3.291  -5.986  1.00 32.51  ? 1   G   B N1    1 
ATOM   233 C  C2    . G   B 1 1  ? -13.601 4.190  -5.216  1.00 31.10  ? 1   G   B C2    1 
ATOM   234 N  N2    . G   B 1 1  ? -14.575 3.682  -4.446  1.00 29.82  ? 1   G   B N2    1 
ATOM   235 N  N3    . G   B 1 1  ? -13.362 5.491  -5.200  1.00 31.89  ? 1   G   B N3    1 
ATOM   236 C  C4    . G   B 1 1  ? -12.353 5.829  -6.031  1.00 31.05  ? 1   G   B C4    1 
HETATM 237 O  O3P   . CBV B 1 2  ? -8.373  8.599  -0.848  1.00 82.32  ? 2   CBV B O3P   1 
HETATM 238 P  P     . CBV B 1 2  ? -9.462  9.068  -1.784  1.00 47.15  ? 2   CBV B P     1 
HETATM 239 O  O1P   . CBV B 1 2  ? -9.460  10.380 -1.032  1.00 54.28  ? 2   CBV B O1P   1 
HETATM 240 O  O2P   . CBV B 1 2  ? -8.593  8.605  -2.929  1.00 56.36  ? 2   CBV B O2P   1 
HETATM 241 O  "O5'" . CBV B 1 2  ? -10.470 7.974  -1.213  1.00 41.81  ? 2   CBV B "O5'" 1 
HETATM 242 C  "C5'" . CBV B 1 2  ? -11.549 8.350  -0.370  1.00 35.84  ? 2   CBV B "C5'" 1 
HETATM 243 C  "C4'" . CBV B 1 2  ? -12.394 7.162  0.017   1.00 33.94  ? 2   CBV B "C4'" 1 
HETATM 244 O  "O4'" . CBV B 1 2  ? -12.940 6.533  -1.174  1.00 32.39  ? 2   CBV B "O4'" 1 
HETATM 245 C  "C3'" . CBV B 1 2  ? -11.675 6.026  0.728   1.00 33.21  ? 2   CBV B "C3'" 1 
HETATM 246 O  "O3'" . CBV B 1 2  ? -11.455 6.274  2.105   1.00 38.89  ? 2   CBV B "O3'" 1 
HETATM 247 C  "C2'" . CBV B 1 2  ? -12.591 4.844  0.453   1.00 31.89  ? 2   CBV B "C2'" 1 
HETATM 248 O  "O2'" . CBV B 1 2  ? -13.746 4.898  1.277   1.00 33.44  ? 2   CBV B "O2'" 1 
HETATM 249 C  "C1'" . CBV B 1 2  ? -13.012 5.134  -0.985  1.00 35.37  ? 2   CBV B "C1'" 1 
HETATM 250 N  N1    . CBV B 1 2  ? -12.102 4.483  -1.949  1.00 30.56  ? 2   CBV B N1    1 
HETATM 251 C  C2    . CBV B 1 2  ? -12.243 3.033  -2.221  1.00 31.43  ? 2   CBV B C2    1 
HETATM 252 O  O2    . CBV B 1 2  ? -13.087 2.408  -1.677  1.00 29.99  ? 2   CBV B O2    1 
HETATM 253 N  N3    . CBV B 1 2  ? -11.326 2.374  -3.181  1.00 29.93  ? 2   CBV B N3    1 
HETATM 254 C  C4    . CBV B 1 2  ? -10.289 3.129  -3.851  1.00 30.38  ? 2   CBV B C4    1 
HETATM 255 N  N4    . CBV B 1 2  ? -9.399  2.473  -4.788  1.00 32.73  ? 2   CBV B N4    1 
HETATM 256 C  C5    . CBV B 1 2  ? -10.144 4.584  -3.571  1.00 31.59  ? 2   CBV B C5    1 
HETATM 257 C  C6    . CBV B 1 2  ? -11.063 5.253  -2.608  1.00 32.50  ? 2   CBV B C6    1 
HETATM 258 BR BR    . CBV B 1 2  ? -8.764  5.606  -4.462  1.00 36.33  ? 2   CBV B BR    1 
ATOM   259 P  P     . C   B 1 3  ? -10.186 5.619  2.843   1.00 40.34  ? 3   C   B P     1 
ATOM   260 O  OP1   . C   B 1 3  ? -10.168 6.108  4.245   1.00 47.22  ? 3   C   B OP1   1 
ATOM   261 O  OP2   . C   B 1 3  ? -8.997  5.815  1.978   1.00 37.83  ? 3   C   B OP2   1 
ATOM   262 O  "O5'" . C   B 1 3  ? -10.517 4.061  2.867   1.00 40.56  ? 3   C   B "O5'" 1 
ATOM   263 C  "C5'" . C   B 1 3  ? -11.676 3.575  3.525   1.00 35.38  ? 3   C   B "C5'" 1 
ATOM   264 C  "C4'" . C   B 1 3  ? -11.869 2.098  3.294   1.00 35.62  ? 3   C   B "C4'" 1 
ATOM   265 O  "O4'" . C   B 1 3  ? -12.045 1.837  1.877   1.00 34.21  ? 3   C   B "O4'" 1 
ATOM   266 C  "C3'" . C   B 1 3  ? -10.707 1.199  3.687   1.00 32.12  ? 3   C   B "C3'" 1 
ATOM   267 O  "O3'" . C   B 1 3  ? -10.661 0.927  5.078   1.00 32.70  ? 3   C   B "O3'" 1 
ATOM   268 C  "C2'" . C   B 1 3  ? -10.945 -0.040 2.833   1.00 29.01  ? 3   C   B "C2'" 1 
ATOM   269 O  "O2'" . C   B 1 3  ? -11.958 -0.856 3.402   1.00 28.11  ? 3   C   B "O2'" 1 
ATOM   270 C  "C1'" . C   B 1 3  ? -11.492 0.580  1.546   1.00 28.75  ? 3   C   B "C1'" 1 
ATOM   271 N  N1    . C   B 1 3  ? -10.435 0.772  0.525   1.00 30.30  ? 3   C   B N1    1 
ATOM   272 C  C2    . C   B 1 3  ? -10.029 -0.331 -0.235  1.00 29.08  ? 3   C   B C2    1 
ATOM   273 O  O2    . C   B 1 3  ? -10.560 -1.433 -0.030  1.00 27.74  ? 3   C   B O2    1 
ATOM   274 N  N3    . C   B 1 3  ? -9.068  -0.173 -1.175  1.00 28.84  ? 3   C   B N3    1 
ATOM   275 C  C4    . C   B 1 3  ? -8.519  1.026  -1.371  1.00 30.98  ? 3   C   B C4    1 
ATOM   276 N  N4    . C   B 1 3  ? -7.574  1.136  -2.309  1.00 31.61  ? 3   C   B N4    1 
ATOM   277 C  C5    . C   B 1 3  ? -8.912  2.165  -0.612  1.00 34.64  ? 3   C   B C5    1 
ATOM   278 C  C6    . C   B 1 3  ? -9.864  1.996  0.315   1.00 32.73  ? 3   C   B C6    1 
ATOM   279 P  P     . G   B 1 4  ? -9.263  0.985  5.870   1.00 37.77  ? 4   G   B P     1 
ATOM   280 O  OP1   . G   B 1 4  ? -9.510  0.536  7.265   1.00 35.88  ? 4   G   B OP1   1 
ATOM   281 O  OP2   . G   B 1 4  ? -8.643  2.311  5.627   1.00 43.65  ? 4   G   B OP2   1 
ATOM   282 O  "O5'" . G   B 1 4  ? -8.360  -0.111 5.151   1.00 34.51  ? 4   G   B "O5'" 1 
ATOM   283 C  "C5'" . G   B 1 4  ? -8.730  -1.482 5.155   1.00 33.42  ? 4   G   B "C5'" 1 
ATOM   284 C  "C4'" . G   B 1 4  ? -7.974  -2.253 4.104   1.00 29.94  ? 4   G   B "C4'" 1 
ATOM   285 O  "O4'" . G   B 1 4  ? -8.219  -1.675 2.797   1.00 31.49  ? 4   G   B "O4'" 1 
ATOM   286 C  "C3'" . G   B 1 4  ? -6.463  -2.243 4.241   1.00 32.16  ? 4   G   B "C3'" 1 
ATOM   287 O  "O3'" . G   B 1 4  ? -6.005  -3.209 5.170   1.00 33.38  ? 4   G   B "O3'" 1 
ATOM   288 C  "C2'" . G   B 1 4  ? -5.990  -2.496 2.814   1.00 33.87  ? 4   G   B "C2'" 1 
ATOM   289 O  "O2'" . G   B 1 4  ? -6.060  -3.879 2.500   1.00 32.03  ? 4   G   B "O2'" 1 
ATOM   290 C  "C1'" . G   B 1 4  ? -7.055  -1.762 2.003   1.00 31.84  ? 4   G   B "C1'" 1 
ATOM   291 N  N9    . G   B 1 4  ? -6.641  -0.395 1.638   1.00 33.11  ? 4   G   B N9    1 
ATOM   292 C  C8    . G   B 1 4  ? -6.935  0.760  2.321   1.00 38.10  ? 4   G   B C8    1 
ATOM   293 N  N7    . G   B 1 4  ? -6.445  1.828  1.754   1.00 36.54  ? 4   G   B N7    1 
ATOM   294 C  C5    . G   B 1 4  ? -5.793  1.346  0.628   1.00 38.63  ? 4   G   B C5    1 
ATOM   295 C  C6    . G   B 1 4  ? -5.075  2.038  -0.380  1.00 38.22  ? 4   G   B C6    1 
ATOM   296 O  O6    . G   B 1 4  ? -4.864  3.251  -0.476  1.00 38.99  ? 4   G   B O6    1 
ATOM   297 N  N1    . G   B 1 4  ? -4.572  1.170  -1.343  1.00 35.84  ? 4   G   B N1    1 
ATOM   298 C  C2    . G   B 1 4  ? -4.740  -0.192 -1.341  1.00 34.66  ? 4   G   B C2    1 
ATOM   299 N  N2    . G   B 1 4  ? -4.175  -0.852 -2.362  1.00 34.84  ? 4   G   B N2    1 
ATOM   300 N  N3    . G   B 1 4  ? -5.410  -0.851 -0.408  1.00 32.90  ? 4   G   B N3    1 
ATOM   301 C  C4    . G   B 1 4  ? -5.904  -0.024 0.538   1.00 33.87  ? 4   G   B C4    1 
ATOM   302 P  P     . G   B 1 5  ? -4.834  -2.851 6.209   1.00 37.03  ? 5   G   B P     1 
ATOM   303 O  OP1   . G   B 1 5  ? -4.676  -4.018 7.115   1.00 36.00  ? 5   G   B OP1   1 
ATOM   304 O  OP2   . G   B 1 5  ? -5.092  -1.502 6.774   1.00 40.22  ? 5   G   B OP2   1 
ATOM   305 O  "O5'" . G   B 1 5  ? -3.533  -2.772 5.294   1.00 38.33  ? 5   G   B "O5'" 1 
ATOM   306 C  "C5'" . G   B 1 5  ? -3.235  -3.823 4.384   1.00 38.18  ? 5   G   B "C5'" 1 
ATOM   307 C  "C4'" . G   B 1 5  ? -2.062  -3.494 3.498   1.00 43.94  ? 5   G   B "C4'" 1 
ATOM   308 O  "O4'" . G   B 1 5  ? -2.360  -2.327 2.674   1.00 39.02  ? 5   G   B "O4'" 1 
ATOM   309 C  "C3'" . G   B 1 5  ? -0.757  -3.177 4.233   1.00 41.39  ? 5   G   B "C3'" 1 
ATOM   310 O  "O3'" . G   B 1 5  ? 0.334   -3.750 3.520   1.00 46.10  ? 5   G   B "O3'" 1 
ATOM   311 C  "C2'" . G   B 1 5  ? -0.670  -1.657 4.134   1.00 43.44  ? 5   G   B "C2'" 1 
ATOM   312 O  "O2'" . G   B 1 5  ? 0.637   -1.133 4.223   1.00 47.60  ? 5   G   B "O2'" 1 
ATOM   313 C  "C1'" . G   B 1 5  ? -1.281  -1.422 2.759   1.00 45.00  ? 5   G   B "C1'" 1 
ATOM   314 N  N9    . G   B 1 5  ? -1.725  -0.044 2.527   1.00 42.90  ? 5   G   B N9    1 
ATOM   315 C  C8    . G   B 1 5  ? -2.269  0.827  3.438   1.00 47.26  ? 5   G   B C8    1 
ATOM   316 N  N7    . G   B 1 5  ? -2.521  2.003  2.929   1.00 49.92  ? 5   G   B N7    1 
ATOM   317 C  C5    . G   B 1 5  ? -2.101  1.909  1.609   1.00 46.51  ? 5   G   B C5    1 
ATOM   318 C  C6    . G   B 1 5  ? -2.116  2.868  0.563   1.00 47.70  ? 5   G   B C6    1 
ATOM   319 O  O6    . G   B 1 5  ? -2.524  4.035  0.592   1.00 62.80  ? 5   G   B O6    1 
ATOM   320 N  N1    . G   B 1 5  ? -1.595  2.351  -0.618  1.00 46.05  ? 5   G   B N1    1 
ATOM   321 C  C2    . G   B 1 5  ? -1.115  1.075  -0.776  1.00 43.23  ? 5   G   B C2    1 
ATOM   322 N  N2    . G   B 1 5  ? -0.649  0.765  -1.994  1.00 42.70  ? 5   G   B N2    1 
ATOM   323 N  N3    . G   B 1 5  ? -1.092  0.173  0.191   1.00 46.06  ? 5   G   B N3    1 
ATOM   324 C  C4    . G   B 1 5  ? -1.595  0.654  1.349   1.00 43.09  ? 5   G   B C4    1 
ATOM   325 P  P     . A   B 1 6  ? 1.645   -4.219 4.315   1.00 57.58  ? 6   A   B P     1 
ATOM   326 O  OP1   . A   B 1 6  ? 1.289   -4.366 5.749   1.00 57.73  ? 6   A   B OP1   1 
ATOM   327 O  OP2   . A   B 1 6  ? 2.761   -3.326 3.915   1.00 57.35  ? 6   A   B OP2   1 
ATOM   328 O  "O5'" . A   B 1 6  ? 1.951   -5.668 3.732   1.00 58.20  ? 6   A   B "O5'" 1 
ATOM   329 C  "C5'" . A   B 1 6  ? 0.915   -6.471 3.190   1.00 58.06  ? 6   A   B "C5'" 1 
ATOM   330 C  "C4'" . A   B 1 6  ? 1.310   -7.008 1.840   1.00 57.93  ? 6   A   B "C4'" 1 
ATOM   331 O  "O4'" . A   B 1 6  ? 0.688   -6.217 0.794   1.00 58.45  ? 6   A   B "O4'" 1 
ATOM   332 C  "C3'" . A   B 1 6  ? 2.794   -6.936 1.526   1.00 57.02  ? 6   A   B "C3'" 1 
ATOM   333 O  "O3'" . A   B 1 6  ? 3.533   -7.999 2.099   1.00 59.34  ? 6   A   B "O3'" 1 
ATOM   334 C  "C2'" . A   B 1 6  ? 2.812   -6.920 0.005   1.00 58.62  ? 6   A   B "C2'" 1 
ATOM   335 O  "O2'" . A   B 1 6  ? 2.592   -8.224 -0.509  1.00 57.42  ? 6   A   B "O2'" 1 
ATOM   336 C  "C1'" . A   B 1 6  ? 1.577   -6.070 -0.293  1.00 58.01  ? 6   A   B "C1'" 1 
ATOM   337 N  N9    . A   B 1 6  ? 1.903   -4.638 -0.424  1.00 57.82  ? 6   A   B N9    1 
ATOM   338 C  C8    . A   B 1 6  ? 1.515   -3.629 0.424   1.00 57.99  ? 6   A   B C8    1 
ATOM   339 N  N7    . A   B 1 6  ? 1.941   -2.443 0.070   1.00 57.78  ? 6   A   B N7    1 
ATOM   340 C  C5    . A   B 1 6  ? 2.658   -2.684 -1.093  1.00 57.46  ? 6   A   B C5    1 
ATOM   341 C  C6    . A   B 1 6  ? 3.362   -1.827 -1.958  1.00 58.07  ? 6   A   B C6    1 
ATOM   342 N  N6    . A   B 1 6  ? 3.462   -0.508 -1.776  1.00 57.11  ? 6   A   B N6    1 
ATOM   343 N  N1    . A   B 1 6  ? 3.968   -2.381 -3.032  1.00 56.93  ? 6   A   B N1    1 
ATOM   344 C  C2    . A   B 1 6  ? 3.868   -3.705 -3.212  1.00 57.00  ? 6   A   B C2    1 
ATOM   345 N  N3    . A   B 1 6  ? 3.234   -4.612 -2.470  1.00 57.27  ? 6   A   B N3    1 
ATOM   346 C  C4    . A   B 1 6  ? 2.642   -4.030 -1.412  1.00 57.49  ? 6   A   B C4    1 
ATOM   347 P  P     . U   B 1 7  ? 5.011   -7.728 2.665   1.00 55.52  ? 7   U   B P     1 
ATOM   348 O  OP1   . U   B 1 7  ? 5.365   -8.841 3.581   1.00 57.42  ? 7   U   B OP1   1 
ATOM   349 O  OP2   . U   B 1 7  ? 5.063   -6.325 3.151   1.00 56.92  ? 7   U   B OP2   1 
ATOM   350 O  "O5'" . U   B 1 7  ? 5.934   -7.838 1.373   1.00 55.13  ? 7   U   B "O5'" 1 
ATOM   351 C  "C5'" . U   B 1 7  ? 5.912   -9.009 0.572   1.00 55.25  ? 7   U   B "C5'" 1 
ATOM   352 C  "C4'" . U   B 1 7  ? 6.628   -8.802 -0.738  1.00 55.04  ? 7   U   B "C4'" 1 
ATOM   353 O  "O4'" . U   B 1 7  ? 5.903   -7.846 -1.556  1.00 55.58  ? 7   U   B "O4'" 1 
ATOM   354 C  "C3'" . U   B 1 7  ? 8.025   -8.214 -0.655  1.00 54.25  ? 7   U   B "C3'" 1 
ATOM   355 O  "O3'" . U   B 1 7  ? 9.019   -9.150 -0.279  1.00 56.25  ? 7   U   B "O3'" 1 
ATOM   356 C  "C2'" . U   B 1 7  ? 8.216   -7.647 -2.052  1.00 54.38  ? 7   U   B "C2'" 1 
ATOM   357 O  "O2'" . U   B 1 7  ? 8.490   -8.689 -2.978  1.00 60.56  ? 7   U   B "O2'" 1 
ATOM   358 C  "C1'" . U   B 1 7  ? 6.817   -7.101 -2.339  1.00 55.19  ? 7   U   B "C1'" 1 
ATOM   359 N  N1    . U   B 1 7  ? 6.714   -5.671 -1.973  1.00 55.18  ? 7   U   B N1    1 
ATOM   360 C  C2    . U   B 1 7  ? 7.211   -4.754 -2.878  1.00 55.06  ? 7   U   B C2    1 
ATOM   361 O  O2    . U   B 1 7  ? 7.704   -5.078 -3.946  1.00 55.08  ? 7   U   B O2    1 
ATOM   362 N  N3    . U   B 1 7  ? 7.106   -3.441 -2.496  1.00 55.07  ? 7   U   B N3    1 
ATOM   363 C  C4    . U   B 1 7  ? 6.571   -2.961 -1.319  1.00 55.21  ? 7   U   B C4    1 
ATOM   364 O  O4    . U   B 1 7  ? 6.546   -1.746 -1.118  1.00 57.83  ? 7   U   B O4    1 
ATOM   365 C  C5    . U   B 1 7  ? 6.083   -3.971 -0.430  1.00 56.05  ? 7   U   B C5    1 
ATOM   366 C  C6    . U   B 1 7  ? 6.171   -5.259 -0.778  1.00 55.32  ? 7   U   B C6    1 
ATOM   367 P  P     . G   B 1 8  ? 10.112  -8.747 0.828   1.00 52.90  ? 8   G   B P     1 
ATOM   368 O  OP1   . G   B 1 8  ? 11.110  -9.843 0.913   1.00 54.92  ? 8   G   B OP1   1 
ATOM   369 O  OP2   . G   B 1 8  ? 9.379   -8.317 2.045   1.00 53.12  ? 8   G   B OP2   1 
ATOM   370 O  "O5'" . G   B 1 8  ? 10.835  -7.463 0.217   1.00 52.65  ? 8   G   B "O5'" 1 
ATOM   371 C  "C5'" . G   B 1 8  ? 11.598  -7.553 -0.977  1.00 53.29  ? 8   G   B "C5'" 1 
ATOM   372 C  "C4'" . G   B 1 8  ? 11.913  -6.191 -1.543  1.00 52.43  ? 8   G   B "C4'" 1 
ATOM   373 O  "O4'" . G   B 1 8  ? 10.694  -5.417 -1.688  1.00 53.94  ? 8   G   B "O4'" 1 
ATOM   374 C  "C3'" . G   B 1 8  ? 12.808  -5.303 -0.693  1.00 51.91  ? 8   G   B "C3'" 1 
ATOM   375 O  "O3'" . G   B 1 8  ? 14.183  -5.624 -0.809  1.00 51.48  ? 8   G   B "O3'" 1 
ATOM   376 C  "C2'" . G   B 1 8  ? 12.461  -3.910 -1.195  1.00 52.20  ? 8   G   B "C2'" 1 
ATOM   377 O  "O2'" . G   B 1 8  ? 13.102  -3.651 -2.435  1.00 52.49  ? 8   G   B "O2'" 1 
ATOM   378 C  "C1'" . G   B 1 8  ? 10.960  -4.049 -1.447  1.00 52.94  ? 8   G   B "C1'" 1 
ATOM   379 N  N9    . G   B 1 8  ? 10.169  -3.613 -0.280  1.00 53.18  ? 8   G   B N9    1 
ATOM   380 C  C8    . G   B 1 8  ? 9.442   -4.409 0.572   1.00 53.41  ? 8   G   B C8    1 
ATOM   381 N  N7    . G   B 1 8  ? 8.848   -3.736 1.519   1.00 53.64  ? 8   G   B N7    1 
ATOM   382 C  C5    . G   B 1 8  ? 9.207   -2.416 1.283   1.00 53.55  ? 8   G   B C5    1 
ATOM   383 C  C6    . G   B 1 8  ? 8.866   -1.230 1.985   1.00 54.86  ? 8   G   B C6    1 
ATOM   384 O  O6    . G   B 1 8  ? 8.154   -1.106 2.990   1.00 54.05  ? 8   G   B O6    1 
ATOM   385 N  N1    . G   B 1 8  ? 9.445   -0.107 1.405   1.00 53.59  ? 8   G   B N1    1 
ATOM   386 C  C2    . G   B 1 8  ? 10.250  -0.120 0.294   1.00 53.29  ? 8   G   B C2    1 
ATOM   387 N  N2    . G   B 1 8  ? 10.713  1.072  -0.113  1.00 53.20  ? 8   G   B N2    1 
ATOM   388 N  N3    . G   B 1 8  ? 10.576  -1.218 -0.371  1.00 53.12  ? 8   G   B N3    1 
ATOM   389 C  C4    . G   B 1 8  ? 10.024  -2.322 0.175   1.00 53.26  ? 8   G   B C4    1 
ATOM   390 P  P     . G   B 1 9  ? 15.178  -5.348 0.422   1.00 50.69  ? 9   G   B P     1 
ATOM   391 O  OP1   . G   B 1 9  ? 16.489  -5.968 0.107   1.00 50.16  ? 9   G   B OP1   1 
ATOM   392 O  OP2   . G   B 1 9  ? 14.470  -5.720 1.674   1.00 50.81  ? 9   G   B OP2   1 
ATOM   393 O  "O5'" . G   B 1 9  ? 15.364  -3.765 0.419   1.00 50.71  ? 9   G   B "O5'" 1 
ATOM   394 C  "C5'" . G   B 1 9  ? 16.097  -3.115 -0.610  1.00 50.59  ? 9   G   B "C5'" 1 
ATOM   395 C  "C4'" . G   B 1 9  ? 16.148  -1.624 -0.391  1.00 50.65  ? 9   G   B "C4'" 1 
ATOM   396 O  "O4'" . G   B 1 9  ? 14.806  -1.076 -0.447  1.00 51.25  ? 9   G   B "O4'" 1 
ATOM   397 C  "C3'" . G   B 1 9  ? 16.676  -1.169 0.963   1.00 50.33  ? 9   G   B "C3'" 1 
ATOM   398 O  "O3'" . G   B 1 9  ? 18.090  -1.154 1.034   1.00 49.78  ? 9   G   B "O3'" 1 
ATOM   399 C  "C2'" . G   B 1 9  ? 16.042  0.205  1.120   1.00 50.69  ? 9   G   B "C2'" 1 
ATOM   400 O  "O2'" . G   B 1 9  ? 16.737  1.170  0.346   1.00 50.60  ? 9   G   B "O2'" 1 
ATOM   401 C  "C1'" . G   B 1 9  ? 14.670  -0.028 0.488   1.00 51.29  ? 9   G   B "C1'" 1 
ATOM   402 N  N9    . G   B 1 9  ? 13.669  -0.432 1.492   1.00 51.58  ? 9   G   B N9    1 
ATOM   403 C  C8    . G   B 1 9  ? 13.123  -1.683 1.655   1.00 51.69  ? 9   G   B C8    1 
ATOM   404 N  N7    . G   B 1 9  ? 12.259  -1.740 2.632   1.00 51.99  ? 9   G   B N7    1 
ATOM   405 C  C5    . G   B 1 9  ? 12.235  -0.451 3.143   1.00 52.09  ? 9   G   B C5    1 
ATOM   406 C  C6    . G   B 1 9  ? 11.484  0.096  4.215   1.00 52.43  ? 9   G   B C6    1 
ATOM   407 O  O6    . G   B 1 9  ? 10.665  -0.467 4.951   1.00 52.73  ? 9   G   B O6    1 
ATOM   408 N  N1    . G   B 1 9  ? 11.769  1.445  4.394   1.00 52.45  ? 9   G   B N1    1 
ATOM   409 C  C2    . G   B 1 9  ? 12.654  2.178  3.646   1.00 52.17  ? 9   G   B C2    1 
ATOM   410 N  N2    . G   B 1 9  ? 12.783  3.471  3.980   1.00 52.27  ? 9   G   B N2    1 
ATOM   411 N  N3    . G   B 1 9  ? 13.359  1.681  2.644   1.00 51.85  ? 9   G   B N3    1 
ATOM   412 C  C4    . G   B 1 9  ? 13.101  0.370  2.451   1.00 51.83  ? 9   G   B C4    1 
ATOM   413 P  P     . C   B 1 10 ? 18.834  -1.593 2.389   1.00 49.33  ? 10  C   B P     1 
ATOM   414 O  OP1   . C   B 1 10 ? 20.297  -1.575 2.135   1.00 48.85  ? 10  C   B OP1   1 
ATOM   415 O  OP2   . C   B 1 10 ? 18.191  -2.838 2.880   1.00 50.74  ? 10  C   B OP2   1 
ATOM   416 O  "O5'" . C   B 1 10 ? 18.497  -0.421 3.414   1.00 49.49  ? 10  C   B "O5'" 1 
ATOM   417 C  "C5'" . C   B 1 10 ? 19.011  0.889  3.217   1.00 49.49  ? 10  C   B "C5'" 1 
ATOM   418 C  "C4'" . C   B 1 10 ? 18.533  1.847  4.280   1.00 49.73  ? 10  C   B "C4'" 1 
ATOM   419 O  "O4'" . C   B 1 10 ? 17.092  1.994  4.204   1.00 50.29  ? 10  C   B "O4'" 1 
ATOM   420 C  "C3'" . C   B 1 10 ? 18.783  1.434  5.722   1.00 49.52  ? 10  C   B "C3'" 1 
ATOM   421 O  "O3'" . C   B 1 10 ? 20.110  1.690  6.149   1.00 49.08  ? 10  C   B "O3'" 1 
ATOM   422 C  "C2'" . C   B 1 10 ? 17.733  2.234  6.482   1.00 50.01  ? 10  C   B "C2'" 1 
ATOM   423 O  "O2'" . C   B 1 10 ? 18.155  3.578  6.662   1.00 50.08  ? 10  C   B "O2'" 1 
ATOM   424 C  "C1'" . C   B 1 10 ? 16.562  2.217  5.495   1.00 50.47  ? 10  C   B "C1'" 1 
ATOM   425 N  N1    . C   B 1 10 ? 15.586  1.150  5.807   1.00 50.70  ? 10  C   B N1    1 
ATOM   426 C  C2    . C   B 1 10 ? 14.612  1.405  6.776   1.00 51.12  ? 10  C   B C2    1 
ATOM   427 O  O2    . C   B 1 10 ? 14.597  2.511  7.335   1.00 51.29  ? 10  C   B O2    1 
ATOM   428 N  N3    . C   B 1 10 ? 13.713  0.442  7.082   1.00 51.36  ? 10  C   B N3    1 
ATOM   429 C  C4    . C   B 1 10 ? 13.762  -0.736 6.459   1.00 51.20  ? 10  C   B C4    1 
ATOM   430 N  N4    . C   B 1 10 ? 12.853  -1.656 6.792   1.00 51.48  ? 10  C   B N4    1 
ATOM   431 C  C5    . C   B 1 10 ? 14.743  -1.024 5.469   1.00 50.77  ? 10  C   B C5    1 
ATOM   432 C  C6    . C   B 1 10 ? 15.627  -0.063 5.176   1.00 50.54  ? 10  C   B C6    1 
HETATM 433 S  S     . SO4 C 2 .  ? -16.952 5.622  -1.604  1.00 87.53  ? 101 SO4 B S     1 
HETATM 434 O  O1    . SO4 C 2 .  ? -15.980 5.675  -2.693  1.00 87.70  ? 101 SO4 B O1    1 
HETATM 435 O  O2    . SO4 C 2 .  ? -18.285 5.397  -2.152  1.00 92.09  ? 101 SO4 B O2    1 
HETATM 436 O  O3    . SO4 C 2 .  ? -16.932 6.887  -0.874  1.00 100.90 ? 101 SO4 B O3    1 
HETATM 437 O  O4    . SO4 C 2 .  ? -16.607 4.532  -0.697  1.00 96.03  ? 101 SO4 B O4    1 
HETATM 438 O  O     . HOH D 3 .  ? 4.103   2.866  11.289  1.00 39.84  ? 101 HOH A O     1 
HETATM 439 O  O     . HOH D 3 .  ? 4.943   6.568  5.040   1.00 67.01  ? 102 HOH A O     1 
HETATM 440 O  O     . HOH D 3 .  ? -10.263 -4.215 -8.435  1.00 36.47  ? 103 HOH A O     1 
HETATM 441 O  O     . HOH D 3 .  ? 6.136   5.035  7.753   1.00 51.55  ? 104 HOH A O     1 
HETATM 442 O  O     . HOH D 3 .  ? -5.708  0.000  -5.917  1.00 47.88  ? 105 HOH A O     1 
HETATM 443 O  O     . HOH D 3 .  ? -3.023  -6.561 0.131   1.00 42.53  ? 106 HOH A O     1 
HETATM 444 O  O     . HOH D 3 .  ? -2.901  -0.467 -5.688  1.00 40.26  ? 107 HOH A O     1 
HETATM 445 O  O     . HOH D 3 .  ? -4.754  -3.901 0.026   1.00 45.19  ? 108 HOH A O     1 
HETATM 446 O  O     . HOH D 3 .  ? -21.067 0.007  -5.812  1.00 42.29  ? 109 HOH A O     1 
HETATM 447 O  O     . HOH D 3 .  ? -11.439 -1.878 -9.723  1.00 36.33  ? 110 HOH A O     1 
HETATM 448 O  O     . HOH D 3 .  ? -8.628  -0.760 -7.571  1.00 45.21  ? 111 HOH A O     1 
HETATM 449 O  O     . HOH D 3 .  ? 3.702   -0.692 4.562   1.00 41.33  ? 112 HOH A O     1 
HETATM 450 O  O     . HOH D 3 .  ? -5.698  -1.883 -7.913  1.00 43.55  ? 113 HOH A O     1 
HETATM 451 O  O     . HOH D 3 .  ? -17.140 -9.601 -5.310  1.00 33.20  ? 114 HOH A O     1 
HETATM 452 O  O     . HOH D 3 .  ? 10.984  4.124  -1.251  1.00 36.65  ? 115 HOH A O     1 
HETATM 453 O  O     . HOH D 3 .  ? -13.189 -4.470 -8.761  1.00 38.21  ? 116 HOH A O     1 
HETATM 454 O  O     . HOH D 3 .  ? 4.944   -0.451 15.136  1.00 43.80  ? 117 HOH A O     1 
HETATM 455 O  O     . HOH D 3 .  ? 5.486   0.779  6.832   1.00 53.39  ? 118 HOH A O     1 
HETATM 456 O  O     . HOH D 3 .  ? -6.285  -9.289 -1.971  1.00 42.27  ? 119 HOH A O     1 
HETATM 457 O  O     . HOH E 3 .  ? -15.339 7.652  -3.694  1.00 42.40  ? 201 HOH B O     1 
HETATM 458 O  O     . HOH E 3 .  ? 7.548   -9.221 4.399   1.00 42.36  ? 202 HOH B O     1 
HETATM 459 O  O     . HOH E 3 .  ? 13.633  -1.405 -3.215  1.00 36.14  ? 203 HOH B O     1 
HETATM 460 O  O     . HOH E 3 .  ? 8.051   -1.939 -4.204  1.00 40.67  ? 204 HOH B O     1 
HETATM 461 O  O     . HOH E 3 .  ? 21.312  3.576  5.079   1.00 39.64  ? 205 HOH B O     1 
HETATM 462 O  O     . HOH E 3 .  ? 10.039  -7.974 -4.856  1.00 36.08  ? 206 HOH B O     1 
HETATM 463 O  O     . HOH E 3 .  ? -15.076 2.627  0.806   1.00 40.62  ? 207 HOH B O     1 
HETATM 464 O  O     . HOH E 3 .  ? -4.166  1.009  6.369   1.00 40.59  ? 208 HOH B O     1 
HETATM 465 O  O     . HOH E 3 .  ? -6.412  3.860  -2.680  1.00 39.76  ? 209 HOH B O     1 
HETATM 466 O  O     . HOH E 3 .  ? -3.498  2.270  -3.703  1.00 31.47  ? 210 HOH B O     1 
HETATM 467 O  O     . HOH E 3 .  ? 21.321  -0.842 6.457   1.00 45.62  ? 211 HOH B O     1 
HETATM 468 O  O     . HOH E 3 .  ? -9.386  13.041 -2.041  1.00 41.38  ? 212 HOH B O     1 
HETATM 469 O  O     . HOH E 3 .  ? 16.448  4.830  8.769   1.00 40.62  ? 213 HOH B O     1 
HETATM 470 O  O     . HOH E 3 .  ? -14.525 6.509  3.799   1.00 45.44  ? 214 HOH B O     1 
# 
loop_
_atom_site_anisotrop.id 
_atom_site_anisotrop.type_symbol 
_atom_site_anisotrop.pdbx_label_atom_id 
_atom_site_anisotrop.pdbx_label_alt_id 
_atom_site_anisotrop.pdbx_label_comp_id 
_atom_site_anisotrop.pdbx_label_asym_id 
_atom_site_anisotrop.pdbx_label_seq_id 
_atom_site_anisotrop.pdbx_PDB_ins_code 
_atom_site_anisotrop.U[1][1] 
_atom_site_anisotrop.U[2][2] 
_atom_site_anisotrop.U[3][3] 
_atom_site_anisotrop.U[1][2] 
_atom_site_anisotrop.U[1][3] 
_atom_site_anisotrop.U[2][3] 
_atom_site_anisotrop.pdbx_auth_seq_id 
_atom_site_anisotrop.pdbx_auth_comp_id 
_atom_site_anisotrop.pdbx_auth_asym_id 
_atom_site_anisotrop.pdbx_auth_atom_id 
1   O  "O5'" . G   A 1  ? 0.3694 0.6637 0.4203 0.2222  0.0785  0.0705  1  G   A "O5'" 
2   C  "C5'" . G   A 1  ? 0.3834 0.6328 0.4252 0.2346  0.0959  0.0903  1  G   A "C5'" 
3   C  "C4'" . G   A 1  ? 0.3830 0.6326 0.4182 0.2333  0.0959  0.0820  1  G   A "C4'" 
4   O  "O4'" . G   A 1  ? 0.3922 0.6270 0.4171 0.2282  0.0788  0.0421  1  G   A "O4'" 
5   C  "C3'" . G   A 1  ? 0.3686 0.6873 0.4197 0.2239  0.0957  0.0932  1  G   A "C3'" 
6   O  "O3'" . G   A 1  ? 0.3739 0.7024 0.4313 0.2300  0.1125  0.1315  1  G   A "O3'" 
7   C  "C2'" . G   A 1  ? 0.3711 0.6860 0.4135 0.2186  0.0885  0.0669  1  G   A "C2'" 
8   O  "O2'" . G   A 1  ? 0.3827 0.6541 0.4121 0.2264  0.1014  0.0801  1  G   A "O2'" 
9   C  "C1'" . G   A 1  ? 0.3704 0.6475 0.4019 0.2196  0.0738  0.0312  1  G   A "C1'" 
10  N  N9    . G   A 1  ? 0.3560 0.6800 0.3960 0.2086  0.0562  0.0052  1  G   A N9    
11  C  C8    . G   A 1  ? 0.3551 0.6840 0.3961 0.2059  0.0457  -0.0043 1  G   A C8    
12  N  N7    . G   A 1  ? 0.3532 0.7243 0.3989 0.1959  0.0304  -0.0283 1  G   A N7    
13  C  C5    . G   A 1  ? 0.3448 0.7427 0.3946 0.1918  0.0320  -0.0351 1  G   A C5    
14  C  C6    . G   A 1  ? 0.3289 0.7756 0.3841 0.1817  0.0213  -0.0592 1  G   A C6    
15  O  O6    . G   A 1  ? 0.3234 0.7981 0.3794 0.1751  0.0071  -0.0798 1  G   A O6    
16  N  N1    . G   A 1  ? 0.3265 0.7873 0.3848 0.1793  0.0293  -0.0577 1  G   A N1    
17  C  C2    . G   A 1  ? 0.3345 0.7642 0.3889 0.1854  0.0442  -0.0357 1  G   A C2    
18  N  N2    . G   A 1  ? 0.3338 0.7830 0.3905 0.1799  0.0495  -0.0379 1  G   A N2    
19  N  N3    . G   A 1  ? 0.3448 0.7265 0.3921 0.1959  0.0537  -0.0134 1  G   A N3    
20  C  C4    . G   A 1  ? 0.3453 0.7147 0.3915 0.1988  0.0475  -0.0146 1  G   A C4    
21  O  O3P   . CBV A 2  ? 0.4128 0.8344 0.4978 0.2151  0.0983  0.1353  2  CBV A O3P   
22  P  P     . CBV A 2  ? 0.3620 0.7649 0.4389 0.2218  0.1127  0.1539  2  CBV A P     
23  O  O1P   . CBV A 2  ? 0.3854 0.7537 0.4587 0.2366  0.1323  0.1884  2  CBV A O1P   
24  O  O2P   . CBV A 2  ? 0.4727 0.9402 0.5678 0.2159  0.1131  0.1790  2  CBV A O2P   
25  O  "O5'" . CBV A 2  ? 0.3575 0.7843 0.4285 0.2110  0.1070  0.1362  2  CBV A "O5'" 
26  C  "C5'" . CBV A 2  ? 0.3702 0.7695 0.4284 0.2147  0.1180  0.1455  2  CBV A "C5'" 
27  C  "C4'" . CBV A 2  ? 0.3641 0.7994 0.4210 0.2010  0.1117  0.1276  2  CBV A "C4'" 
28  O  "O4'" . CBV A 2  ? 0.3566 0.7877 0.4121 0.1956  0.0970  0.0869  2  CBV A "O4'" 
29  C  "C3'" . CBV A 2  ? 0.3538 0.8603 0.4229 0.1887  0.1073  0.1362  2  CBV A "C3'" 
30  O  "O3'" . CBV A 2  ? 0.3638 0.8841 0.4321 0.1904  0.1193  0.1718  2  CBV A "O3'" 
31  C  "C2'" . CBV A 2  ? 0.3468 0.8782 0.4134 0.1755  0.0978  0.1028  2  CBV A "C2'" 
32  O  "O2'" . CBV A 2  ? 0.3609 0.8808 0.4174 0.1725  0.1070  0.1075  2  CBV A "O2'" 
33  C  "C1'" . CBV A 2  ? 0.3440 0.8338 0.4070 0.1811  0.0883  0.0707  2  CBV A "C1'" 
34  N  N1    . CBV A 2  ? 0.3322 0.8480 0.4031 0.1769  0.0735  0.0513  2  CBV A N1    
35  C  C2    . CBV A 2  ? 0.3224 0.8871 0.3973 0.1638  0.0612  0.0230  2  CBV A C2    
36  O  O2    . CBV A 2  ? 0.3423 0.9270 0.4158 0.1566  0.0642  0.0159  2  CBV A O2    
37  N  N3    . CBV A 2  ? 0.3146 0.9017 0.3932 0.1594  0.0456  0.0034  2  CBV A N3    
38  C  C4    . CBV A 2  ? 0.3155 0.8789 0.3955 0.1660  0.0422  0.0121  2  CBV A C4    
39  N  N4    . CBV A 2  ? 0.3111 0.8940 0.3919 0.1600  0.0261  -0.0068 2  CBV A N4    
40  C  C5    . CBV A 2  ? 0.3240 0.8417 0.4025 0.1786  0.0558  0.0404  2  CBV A C5    
41  C  C6    . CBV A 2  ? 0.3327 0.8261 0.4061 0.1848  0.0716  0.0599  2  CBV A C6    
42  BR BR    . CBV A 2  ? 0.3273 0.8163 0.4087 0.1858  0.0538  0.0517  2  CBV A BR    
43  P  P     . C   A 3  ? 0.3584 0.9374 0.4411 0.1854  0.1165  0.1959  3  C   A P     
44  O  OP1   . C   A 3  ? 0.3748 0.9505 0.4523 0.1908  0.1294  0.2328  3  C   A OP1   
45  O  OP2   . C   A 3  ? 0.3489 0.9306 0.4452 0.1900  0.1097  0.1942  3  C   A OP2   
46  O  "O5'" . C   A 3  ? 0.3491 0.9832 0.4321 0.1665  0.1049  0.1732  3  C   A "O5'" 
47  C  "C5'" . C   A 3  ? 0.3566 1.0000 0.4280 0.1571  0.1095  0.1688  3  C   A "C5'" 
48  C  "C4'" . C   A 3  ? 0.3475 1.0410 0.4203 0.1403  0.0985  0.1417  3  C   A "C4'" 
49  O  "O4'" . C   A 3  ? 0.3355 1.0180 0.4121 0.1406  0.0873  0.1043  3  C   A "O4'" 
50  C  "C3'" . C   A 3  ? 0.3459 1.0888 0.4242 0.1309  0.0884  0.1517  3  C   A "C3'" 
51  O  "O3'" . C   A 3  ? 0.3617 1.1232 0.4321 0.1242  0.0926  0.1787  3  C   A "O3'" 
52  C  "C2'" . C   A 3  ? 0.3361 1.1090 0.4142 0.1186  0.0762  0.1133  3  C   A "C2'" 
53  O  "O2'" . C   A 3  ? 0.3450 1.1345 0.4122 0.1057  0.0791  0.1028  3  C   A "O2'" 
54  C  "C1'" . C   A 3  ? 0.3270 1.0588 0.4081 0.1288  0.0746  0.0864  3  C   A "C1'" 
55  N  N1    . C   A 3  ? 0.3185 1.0427 0.4071 0.1343  0.0636  0.0782  3  C   A N1    
56  C  C2    . C   A 3  ? 0.3117 1.0691 0.4015 0.1249  0.0486  0.0521  3  C   A C2    
57  O  O2    . C   A 3  ? 0.3125 1.1057 0.3977 0.1131  0.0460  0.0362  3  C   A O2    
58  N  N3    . C   A 3  ? 0.3068 1.0554 0.4010 0.1282  0.0377  0.0447  3  C   A N3    
59  C  C4    . C   A 3  ? 0.3077 1.0183 0.4065 0.1400  0.0425  0.0620  3  C   A C4    
60  N  N4    . C   A 3  ? 0.3048 1.0077 0.4066 0.1411  0.0319  0.0539  3  C   A N4    
61  C  C5    . C   A 3  ? 0.3144 0.9914 0.4129 0.1509  0.0587  0.0884  3  C   A C5    
62  C  C6    . C   A 3  ? 0.3200 1.0041 0.4126 0.1478  0.0681  0.0956  3  C   A C6    
63  P  P     . G   A 4  ? 0.3666 1.1572 0.4446 0.1251  0.0875  0.2111  4  G   A P     
64  O  OP1   . G   A 4  ? 0.3861 1.1907 0.4525 0.1179  0.0910  0.2332  4  G   A OP1   
65  O  OP2   . G   A 4  ? 0.3632 1.1233 0.4536 0.1422  0.0915  0.2292  4  G   A OP2   
66  O  "O5'" . G   A 4  ? 0.3551 1.1927 0.4385 0.1126  0.0717  0.1898  4  G   A "O5'" 
67  C  "C5'" . G   A 4  ? 0.3586 1.2308 0.4308 0.0958  0.0661  0.1693  4  G   A "C5'" 
68  C  "C4'" . G   A 4  ? 0.3471 1.2491 0.4236 0.0884  0.0516  0.1432  4  G   A "C4'" 
69  O  "O4'" . G   A 4  ? 0.3333 1.2034 0.4171 0.0977  0.0495  0.1183  4  G   A "O4'" 
70  C  "C3'" . G   A 4  ? 0.3463 1.2769 0.4320 0.0869  0.0412  0.1629  4  G   A "C3'" 
71  O  "O3'" . G   A 4  ? 0.3579 1.3338 0.4353 0.0737  0.0367  0.1759  4  G   A "O3'" 
72  C  "C2'" . G   A 4  ? 0.3343 1.2642 0.4243 0.0855  0.0286  0.1320  4  G   A "C2'" 
73  O  "O2'" . G   A 4  ? 0.3368 1.3011 0.4152 0.0710  0.0196  0.1054  4  G   A "O2'" 
74  C  "C1'" . G   A 4  ? 0.3256 1.2096 0.4173 0.0968  0.0362  0.1113  4  G   A "C1'" 
75  N  N9    . G   A 4  ? 0.3201 1.1661 0.4237 0.1115  0.0394  0.1245  4  G   A N9    
76  C  C8    . G   A 4  ? 0.3245 1.1367 0.4319 0.1245  0.0535  0.1509  4  G   A C8    
77  N  N7    . G   A 4  ? 0.3201 1.1020 0.4370 0.1359  0.0546  0.1562  4  G   A N7    
78  C  C5    . G   A 4  ? 0.3119 1.1083 0.4315 0.1293  0.0396  0.1322  4  G   A C5    
79  C  C6    . G   A 4  ? 0.3063 1.0828 0.4339 0.1348  0.0339  0.1259  4  G   A C6    
80  O  O6    . G   A 4  ? 0.3071 1.0492 0.4419 0.1471  0.0423  0.1407  4  G   A O6    
81  N  N1    . G   A 4  ? 0.3025 1.1010 0.4265 0.1239  0.0167  0.0990  4  G   A N1    
82  C  C2    . G   A 4  ? 0.3048 1.1384 0.4182 0.1105  0.0074  0.0803  4  G   A C2    
83  N  N2    . G   A 4  ? 0.3054 1.1491 0.4123 0.1020  -0.0089 0.0550  4  G   A N2    
84  N  N3    . G   A 4  ? 0.3095 1.1637 0.4163 0.1054  0.0140  0.0858  4  G   A N3    
85  C  C4    . G   A 4  ? 0.3123 1.1470 0.4232 0.1148  0.0297  0.1121  4  G   A C4    
86  P  P     . G   A 5  ? 0.3293 1.0292 0.5484 -0.1138 -0.0414 0.2445  5  G   A P     
87  O  OP1   . G   A 5  ? 0.3395 1.0728 0.5464 -0.1309 -0.0282 0.2600  5  G   A OP1   
88  O  OP2   . G   A 5  ? 0.3292 0.9647 0.5460 -0.1320 -0.0659 0.2477  5  G   A OP2   
89  O  "O5'" . G   A 5  ? 0.3131 0.9789 0.5068 -0.0812 -0.0327 0.2201  5  G   A "O5'" 
90  C  "C5'" . G   A 5  ? 0.3511 1.0525 0.5391 -0.0511 -0.0090 0.2046  5  G   A "C5'" 
91  C  "C4'" . G   A 5  ? 0.3519 0.9952 0.5153 -0.0188 -0.0065 0.1780  5  G   A "C4'" 
92  O  "O4'" . G   A 5  ? 0.4058 1.0172 0.5828 -0.0103 -0.0231 0.1737  5  G   A "O4'" 
93  C  "C3'" . G   A 5  ? 0.3867 0.9631 0.5119 -0.0247 -0.0111 0.1704  5  G   A "C3'" 
94  O  "O3'" . G   A 5  ? 0.3718 0.9254 0.4747 0.0064  0.0034  0.1452  5  G   A "O3'" 
95  C  "C2'" . G   A 5  ? 0.3683 0.8841 0.4961 -0.0334 -0.0339 0.1713  5  G   A "C2'" 
96  O  "O2'" . G   A 5  ? 0.3705 0.8162 0.4699 -0.0269 -0.0381 0.1566  5  G   A "O2'" 
97  C  "C1'" . G   A 5  ? 0.3657 0.8977 0.5158 -0.0109 -0.0345 0.1641  5  G   A "C1'" 
98  N  N9    . G   A 5  ? 0.3587 0.8635 0.5218 -0.0234 -0.0565 0.1706  5  G   A N9    
99  C  C8    . G   A 5  ? 0.3356 0.8409 0.5115 -0.0568 -0.0737 0.1885  5  G   A C8    
100 N  N7    . G   A 5  ? 0.3615 0.8372 0.5439 -0.0597 -0.0914 0.1868  5  G   A N7    
101 C  C5    . G   A 5  ? 0.3285 0.7839 0.5007 -0.0266 -0.0853 0.1693  5  G   A C5    
102 C  C6    . G   A 5  ? 0.3460 0.7672 0.5150 -0.0141 -0.0973 0.1613  5  G   A C6    
103 O  O6    . G   A 5  ? 0.4580 0.8599 0.6315 -0.0299 -0.1159 0.1652  5  G   A O6    
104 N  N1    . G   A 5  ? 0.3359 0.7434 0.4929 0.0205  -0.0851 0.1466  5  G   A N1    
105 C  C2    . G   A 5  ? 0.3230 0.7457 0.4735 0.0408  -0.0642 0.1377  5  G   A C2    
106 N  N2    . G   A 5  ? 0.3353 0.7362 0.4763 0.0732  -0.0557 0.1237  5  G   A N2    
107 N  N3    . G   A 5  ? 0.3253 0.7810 0.4770 0.0298  -0.0528 0.1422  5  G   A N3    
108 C  C4    . G   A 5  ? 0.3604 0.8315 0.5222 -0.0040 -0.0642 0.1593  5  G   A C4    
109 P  P     . A   A 6  ? 0.4172 0.9257 0.4811 0.0043  0.0063  0.1338  6  A   A P     
110 O  OP1   . A   A 6  ? 0.4804 1.0230 0.5352 -0.0229 0.0078  0.1531  6  A   A OP1   
111 O  OP2   . A   A 6  ? 0.3969 0.8294 0.4510 0.0042  -0.0099 0.1259  6  A   A OP2   
112 O  "O5'" . A   A 6  ? 0.4222 0.9409 0.4726 0.0385  0.0282  0.1075  6  A   A "O5'" 
113 C  "C5'" . A   A 6  ? 0.4513 1.0407 0.5122 0.0502  0.0486  0.1063  6  A   A "C5'" 
114 C  "C4'" . A   A 6  ? 0.4274 1.0085 0.4836 0.0887  0.0646  0.0778  6  A   A "C4'" 
115 O  "O4'" . A   A 6  ? 0.4601 1.0370 0.5452 0.1073  0.0593  0.0770  6  A   A "O4'" 
116 C  "C3'" . A   A 6  ? 0.4905 0.9995 0.5155 0.0994  0.0624  0.0551  6  A   A "C3'" 
117 O  "O3'" . A   A 6  ? 0.4379 0.9531 0.4314 0.0951  0.0724  0.0449  6  A   A "O3'" 
118 C  "C2'" . A   A 6  ? 0.4523 0.9438 0.4885 0.1359  0.0708  0.0347  6  A   A "C2'" 
119 O  "O2'" . A   A 6  ? 0.4607 0.9961 0.4961 0.1592  0.0935  0.0180  6  A   A "O2'" 
120 C  "C1'" . A   A 6  ? 0.4114 0.9302 0.4833 0.1343  0.0612  0.0539  6  A   A "C1'" 
121 N  N9    . A   A 6  ? 0.4306 0.8905 0.5030 0.1248  0.0403  0.0609  6  A   A N9    
122 C  C8    . A   A 6  ? 0.4474 0.9056 0.5286 0.0953  0.0219  0.0825  6  A   A C8    
123 N  N7    . A   A 6  ? 0.4753 0.8765 0.5528 0.0938  0.0072  0.0820  6  A   A N7    
124 C  C5    . A   A 6  ? 0.4302 0.7932 0.4962 0.1232  0.0165  0.0609  6  A   A C5    
125 C  C6    . A   A 6  ? 0.4367 0.7352 0.4935 0.1351  0.0104  0.0520  6  A   A C6    
126 N  N6    . A   A 6  ? 0.3758 0.6383 0.4318 0.1196  -0.0063 0.0616  6  A   A N6    
127 N  N1    . A   A 6  ? 0.4244 0.6957 0.4723 0.1636  0.0232  0.0324  6  A   A N1    
128 C  C2    . A   A 6  ? 0.3866 0.6929 0.4345 0.1800  0.0405  0.0199  6  A   A C2    
129 N  N3    . A   A 6  ? 0.3946 0.7645 0.4492 0.1724  0.0489  0.0247  6  A   A N3    
130 C  C4    . A   A 6  ? 0.4166 0.8130 0.4802 0.1427  0.0362  0.0472  6  A   A C4    
131 P  P     . U   A 7  ? 0.5054 0.9551 0.4670 0.0824  0.0596  0.0367  7  U   A P     
132 O  OP1   . U   A 7  ? 0.5416 1.0204 0.4737 0.0702  0.0671  0.0363  7  U   A OP1   
133 O  OP2   . U   A 7  ? 0.4763 0.8860 0.4494 0.0617  0.0372  0.0549  7  U   A OP2   
134 O  "O5'" . U   A 7  ? 0.4600 0.8596 0.4130 0.1132  0.0668  0.0045  7  U   A "O5'" 
135 C  "C5'" . U   A 7  ? 0.5124 0.9382 0.4628 0.1418  0.0881  -0.0180 7  U   A "C5'" 
136 C  "C4'" . U   A 7  ? 0.4860 0.8573 0.4406 0.1699  0.0906  -0.0411 7  U   A "C4'" 
137 O  "O4'" . U   A 7  ? 0.4697 0.8325 0.4537 0.1766  0.0826  -0.0269 7  U   A "O4'" 
138 C  "C3'" . U   A 7  ? 0.4679 0.7656 0.4028 0.1636  0.0793  -0.0540 7  U   A "C3'" 
139 O  "O3'" . U   A 7  ? 0.5121 0.8018 0.4178 0.1661  0.0867  -0.0774 7  U   A "O3'" 
140 C  "C2'" . U   A 7  ? 0.4545 0.7064 0.4057 0.1869  0.0795  -0.0628 7  U   A "C2'" 
141 O  "O2'" . U   A 7  ? 0.4928 0.7446 0.4424 0.2179  0.0971  -0.0884 7  U   A "O2'" 
142 C  "C1'" . U   A 7  ? 0.4477 0.7387 0.4280 0.1862  0.0753  -0.0380 7  U   A "C1'" 
143 N  N1    . U   A 7  ? 0.4617 0.7244 0.4480 0.1629  0.0554  -0.0172 7  U   A N1    
144 C  C2    . U   A 7  ? 0.4281 0.6297 0.4158 0.1708  0.0485  -0.0216 7  U   A C2    
145 O  O2    . U   A 7  ? 0.4603 0.6289 0.4455 0.1949  0.0572  -0.0395 7  U   A O2    
146 N  N3    . U   A 7  ? 0.4235 0.6027 0.4156 0.1493  0.0314  -0.0041 7  U   A N3    
147 C  C4    . U   A 7  ? 0.4161 0.6231 0.4129 0.1215  0.0196  0.0165  7  U   A C4    
148 O  O4    . U   A 7  ? 0.4135 0.5921 0.4143 0.1058  0.0050  0.0281  7  U   A O4    
149 C  C5    . U   A 7  ? 0.4217 0.6895 0.4178 0.1137  0.0270  0.0223  7  U   A C5    
150 C  C6    . U   A 7  ? 0.4856 0.7801 0.4757 0.1341  0.0448  0.0058  7  U   A C6    
151 P  P     . G   A 8  ? 0.5346 0.7918 0.4153 0.1393  0.0709  -0.0762 8  G   A P     
152 O  OP1   . G   A 8  ? 0.5610 0.8178 0.4119 0.1470  0.0801  -0.1044 8  G   A OP1   
153 O  OP2   . G   A 8  ? 0.5080 0.7975 0.3929 0.1106  0.0588  -0.0439 8  G   A OP2   
154 O  "O5'" . G   A 8  ? 0.4778 0.6615 0.3690 0.1401  0.0584  -0.0807 8  G   A "O5'" 
155 C  "C5'" . G   A 8  ? 0.4893 0.6300 0.3835 0.1649  0.0671  -0.1053 8  G   A "C5'" 
156 C  "C4'" . G   A 8  ? 0.4520 0.5372 0.3622 0.1636  0.0571  -0.0981 8  G   A "C4'" 
157 O  "O4'" . G   A 8  ? 0.4393 0.5472 0.3707 0.1614  0.0524  -0.0725 8  G   A "O4'" 
158 C  "C3'" . G   A 8  ? 0.4809 0.5281 0.3858 0.1389  0.0403  -0.0927 8  G   A "C3'" 
159 O  "O3'" . G   A 8  ? 0.4878 0.4949 0.3792 0.1406  0.0408  -0.1179 8  G   A "O3'" 
160 C  "C2'" . G   A 8  ? 0.4752 0.4919 0.3998 0.1378  0.0332  -0.0769 8  G   A "C2'" 
161 O  "O2'" . G   A 8  ? 0.4157 0.3835 0.3442 0.1569  0.0407  -0.0926 8  G   A "O2'" 
162 C  "C1'" . G   A 8  ? 0.4226 0.4902 0.3606 0.1453  0.0376  -0.0594 8  G   A "C1'" 
163 N  N9    . G   A 8  ? 0.4293 0.5305 0.3726 0.1203  0.0251  -0.0341 8  G   A N9    
164 C  C8    . G   A 8  ? 0.4421 0.5990 0.3806 0.1085  0.0262  -0.0234 8  G   A C8    
165 N  N7    . G   A 8  ? 0.4620 0.6326 0.4087 0.0850  0.0128  0.0005  8  G   A N7    
166 C  C5    . G   A 8  ? 0.4337 0.5555 0.3903 0.0825  0.0024  0.0035  8  G   A C5    
167 C  C6    . G   A 8  ? 0.4329 0.5421 0.4006 0.0620  -0.0137 0.0226  8  G   A C6    
168 O  O6    . G   A 8  ? 0.4317 0.5686 0.4051 0.0409  -0.0233 0.0424  8  G   A O6    
169 N  N1    . G   A 8  ? 0.4243 0.4815 0.3963 0.0677  -0.0176 0.0168  8  G   A N1    
170 C  C2    . G   A 8  ? 0.4086 0.4295 0.3758 0.0889  -0.0075 -0.0020 8  G   A C2    
171 N  N2    . G   A 8  ? 0.3891 0.3633 0.3600 0.0897  -0.0118 -0.0027 8  G   A N2    
172 N  N3    . G   A 8  ? 0.4089 0.4376 0.3679 0.1074  0.0063  -0.0193 8  G   A N3    
173 C  C4    . G   A 8  ? 0.4342 0.5142 0.3877 0.1036  0.0105  -0.0167 8  G   A C4    
174 P  P     . G   A 9  ? 0.5071 0.5012 0.3863 0.1151  0.0248  -0.1179 9  G   A P     
175 O  OP1   . G   A 9  ? 0.5256 0.4907 0.3906 0.1216  0.0281  -0.1490 9  G   A OP1   
176 O  OP2   . G   A 9  ? 0.4991 0.5457 0.3693 0.0978  0.0181  -0.0969 9  G   A OP2   
177 O  "O5'" . G   A 9  ? 0.4910 0.4409 0.3894 0.1034  0.0128  -0.1042 9  G   A "O5'" 
178 C  "C5'" . G   A 9  ? 0.4236 0.3236 0.3338 0.1161  0.0187  -0.1145 9  G   A "C5'" 
179 C  "C4'" . G   A 9  ? 0.4414 0.3136 0.3674 0.1033  0.0087  -0.0971 9  G   A "C4'" 
180 O  "O4'" . G   A 9  ? 0.4020 0.3037 0.3362 0.1032  0.0070  -0.0739 9  G   A "O4'" 
181 C  "C3'" . G   A 9  ? 0.3969 0.2650 0.3242 0.0790  -0.0078 -0.0900 9  G   A "C3'" 
182 O  "O3'" . G   A 9  ? 0.3940 0.2241 0.3229 0.0750  -0.0104 -0.1089 9  G   A "O3'" 
183 C  "C2'" . G   A 9  ? 0.4151 0.2760 0.3575 0.0701  -0.0150 -0.0679 9  G   A "C2'" 
184 O  "O2'" . G   A 9  ? 0.3849 0.1975 0.3377 0.0750  -0.0108 -0.0738 9  G   A "O2'" 
185 C  "C1'" . G   A 9  ? 0.4011 0.2976 0.3435 0.0823  -0.0073 -0.0563 9  G   A "C1'" 
186 N  N9    . G   A 9  ? 0.4289 0.3759 0.3685 0.0691  -0.0148 -0.0386 9  G   A N9    
187 C  C8    . G   A 9  ? 0.4654 0.4585 0.3932 0.0723  -0.0087 -0.0401 9  G   A C8    
188 N  N7    . G   A 9  ? 0.5189 0.5503 0.4476 0.0559  -0.0168 -0.0191 9  G   A N7    
189 C  C5    . G   A 9  ? 0.4716 0.4782 0.4144 0.0417  -0.0300 -0.0046 9  G   A C5    
190 C  C6    . G   A 9  ? 0.4891 0.5128 0.4406 0.0208  -0.0435 0.0193  9  G   A C6    
191 O  O6    . G   A 9  ? 0.4831 0.5494 0.4318 0.0087  -0.0466 0.0355  9  G   A O6    
192 N  N1    . G   A 9  ? 0.4452 0.4297 0.4099 0.0137  -0.0534 0.0235  9  G   A N1    
193 C  C2    . G   A 9  ? 0.4442 0.3821 0.4124 0.0242  -0.0494 0.0087  9  G   A C2    
194 N  N2    . G   A 9  ? 0.4163 0.3240 0.3959 0.0150  -0.0584 0.0149  9  G   A N2    
195 N  N3    . G   A 9  ? 0.4293 0.3507 0.3899 0.0422  -0.0366 -0.0109 9  G   A N3    
196 C  C4    . G   A 9  ? 0.4370 0.3930 0.3857 0.0502  -0.0283 -0.0171 9  G   A C4    
197 P  P     . C   A 10 ? 0.4711 0.3116 0.3925 0.0568  -0.0255 -0.1133 10 C   A P     
198 O  OP1   . C   A 10 ? 0.5264 0.3268 0.4532 0.0567  -0.0257 -0.1369 10 C   A OP1   
199 O  OP2   . C   A 10 ? 0.5104 0.4000 0.4098 0.0574  -0.0250 -0.1110 10 C   A OP2   
200 O  "O5'" . C   A 10 ? 0.4222 0.2616 0.3588 0.0383  -0.0408 -0.0894 10 C   A "O5'" 
201 C  "C5'" . C   A 10 ? 0.4103 0.2101 0.3674 0.0357  -0.0415 -0.0875 10 C   A "C5'" 
202 C  "C4'" . C   A 10 ? 0.3840 0.1904 0.3530 0.0215  -0.0539 -0.0645 10 C   A "C4'" 
203 O  "O4'" . C   A 10 ? 0.4092 0.2453 0.3730 0.0247  -0.0508 -0.0471 10 C   A "O4'" 
204 C  "C3'" . C   A 10 ? 0.4198 0.2445 0.3886 0.0042  -0.0723 -0.0547 10 C   A "C3'" 
205 O  "O3'" . C   A 10 ? 0.4369 0.2352 0.4198 -0.0032 -0.0813 -0.0652 10 C   A "O3'" 
206 C  "C2'" . C   A 10 ? 0.4056 0.2426 0.3827 -0.0051 -0.0798 -0.0299 10 C   A "C2'" 
207 O  "O2'" . C   A 10 ? 0.3590 0.1649 0.3565 -0.0082 -0.0809 -0.0283 10 C   A "O2'" 
208 C  "C1'" . C   A 10 ? 0.4384 0.2945 0.4068 0.0078  -0.0657 -0.0264 10 C   A "C1'" 
209 N  N1    . C   A 10 ? 0.4760 0.3803 0.4289 0.0055  -0.0659 -0.0160 10 C   A N1    
210 C  C2    . C   A 10 ? 0.4947 0.4238 0.4517 -0.0096 -0.0766 0.0084  10 C   A C2    
211 O  O2    . C   A 10 ? 0.4536 0.3614 0.4269 -0.0192 -0.0865 0.0184  10 C   A O2    
212 N  N3    . C   A 10 ? 0.5297 0.5052 0.4737 -0.0137 -0.0753 0.0199  10 C   A N3    
213 C  C4    . C   A 10 ? 0.5317 0.5301 0.4575 -0.0019 -0.0633 0.0062  10 C   A C4    
214 N  N4    . C   A 10 ? 0.5431 0.5904 0.4558 -0.0065 -0.0601 0.0182  10 C   A N4    
215 C  C5    . C   A 10 ? 0.5467 0.5181 0.4673 0.0148  -0.0531 -0.0210 10 C   A C5    
216 C  C6    . C   A 10 ? 0.5123 0.4365 0.4474 0.0170  -0.0551 -0.0303 10 C   A C6    
217 O  "O5'" . G   B 1  ? 0.4203 0.6117 0.5589 -0.2051 -0.1173 0.1458  1  G   B "O5'" 
218 C  "C5'" . G   B 1  ? 0.3949 0.5131 0.5299 -0.2164 -0.1439 0.1325  1  G   B "C5'" 
219 C  "C4'" . G   B 1  ? 0.3849 0.4483 0.5028 -0.1865 -0.1312 0.0933  1  G   B "C4'" 
220 O  "O4'" . G   B 1  ? 0.4159 0.4854 0.5275 -0.1668 -0.1071 0.0859  1  G   B "O4'" 
221 C  "C3'" . G   B 1  ? 0.4372 0.5091 0.5452 -0.1625 -0.1121 0.0729  1  G   B "C3'" 
222 O  "O3'" . G   B 1  ? 0.5551 0.6032 0.6634 -0.1726 -0.1337 0.0646  1  G   B "O3'" 
223 C  "C2'" . G   B 1  ? 0.3654 0.4006 0.4573 -0.1330 -0.0898 0.0416  1  G   B "C2'" 
224 O  "O2'" . G   B 1  ? 0.4560 0.4250 0.5405 -0.1338 -0.1085 0.0166  1  G   B "O2'" 
225 C  "C1'" . G   B 1  ? 0.3859 0.4404 0.4831 -0.1350 -0.0813 0.0549  1  G   B "C1'" 
226 N  N9    . G   B 1  ? 0.3452 0.4582 0.4440 -0.1177 -0.0498 0.0619  1  G   B N9    
227 C  C8    . G   B 1  ? 0.3123 0.4921 0.4246 -0.1288 -0.0459 0.0917  1  G   B C8    
228 N  N7    . G   B 1  ? 0.3279 0.5495 0.4397 -0.1061 -0.0162 0.0873  1  G   B N7    
229 C  C5    . G   B 1  ? 0.3671 0.5434 0.4638 -0.0799 0.0008  0.0546  1  G   B C5    
230 C  C6    . G   B 1  ? 0.3347 0.5213 0.4247 -0.0495 0.0336  0.0363  1  G   B C6    
231 O  O6    . G   B 1  ? 0.3004 0.5395 0.3976 -0.0371 0.0541  0.0434  1  G   B O6    
232 N  N1    . G   B 1  ? 0.3445 0.4723 0.4182 -0.0334 0.0413  0.0060  1  G   B N1    
233 C  C2    . G   B 1  ? 0.3482 0.4198 0.4136 -0.0433 0.0201  -0.0072 1  G   B C2    
234 N  N2    . G   B 1  ? 0.3522 0.3792 0.4018 -0.0253 0.0325  -0.0374 1  G   B N2    
235 N  N3    . G   B 1  ? 0.3596 0.4198 0.4322 -0.0692 -0.0113 0.0071  1  G   B N3    
236 C  C4    . G   B 1  ? 0.3267 0.4387 0.4146 -0.0871 -0.0192 0.0388  1  G   B C4    
237 O  O3P   . CBV B 2  ? 0.9637 1.0938 1.0705 -0.1585 -0.1197 0.0692  2  CBV B O3P   
238 P  P     . CBV B 2  ? 0.5329 0.6198 0.6387 -0.1625 -0.1236 0.0639  2  CBV B P     
239 O  O1P   . CBV B 2  ? 0.6342 0.6822 0.7461 -0.1865 -0.1589 0.0585  2  CBV B O1P   
240 O  O2P   . CBV B 2  ? 0.6238 0.7770 0.7408 -0.1673 -0.1097 0.0936  2  CBV B O2P   
241 O  "O5'" . CBV B 2  ? 0.4816 0.5398 0.5672 -0.1270 -0.0968 0.0321  2  CBV B "O5'" 
242 C  "C5'" . CBV B 2  ? 0.4302 0.4277 0.5040 -0.1205 -0.1062 0.0012  2  CBV B "C5'" 
243 C  "C4'" . CBV B 2  ? 0.4175 0.3996 0.4726 -0.0889 -0.0763 -0.0237 2  CBV B "C4'" 
244 O  "O4'" . CBV B 2  ? 0.3963 0.3838 0.4505 -0.0775 -0.0542 -0.0224 2  CBV B "O4'" 
245 C  "C3'" . CBV B 2  ? 0.3985 0.4172 0.4461 -0.0703 -0.0548 -0.0200 2  CBV B "C3'" 
246 O  "O3'" . CBV B 2  ? 0.4755 0.4858 0.5164 -0.0709 -0.0673 -0.0307 2  CBV B "O3'" 
247 C  "C2'" . CBV B 2  ? 0.3915 0.3952 0.4250 -0.0432 -0.0224 -0.0372 2  CBV B "C2'" 
248 O  "O2'" . CBV B 2  ? 0.4331 0.3866 0.4509 -0.0341 -0.0224 -0.0682 2  CBV B "O2'" 
249 C  "C1'" . CBV B 2  ? 0.4326 0.4356 0.4757 -0.0509 -0.0215 -0.0306 2  CBV B "C1'" 
250 N  N1    . CBV B 2  ? 0.3488 0.4092 0.4032 -0.0482 -0.0059 -0.0058 2  CBV B N1    
251 C  C2    . CBV B 2  ? 0.3565 0.4334 0.4042 -0.0206 0.0288  -0.0127 2  CBV B C2    
252 O  O2    . CBV B 2  ? 0.3547 0.3971 0.3875 -0.0031 0.0442  -0.0359 2  CBV B O2    
253 N  N3    . CBV B 2  ? 0.3129 0.4508 0.3735 -0.0156 0.0436  0.0084  2  CBV B N3    
254 C  C4    . CBV B 2  ? 0.2967 0.4828 0.3749 -0.0392 0.0255  0.0374  2  CBV B C4    
255 N  N4    . CBV B 2  ? 0.2999 0.5528 0.3910 -0.0335 0.0402  0.0559  2  CBV B N4    
256 C  C5    . CBV B 2  ? 0.3163 0.4840 0.4003 -0.0697 -0.0088 0.0472  2  CBV B C5    
257 C  C6    . CBV B 2  ? 0.3535 0.4554 0.4260 -0.0730 -0.0247 0.0243  2  CBV B C6    
258 BR BR    . CBV B 2  ? 0.3472 0.5784 0.4549 -0.1061 -0.0328 0.0885  2  CBV B BR    
259 P  P     . C   B 3  ? 0.4766 0.5389 0.5174 -0.0636 -0.0602 -0.0146 3  C   B P     
260 O  OP1   . C   B 3  ? 0.5707 0.6188 0.6048 -0.0670 -0.0778 -0.0297 3  C   B OP1   
261 O  OP2   . C   B 3  ? 0.4206 0.5364 0.4803 -0.0793 -0.0656 0.0166  3  C   B OP2   
262 O  "O5'" . C   B 3  ? 0.4830 0.5498 0.5081 -0.0309 -0.0234 -0.0206 3  C   B "O5'" 
263 C  "C5'" . C   B 3  ? 0.4388 0.4613 0.4444 -0.0137 -0.0101 -0.0477 3  C   B "C5'" 
264 C  "C4'" . C   B 3  ? 0.4434 0.4717 0.4382 0.0134  0.0249  -0.0480 3  C   B "C4'" 
265 O  "O4'" . C   B 3  ? 0.4193 0.4561 0.4247 0.0141  0.0375  -0.0417 3  C   B "O4'" 
266 C  "C3'" . C   B 3  ? 0.3840 0.4580 0.3783 0.0283  0.0370  -0.0283 3  C   B "C3'" 
267 O  "O3'" . C   B 3  ? 0.3991 0.4663 0.3769 0.0382  0.0367  -0.0350 3  C   B "O3'" 
268 C  "C2'" . C   B 3  ? 0.3441 0.4214 0.3366 0.0498  0.0683  -0.0271 3  C   B "C2'" 
269 O  "O2'" . C   B 3  ? 0.3531 0.3890 0.3258 0.0678  0.0886  -0.0473 3  C   B "O2'" 
270 C  "C1'" . C   B 3  ? 0.3396 0.4080 0.3450 0.0350  0.0634  -0.0303 3  C   B "C1'" 
271 N  N1    . C   B 3  ? 0.3345 0.4565 0.3602 0.0253  0.0582  -0.0053 3  C   B N1    
272 C  C2    . C   B 3  ? 0.3061 0.4616 0.3373 0.0442  0.0825  0.0028  3  C   B C2    
273 O  O2    . C   B 3  ? 0.3003 0.4343 0.3195 0.0680  0.1071  -0.0104 3  C   B O2    
274 N  N3    . C   B 3  ? 0.2781 0.4897 0.3280 0.0356  0.0784  0.0243  3  C   B N3    
275 C  C4    . C   B 3  ? 0.2943 0.5265 0.3564 0.0072  0.0518  0.0398  3  C   B C4    
276 N  N4    . C   B 3  ? 0.2762 0.5686 0.3562 -0.0023 0.0493  0.0618  3  C   B N4    
277 C  C5    . C   B 3  ? 0.3552 0.5483 0.4127 -0.0132 0.0262  0.0328  3  C   B C5    
278 C  C6    . C   B 3  ? 0.3545 0.4947 0.3942 -0.0022 0.0302  0.0090  3  C   B C6    
279 P  P     . G   B 4  ? 0.4450 0.5628 0.4272 0.0375  0.0246  -0.0152 4  G   B P     
280 O  OP1   . G   B 4  ? 0.4325 0.5371 0.3935 0.0520  0.0293  -0.0255 4  G   B OP1   
281 O  OP2   . G   B 4  ? 0.5063 0.6444 0.5077 0.0082  -0.0058 -0.0068 4  G   B OP2   
282 O  "O5'" . G   B 4  ? 0.3869 0.5485 0.3760 0.0561  0.0456  0.0069  4  G   B "O5'" 
283 C  "C5'" . G   B 4  ? 0.3824 0.5294 0.3582 0.0847  0.0754  0.0036  4  G   B "C5'" 
284 C  "C4'" . G   B 4  ? 0.3203 0.5074 0.3100 0.0977  0.0908  0.0203  4  G   B "C4'" 
285 O  "O4'" . G   B 4  ? 0.3328 0.5242 0.3394 0.0806  0.0867  0.0198  4  G   B "O4'" 
286 C  "C3'" . G   B 4  ? 0.3225 0.5751 0.3241 0.0990  0.0810  0.0437  4  G   B "C3'" 
287 O  "O3'" . G   B 4  ? 0.3394 0.6015 0.3275 0.1252  0.0922  0.0500  4  G   B "O3'" 
288 C  "C2'" . G   B 4  ? 0.3248 0.6157 0.3464 0.0996  0.0894  0.0543  4  G   B "C2'" 
289 O  "O2'" . G   B 4  ? 0.3037 0.5926 0.3209 0.1308  0.1171  0.0526  4  G   B "O2'" 
290 C  "C1'" . G   B 4  ? 0.3105 0.5635 0.3359 0.0794  0.0852  0.0408  4  G   B "C1'" 
291 N  N9    . G   B 4  ? 0.3141 0.5888 0.3551 0.0464  0.0577  0.0508  4  G   B N9    
292 C  C8    . G   B 4  ? 0.3871 0.6351 0.4256 0.0234  0.0329  0.0442  4  G   B C8    
293 N  N7    . G   B 4  ? 0.3537 0.6252 0.4092 -0.0050 0.0111  0.0571  4  G   B N7    
294 C  C5    . G   B 4  ? 0.3589 0.6804 0.4283 -0.0010 0.0230  0.0737  4  G   B C5    
295 C  C6    . G   B 4  ? 0.3314 0.6996 0.4211 -0.0251 0.0103  0.0940  4  G   B C6    
296 O  O6    . G   B 4  ? 0.3374 0.7066 0.4373 -0.0568 -0.0152 0.1030  4  G   B O6    
297 N  N1    . G   B 4  ? 0.2817 0.6997 0.3804 -0.0099 0.0300  0.1039  4  G   B N1    
298 C  C2    . G   B 4  ? 0.2695 0.6872 0.3603 0.0251  0.0576  0.0943  4  G   B C2    
299 N  N2    . G   B 4  ? 0.2494 0.7211 0.3532 0.0362  0.0722  0.1033  4  G   B N2    
300 N  N3    . G   B 4  ? 0.2699 0.6385 0.3416 0.0470  0.0696  0.0771  4  G   B N3    
301 C  C4    . G   B 4  ? 0.3002 0.6251 0.3616 0.0319  0.0515  0.0683  4  G   B C4    
302 P  P     . G   B 5  ? 0.3697 0.6793 0.3580 0.1230  0.0734  0.0645  5  G   B P     
303 O  OP1   . G   B 5  ? 0.3643 0.6697 0.3338 0.1547  0.0895  0.0691  5  G   B OP1   
304 O  OP2   . G   B 5  ? 0.4141 0.7109 0.4033 0.0933  0.0469  0.0554  5  G   B OP2   
305 O  "O5'" . G   B 5  ? 0.3542 0.7352 0.3668 0.1191  0.0681  0.0846  5  G   B "O5'" 
306 C  "C5'" . G   B 5  ? 0.3427 0.7450 0.3628 0.1421  0.0895  0.0909  5  G   B "C5'" 
307 C  "C4'" . G   B 5  ? 0.3830 0.8590 0.4274 0.1317  0.0805  0.1075  5  G   B "C4'" 
308 O  "O4'" . G   B 5  ? 0.3167 0.7910 0.3751 0.0966  0.0655  0.1065  5  G   B "O4'" 
309 C  "C3'" . G   B 5  ? 0.3281 0.8661 0.3783 0.1286  0.0632  0.1231  5  G   B "C3'" 
310 O  "O3'" . G   B 5  ? 0.3593 0.9666 0.4257 0.1430  0.0698  0.1370  5  G   B "O3'" 
311 C  "C2'" . G   B 5  ? 0.3474 0.8938 0.4095 0.0862  0.0363  0.1249  5  G   B "C2'" 
312 O  "O2'" . G   B 5  ? 0.3705 0.9896 0.4485 0.0719  0.0188  0.1410  5  G   B "O2'" 
313 C  "C1'" . G   B 5  ? 0.3684 0.8997 0.4418 0.0726  0.0424  0.1219  5  G   B "C1'" 
314 N  N9    . G   B 5  ? 0.3473 0.8550 0.4277 0.0342  0.0204  0.1193  5  G   B N9    
315 C  C8    . G   B 5  ? 0.4203 0.8838 0.4917 0.0167  0.0022  0.1082  5  G   B C8    
316 N  N7    . G   B 5  ? 0.4546 0.9046 0.5374 -0.0164 -0.0170 0.1090  5  G   B N7    
317 C  C5    . G   B 5  ? 0.3924 0.8834 0.4914 -0.0227 -0.0108 0.1239  5  G   B C5    
318 C  C6    . G   B 5  ? 0.3996 0.8984 0.5146 -0.0545 -0.0245 0.1344  5  G   B C6    
319 O  O6    . G   B 5  ? 0.6009 1.0655 0.7196 -0.0837 -0.0465 0.1326  5  G   B O6    
320 N  N1    . G   B 5  ? 0.3564 0.9094 0.4840 -0.0493 -0.0107 0.1485  5  G   B N1    
321 C  C2    . G   B 5  ? 0.3076 0.9006 0.4343 -0.0163 0.0126  0.1495  5  G   B C2    
322 N  N2    . G   B 5  ? 0.2777 0.9255 0.4192 -0.0158 0.0223  0.1611  5  G   B N2    
323 N  N3    . G   B 5  ? 0.3524 0.9328 0.4647 0.0144  0.0247  0.1402  5  G   B N3    
324 C  C4    . G   B 5  ? 0.3363 0.8662 0.4347 0.0085  0.0124  0.1290  5  G   B C4    
325 P  P     . A   B 6  ? 0.3792 1.2538 0.5547 0.2085  0.0488  0.0679  6  A   B P     
326 O  OP1   . A   B 6  ? 0.3874 1.2472 0.5589 0.2202  0.0576  0.0690  6  A   B OP1   
327 O  OP2   . A   B 6  ? 0.3821 1.2478 0.5491 0.2103  0.0448  0.0600  6  A   B OP2   
328 O  "O5'" . A   B 6  ? 0.3839 1.2703 0.5571 0.1977  0.0440  0.0611  6  A   B "O5'" 
329 C  "C5'" . A   B 6  ? 0.3713 1.2774 0.5574 0.1878  0.0418  0.0702  6  A   B "C5'" 
330 C  "C4'" . A   B 6  ? 0.3647 1.2856 0.5508 0.1742  0.0323  0.0663  6  A   B "C4'" 
331 O  "O4'" . A   B 6  ? 0.3636 1.2965 0.5609 0.1674  0.0275  0.0767  6  A   B "O4'" 
332 C  "C3'" . A   B 6  ? 0.3614 1.2728 0.5322 0.1746  0.0287  0.0517  6  A   B "C3'" 
333 O  "O3'" . A   B 6  ? 0.3986 1.2999 0.5563 0.1759  0.0301  0.0398  6  A   B "O3'" 
334 C  "C2'" . A   B 6  ? 0.3749 1.3022 0.5501 0.1617  0.0195  0.0538  6  A   B "C2'" 
335 O  "O2'" . A   B 6  ? 0.3576 1.2929 0.5311 0.1505  0.0147  0.0524  6  A   B "O2'" 
336 C  "C1'" . A   B 6  ? 0.3591 1.2950 0.5499 0.1604  0.0201  0.0695  6  A   B "C1'" 
337 N  N9    . A   B 6  ? 0.3599 1.2871 0.5500 0.1660  0.0207  0.0709  6  A   B N9    
338 C  C8    . A   B 6  ? 0.3643 1.2811 0.5578 0.1769  0.0273  0.0766  6  A   B C8    
339 N  N7    . A   B 6  ? 0.3641 1.2752 0.5562 0.1795  0.0258  0.0766  6  A   B N7    
340 C  C5    . A   B 6  ? 0.3591 1.2771 0.5468 0.1697  0.0181  0.0707  6  A   B C5    
341 C  C6    . A   B 6  ? 0.3685 1.2849 0.5532 0.1672  0.0135  0.0681  6  A   B C6    
342 N  N6    . A   B 6  ? 0.3587 1.2663 0.5448 0.1741  0.0154  0.0711  6  A   B N6    
343 N  N1    . A   B 6  ? 0.3531 1.2769 0.5328 0.1574  0.0066  0.0625  6  A   B N1    
344 C  C2    . A   B 6  ? 0.3519 1.2844 0.5295 0.1505  0.0042  0.0592  6  A   B C2    
345 N  N3    . A   B 6  ? 0.3533 1.2888 0.5340 0.1516  0.0077  0.0611  6  A   B N3    
346 C  C4    . A   B 6  ? 0.3569 1.2845 0.5428 0.1615  0.0149  0.0670  6  A   B C4    
347 P  P     . U   B 7  ? 0.3632 1.2429 0.5033 0.1842  0.0318  0.0252  7  U   B P     
348 O  OP1   . U   B 7  ? 0.3970 1.2609 0.5239 0.1864  0.0354  0.0164  7  U   B OP1   
349 O  OP2   . U   B 7  ? 0.3837 1.2533 0.5256 0.1946  0.0352  0.0289  7  U   B OP2   
350 O  "O5'" . U   B 7  ? 0.3601 1.2422 0.4924 0.1738  0.0231  0.0181  7  U   B "O5'" 
351 C  "C5'" . U   B 7  ? 0.3620 1.2483 0.4889 0.1608  0.0172  0.0153  7  U   B "C5'" 
352 C  "C4'" . U   B 7  ? 0.3594 1.2504 0.4815 0.1527  0.0096  0.0116  7  U   B "C4'" 
353 O  "O4'" . U   B 7  ? 0.3548 1.2642 0.4927 0.1498  0.0066  0.0231  7  U   B "O4'" 
354 C  "C3'" . U   B 7  ? 0.3574 1.2353 0.4685 0.1588  0.0097  0.0012  7  U   B "C3'" 
355 O  "O3'" . U   B 7  ? 0.3941 1.2553 0.4878 0.1588  0.0101  -0.0116 7  U   B "O3'" 
356 C  "C2'" . U   B 7  ? 0.3534 1.2442 0.4685 0.1513  0.0028  0.0042  7  U   B "C2'" 
357 O  "O2'" . U   B 7  ? 0.4348 1.3265 0.5399 0.1398  -0.0031 -0.0005 7  U   B "O2'" 
358 C  "C1'" . U   B 7  ? 0.3510 1.2607 0.4852 0.1492  0.0027  0.0190  7  U   B "C1'" 
359 N  N1    . U   B 7  ? 0.3482 1.2572 0.4913 0.1587  0.0061  0.0247  7  U   B N1    
360 C  C2    . U   B 7  ? 0.3468 1.2559 0.4895 0.1561  0.0018  0.0254  7  U   B C2    
361 O  O2    . U   B 7  ? 0.3461 1.2621 0.4845 0.1479  -0.0041 0.0219  7  U   B O2    
362 N  N3    . U   B 7  ? 0.3485 1.2487 0.4954 0.1636  0.0049  0.0304  7  U   B N3    
363 C  C4    . U   B 7  ? 0.3522 1.2431 0.5026 0.1736  0.0115  0.0346  7  U   B C4    
364 O  O4    . U   B 7  ? 0.3868 1.2702 0.5403 0.1797  0.0132  0.0387  7  U   B O4    
365 C  C5    . U   B 7  ? 0.3631 1.2536 0.5131 0.1762  0.0160  0.0337  7  U   B C5    
366 C  C6    . U   B 7  ? 0.3517 1.2514 0.4986 0.1687  0.0133  0.0289  7  U   B C6    
367 P  P     . G   B 8  ? 0.3617 1.2029 0.4455 0.1711  0.0150  -0.0212 8  G   B P     
368 O  OP1   . G   B 8  ? 0.3978 1.2248 0.4641 0.1680  0.0139  -0.0337 8  G   B OP1   
369 O  OP2   . G   B 8  ? 0.3631 1.2010 0.4543 0.1817  0.0220  -0.0158 8  G   B OP2   
370 O  "O5'" . G   B 8  ? 0.3564 1.2007 0.4435 0.1739  0.0120  -0.0209 8  G   B "O5'" 
371 C  "C5'" . G   B 8  ? 0.3650 1.2131 0.4466 0.1659  0.0058  -0.0248 8  G   B "C5'" 
372 C  "C4'" . G   B 8  ? 0.3490 1.2043 0.4390 0.1688  0.0034  -0.0206 8  G   B "C4'" 
373 O  "O4'" . G   B 8  ? 0.3572 1.2280 0.4642 0.1694  0.0041  -0.0079 8  G   B "O4'" 
374 C  "C3'" . G   B 8  ? 0.3479 1.1892 0.4352 0.1804  0.0062  -0.0254 8  G   B "C3'" 
375 O  "O3'" . G   B 8  ? 0.3509 1.1799 0.4251 0.1803  0.0043  -0.0361 8  G   B "O3'" 
376 C  "C2'" . G   B 8  ? 0.3455 1.1936 0.4442 0.1816  0.0044  -0.0161 8  G   B "C2'" 
377 O  "O2'" . G   B 8  ? 0.3471 1.2021 0.4449 0.1747  -0.0012 -0.0167 8  G   B "O2'" 
378 C  "C1'" . G   B 8  ? 0.3459 1.2090 0.4563 0.1767  0.0051  -0.0050 8  G   B "C1'" 
379 N  N9    . G   B 8  ? 0.3502 1.2051 0.4653 0.1855  0.0112  0.0005  8  G   B N9    
380 C  C8    . G   B 8  ? 0.3529 1.2076 0.4688 0.1881  0.0161  0.0015  8  G   B C8    
381 N  N7    . G   B 8  ? 0.3576 1.2033 0.4772 0.1969  0.0212  0.0071  8  G   B N7    
382 C  C5    . G   B 8  ? 0.3578 1.1978 0.4791 0.2003  0.0194  0.0096  8  G   B C5    
383 C  C6    . G   B 8  ? 0.3768 1.2063 0.5013 0.2096  0.0229  0.0154  8  G   B C6    
384 O  O6    . G   B 8  ? 0.3683 1.1909 0.4945 0.2174  0.0287  0.0198  8  G   B O6    
385 N  N1    . G   B 8  ? 0.3611 1.1882 0.4867 0.2097  0.0190  0.0160  8  G   B N1    
386 C  C2    . G   B 8  ? 0.3558 1.1892 0.4796 0.2018  0.0129  0.0120  8  G   B C2    
387 N  N2    . G   B 8  ? 0.3554 1.1848 0.4810 0.2031  0.0101  0.0139  8  G   B N2    
388 N  N3    . G   B 8  ? 0.3519 1.1945 0.4720 0.1934  0.0099  0.0068  8  G   B N3    
389 C  C4    . G   B 8  ? 0.3531 1.1987 0.4720 0.1931  0.0133  0.0057  8  G   B C4    
390 P  P     . G   B 9  ? 0.3509 1.1587 0.4166 0.1915  0.0076  -0.0445 9  G   B P     
391 O  OP1   . G   B 9  ? 0.3517 1.1499 0.4043 0.1884  0.0050  -0.0547 9  G   B OP1   
392 O  OP2   . G   B 9  ? 0.3553 1.1549 0.4202 0.1979  0.0135  -0.0441 9  G   B OP2   
393 O  "O5'" . G   B 9  ? 0.3486 1.1554 0.4228 0.1978  0.0063  -0.0390 9  G   B "O5'" 
394 C  "C5'" . G   B 9  ? 0.3452 1.1562 0.4209 0.1937  0.0012  -0.0385 9  G   B "C5'" 
395 C  "C4'" . G   B 9  ? 0.3468 1.1497 0.4281 0.1995  0.0005  -0.0329 9  G   B "C4'" 
396 O  "O4'" . G   B 9  ? 0.3479 1.1593 0.4398 0.1989  0.0023  -0.0220 9  G   B "O4'" 
397 C  "C3'" . G   B 9  ? 0.3515 1.1334 0.4272 0.2109  0.0031  -0.0375 9  G   B "C3'" 
398 O  "O3'" . G   B 9  ? 0.3509 1.1218 0.4189 0.2129  0.0005  -0.0459 9  G   B "O3'" 
399 C  "C2'" . G   B 9  ? 0.3539 1.1340 0.4382 0.2153  0.0035  -0.0284 9  G   B "C2'" 
400 O  "O2'" . G   B 9  ? 0.3515 1.1321 0.4391 0.2132  -0.0012 -0.0265 9  G   B "O2'" 
401 C  "C1'" . G   B 9  ? 0.3523 1.1503 0.4459 0.2086  0.0047  -0.0191 9  G   B "C1'" 
402 N  N9    . G   B 9  ? 0.3566 1.1520 0.4512 0.2137  0.0104  -0.0165 9  G   B N9    
403 C  C8    . G   B 9  ? 0.3564 1.1584 0.4493 0.2104  0.0130  -0.0180 9  G   B C8    
404 N  N7    . G   B 9  ? 0.3614 1.1583 0.4558 0.2166  0.0184  -0.0141 9  G   B N7    
405 C  C5    . G   B 9  ? 0.3655 1.1515 0.4620 0.2249  0.0194  -0.0101 9  G   B C5    
406 C  C6    . G   B 9  ? 0.3728 1.1489 0.4706 0.2345  0.0247  -0.0048 9  G   B C6    
407 O  O6    . G   B 9  ? 0.3769 1.1516 0.4749 0.2378  0.0301  -0.0021 9  G   B O6    
408 N  N1    . G   B 9  ? 0.3757 1.1425 0.4747 0.2411  0.0235  -0.0023 9  G   B N1    
409 C  C2    . G   B 9  ? 0.3717 1.1390 0.4714 0.2382  0.0178  -0.0042 9  G   B C2    
410 N  N2    . G   B 9  ? 0.3757 1.1333 0.4769 0.2456  0.0173  -0.0011 9  G   B N2    
411 N  N3    . G   B 9  ? 0.3649 1.1413 0.4637 0.2291  0.0131  -0.0087 9  G   B N3    
412 C  C4    . G   B 9  ? 0.3624 1.1476 0.4592 0.2231  0.0142  -0.0115 9  G   B C4    
413 P  P     . C   B 10 ? 0.3558 1.1059 0.4124 0.2217  0.0031  -0.0555 10 C   B P     
414 O  OP1   . C   B 10 ? 0.3540 1.0970 0.4050 0.2214  -0.0008 -0.0626 10 C   B OP1   
415 O  OP2   . C   B 10 ? 0.3751 1.1263 0.4266 0.2207  0.0076  -0.0585 10 C   B OP2   
416 O  "O5'" . C   B 10 ? 0.3618 1.0979 0.4207 0.2321  0.0046  -0.0513 10 C   B "O5'" 
417 C  "C5'" . C   B 10 ? 0.3618 1.0935 0.4253 0.2349  0.0008  -0.0481 10 C   B "C5'" 
418 C  "C4'" . C   B 10 ? 0.3690 1.0874 0.4331 0.2454  0.0030  -0.0444 10 C   B "C4'" 
419 O  "O4'" . C   B 10 ? 0.3700 1.0989 0.4416 0.2445  0.0069  -0.0353 10 C   B "O4'" 
420 C  "C3'" . C   B 10 ? 0.3768 1.0749 0.4296 0.2548  0.0063  -0.0514 10 C   B "C3'" 
421 O  "O3'" . C   B 10 ? 0.3789 1.0613 0.4248 0.2593  0.0025  -0.0589 10 C   B "O3'" 
422 C  "C2'" . C   B 10 ? 0.3840 1.0764 0.4396 0.2629  0.0101  -0.0442 10 C   B "C2'" 
423 O  "O2'" . C   B 10 ? 0.3873 1.0704 0.4449 0.2691  0.0067  -0.0418 10 C   B "O2'" 
424 C  "C1'" . C   B 10 ? 0.3786 1.0931 0.4459 0.2548  0.0115  -0.0345 10 C   B "C1'" 
425 N  N1    . C   B 10 ? 0.3799 1.1000 0.4463 0.2531  0.0170  -0.0332 10 C   B N1    
426 C  C2    . C   B 10 ? 0.3878 1.1003 0.4542 0.2611  0.0225  -0.0280 10 C   B C2    
427 O  O2    . C   B 10 ? 0.3939 1.0950 0.4600 0.2696  0.0227  -0.0252 10 C   B O2    
428 N  N3    . C   B 10 ? 0.3892 1.1066 0.4557 0.2595  0.0276  -0.0261 10 C   B N3    
429 C  C4    . C   B 10 ? 0.3831 1.1126 0.4495 0.2503  0.0268  -0.0296 10 C   B C4    
430 N  N4    . C   B 10 ? 0.3848 1.1192 0.4521 0.2488  0.0316  -0.0271 10 C   B N4    
431 C  C5    . C   B 10 ? 0.3755 1.1127 0.4410 0.2423  0.0212  -0.0354 10 C   B C5    
432 C  C6    . C   B 10 ? 0.3741 1.1062 0.4399 0.2441  0.0166  -0.0368 10 C   B C6    
# 
